data_5A04
#
_entry.id   5A04
#
_cell.length_a   101.154
_cell.length_b   153.516
_cell.length_c   108.145
_cell.angle_alpha   90.00
_cell.angle_beta   109.35
_cell.angle_gamma   90.00
#
_symmetry.space_group_name_H-M   'P 1 21 1'
#
loop_
_entity.id
_entity.type
_entity.pdbx_description
1 polymer 'ALDOSE-ALDOSE OXIDOREDUCTASE'
2 non-polymer 'NADPH DIHYDRO-NICOTINAMIDE-ADENINE-DINUCLEOTIDE PHOSPHATE'
3 non-polymer beta-D-glucopyranose
4 non-polymer '1,4-DIETHYLENE DIOXIDE'
5 non-polymer 'SULFATE ION'
6 water water
#
_entity_poly.entity_id   1
_entity_poly.type   'polypeptide(L)'
_entity_poly.pdbx_seq_one_letter_code
;AQPGRKLGYAILGLGYYATRIIMPRFAECEHSRLAALVSGTPEKLKTYGEQYGIPETHRYSYETFDRIIDNPDVDIVYVI
TPNSLHRPFTERAARAGKHVMCEKPMANTVADCEAMIAACKKAGRKLMIGYRSRFQAHNIEAIKLVRDGALGPVRTVVTD
HGFTIGDPKQWRLNRALAGGGSLMDIGIYSLNAARYLTGEEPVAVNAVESTDRSDPRFGEVEDIINFQLLFPSGATANCV
SAYSVNCNRYRVSGPKGWVEIDPATSYQGQAMRAQLGGPPAPREPAPQPKNQFSAQLDHLSECILTGREPIVGGDDGLKD
LRVIEAIYRAAREGRTVKL
;
_entity_poly.pdbx_strand_id   A,B,C,D,E,F
#
# COMPACT_ATOMS: atom_id res chain seq x y z
N ARG A 5 3.48 34.65 -18.72
CA ARG A 5 4.31 34.43 -19.90
C ARG A 5 4.69 32.96 -20.03
N LYS A 6 4.40 32.36 -21.17
CA LYS A 6 4.83 30.99 -21.45
C LYS A 6 5.75 30.94 -22.67
N LEU A 7 6.89 30.30 -22.52
CA LEU A 7 7.79 30.12 -23.65
C LEU A 7 7.38 28.89 -24.43
N GLY A 8 7.58 28.92 -25.75
CA GLY A 8 7.12 27.85 -26.61
C GLY A 8 8.18 26.77 -26.86
N TYR A 9 7.81 25.53 -26.62
CA TYR A 9 8.69 24.37 -26.89
C TYR A 9 8.41 23.73 -28.24
N ALA A 10 9.47 23.45 -29.01
CA ALA A 10 9.40 22.47 -30.08
C ALA A 10 9.95 21.16 -29.55
N ILE A 11 9.15 20.10 -29.62
CA ILE A 11 9.62 18.77 -29.21
C ILE A 11 10.17 18.06 -30.44
N LEU A 12 11.43 17.63 -30.35
CA LEU A 12 12.11 17.05 -31.50
C LEU A 12 12.47 15.60 -31.20
N GLY A 13 11.91 14.68 -32.00
CA GLY A 13 12.09 13.24 -31.80
C GLY A 13 10.91 12.66 -31.04
N LEU A 14 9.87 12.27 -31.77
CA LEU A 14 8.60 11.89 -31.12
C LEU A 14 8.57 10.39 -30.79
N GLY A 15 9.48 9.99 -29.91
CA GLY A 15 9.56 8.62 -29.44
C GLY A 15 8.88 8.44 -28.10
N TYR A 16 9.23 7.38 -27.38
CA TYR A 16 8.58 7.05 -26.12
C TYR A 16 8.65 8.17 -25.10
N TYR A 17 9.84 8.66 -24.80
CA TYR A 17 9.95 9.65 -23.72
C TYR A 17 9.23 10.94 -24.10
N ALA A 18 9.40 11.36 -25.34
CA ALA A 18 8.75 12.58 -25.82
C ALA A 18 7.23 12.47 -25.71
N THR A 19 6.66 11.39 -26.22
CA THR A 19 5.20 11.32 -26.38
C THR A 19 4.47 10.79 -25.16
N ARG A 20 5.04 9.82 -24.47
CA ARG A 20 4.40 9.22 -23.30
C ARG A 20 4.66 9.99 -22.03
N ILE A 21 5.85 10.58 -21.91
CA ILE A 21 6.23 11.18 -20.63
C ILE A 21 6.25 12.71 -20.67
N ILE A 22 6.99 13.31 -21.59
CA ILE A 22 7.13 14.76 -21.58
C ILE A 22 5.88 15.53 -22.07
N MET A 23 5.38 15.19 -23.26
CA MET A 23 4.35 16.04 -23.85
C MET A 23 3.07 16.17 -23.01
N PRO A 24 2.62 15.09 -22.34
CA PRO A 24 1.44 15.29 -21.48
C PRO A 24 1.68 16.23 -20.31
N ARG A 25 2.95 16.41 -19.91
CA ARG A 25 3.24 17.19 -18.71
C ARG A 25 3.33 18.70 -18.94
N PHE A 26 3.10 19.17 -20.17
CA PHE A 26 2.90 20.60 -20.32
C PHE A 26 1.63 21.05 -19.58
N ALA A 27 0.75 20.10 -19.28
CA ALA A 27 -0.50 20.41 -18.59
C ALA A 27 -0.28 21.15 -17.27
N GLU A 28 0.76 20.78 -16.53
CA GLU A 28 1.03 21.38 -15.23
C GLU A 28 2.07 22.51 -15.26
N CYS A 29 2.56 22.87 -16.44
CA CYS A 29 3.53 23.98 -16.54
C CYS A 29 2.88 25.34 -16.36
N GLU A 30 3.66 26.26 -15.80
CA GLU A 30 3.19 27.63 -15.62
C GLU A 30 3.89 28.61 -16.55
N HIS A 31 5.03 28.21 -17.12
CA HIS A 31 5.81 29.13 -17.93
C HIS A 31 6.25 28.53 -19.25
N SER A 32 5.63 27.41 -19.62
CA SER A 32 5.98 26.67 -20.83
C SER A 32 4.74 26.20 -21.55
N ARG A 33 4.80 26.19 -22.88
CA ARG A 33 3.71 25.62 -23.67
C ARG A 33 4.28 24.85 -24.84
N LEU A 34 3.54 23.85 -25.29
CA LEU A 34 3.91 23.10 -26.47
C LEU A 34 3.55 23.91 -27.72
N ALA A 35 4.55 24.23 -28.55
CA ALA A 35 4.34 25.14 -29.67
C ALA A 35 4.58 24.48 -31.03
N ALA A 36 5.42 23.45 -31.07
CA ALA A 36 5.78 22.85 -32.35
C ALA A 36 6.25 21.41 -32.20
N LEU A 37 6.21 20.68 -33.30
CA LEU A 37 6.65 19.29 -33.34
C LEU A 37 7.66 19.10 -34.46
N VAL A 38 8.72 18.33 -34.17
CA VAL A 38 9.73 18.00 -35.17
C VAL A 38 9.94 16.50 -35.18
N SER A 39 9.73 15.87 -36.34
CA SER A 39 9.71 14.42 -36.44
C SER A 39 10.18 13.93 -37.80
N GLY A 40 10.84 12.76 -37.81
CA GLY A 40 11.19 12.08 -39.05
C GLY A 40 10.09 11.15 -39.54
N THR A 41 8.97 11.14 -38.84
CA THR A 41 7.84 10.27 -39.19
C THR A 41 6.59 11.10 -39.45
N PRO A 42 6.24 11.28 -40.74
CA PRO A 42 5.13 12.17 -41.08
C PRO A 42 3.82 11.82 -40.35
N GLU A 43 3.56 10.53 -40.15
CA GLU A 43 2.33 10.11 -39.49
C GLU A 43 2.27 10.59 -38.05
N LYS A 44 3.43 10.69 -37.40
CA LYS A 44 3.49 11.19 -36.03
C LYS A 44 3.14 12.68 -35.95
N LEU A 45 3.58 13.43 -36.94
CA LEU A 45 3.26 14.85 -36.98
C LEU A 45 1.74 15.04 -37.10
N LYS A 46 1.10 14.18 -37.87
CA LYS A 46 -0.34 14.24 -38.03
C LYS A 46 -1.02 13.86 -36.72
N THR A 47 -0.64 12.69 -36.20
CA THR A 47 -1.24 12.13 -35.00
C THR A 47 -1.13 13.07 -33.80
N TYR A 48 0.08 13.52 -33.50
CA TYR A 48 0.28 14.35 -32.32
C TYR A 48 -0.06 15.80 -32.59
N GLY A 49 0.07 16.22 -33.84
CA GLY A 49 -0.33 17.56 -34.21
C GLY A 49 -1.82 17.74 -33.98
N GLU A 50 -2.58 16.73 -34.36
CA GLU A 50 -4.03 16.77 -34.17
C GLU A 50 -4.41 16.67 -32.69
N GLN A 51 -3.79 15.75 -31.96
CA GLN A 51 -4.07 15.61 -30.54
C GLN A 51 -3.78 16.89 -29.75
N TYR A 52 -2.66 17.54 -30.05
CA TYR A 52 -2.23 18.68 -29.23
C TYR A 52 -2.56 20.05 -29.82
N GLY A 53 -3.25 20.06 -30.96
CA GLY A 53 -3.68 21.33 -31.54
C GLY A 53 -2.52 22.14 -32.10
N ILE A 54 -1.56 21.43 -32.68
CA ILE A 54 -0.39 22.06 -33.31
C ILE A 54 -0.65 22.20 -34.80
N PRO A 55 -0.78 23.45 -35.29
CA PRO A 55 -1.10 23.64 -36.71
C PRO A 55 0.01 23.13 -37.62
N GLU A 56 -0.33 22.82 -38.87
CA GLU A 56 0.64 22.31 -39.84
C GLU A 56 1.83 23.24 -40.05
N THR A 57 1.62 24.53 -39.88
CA THR A 57 2.69 25.52 -39.96
C THR A 57 3.75 25.32 -38.88
N HIS A 58 3.39 24.59 -37.82
CA HIS A 58 4.29 24.38 -36.68
C HIS A 58 4.74 22.93 -36.58
N ARG A 59 4.62 22.21 -37.70
CA ARG A 59 5.08 20.82 -37.79
C ARG A 59 6.25 20.76 -38.75
N TYR A 60 7.36 20.15 -38.32
CA TYR A 60 8.58 20.11 -39.13
C TYR A 60 9.08 18.68 -39.28
N SER A 61 9.63 18.37 -40.45
CA SER A 61 10.42 17.15 -40.61
C SER A 61 11.86 17.46 -40.22
N TYR A 62 12.72 16.44 -40.17
CA TYR A 62 14.14 16.75 -39.95
C TYR A 62 14.72 17.49 -41.16
N GLU A 63 14.12 17.33 -42.33
CA GLU A 63 14.59 18.02 -43.53
CA GLU A 63 14.58 18.02 -43.53
C GLU A 63 14.22 19.50 -43.51
N THR A 64 13.10 19.85 -42.88
CA THR A 64 12.67 21.25 -42.87
C THR A 64 12.94 21.94 -41.53
N PHE A 65 13.54 21.23 -40.58
CA PHE A 65 13.73 21.74 -39.22
C PHE A 65 14.41 23.11 -39.16
N ASP A 66 15.39 23.37 -40.04
CA ASP A 66 16.12 24.63 -39.91
C ASP A 66 15.24 25.86 -40.18
N ARG A 67 14.11 25.64 -40.85
CA ARG A 67 13.16 26.73 -41.10
C ARG A 67 12.52 27.27 -39.83
N ILE A 68 12.69 26.54 -38.73
CA ILE A 68 12.11 26.94 -37.45
C ILE A 68 12.68 28.27 -36.95
N ILE A 69 13.81 28.70 -37.53
CA ILE A 69 14.37 30.01 -37.23
C ILE A 69 13.36 31.14 -37.47
N ASP A 70 12.42 30.89 -38.37
CA ASP A 70 11.44 31.91 -38.76
C ASP A 70 10.13 31.76 -38.00
N ASN A 71 10.12 30.91 -36.98
CA ASN A 71 8.91 30.70 -36.20
C ASN A 71 9.07 31.33 -34.81
N PRO A 72 8.43 32.49 -34.61
CA PRO A 72 8.60 33.22 -33.35
C PRO A 72 7.85 32.57 -32.17
N ASP A 73 6.98 31.61 -32.44
CA ASP A 73 6.28 30.90 -31.38
C ASP A 73 7.17 29.87 -30.70
N VAL A 74 8.32 29.59 -31.31
CA VAL A 74 9.25 28.61 -30.74
C VAL A 74 10.43 29.31 -30.09
N ASP A 75 10.54 29.15 -28.78
CA ASP A 75 11.68 29.69 -28.04
C ASP A 75 12.74 28.63 -27.74
N ILE A 76 12.28 27.39 -27.54
CA ILE A 76 13.12 26.29 -27.07
C ILE A 76 12.91 25.07 -27.92
N VAL A 77 14.00 24.37 -28.26
CA VAL A 77 13.91 23.06 -28.87
C VAL A 77 14.34 22.01 -27.85
N TYR A 78 13.52 20.99 -27.65
CA TYR A 78 13.83 19.90 -26.72
C TYR A 78 14.19 18.70 -27.57
N VAL A 79 15.47 18.34 -27.55
CA VAL A 79 15.99 17.23 -28.33
C VAL A 79 15.89 15.91 -27.57
N ILE A 80 15.07 14.99 -28.09
CA ILE A 80 14.76 13.73 -27.42
C ILE A 80 14.96 12.58 -28.41
N THR A 81 16.16 12.53 -28.98
CA THR A 81 16.55 11.55 -29.97
C THR A 81 17.55 10.55 -29.40
N PRO A 82 17.91 9.49 -30.17
CA PRO A 82 19.07 8.69 -29.76
C PRO A 82 20.29 9.56 -29.48
N ASN A 83 21.17 9.06 -28.62
CA ASN A 83 22.26 9.84 -28.05
C ASN A 83 23.18 10.45 -29.10
N SER A 84 23.52 9.68 -30.12
CA SER A 84 24.43 10.19 -31.14
C SER A 84 23.87 11.35 -31.98
N LEU A 85 22.56 11.57 -31.91
CA LEU A 85 21.93 12.67 -32.64
C LEU A 85 21.77 13.95 -31.80
N HIS A 86 22.10 13.88 -30.50
CA HIS A 86 21.96 15.05 -29.64
C HIS A 86 22.79 16.22 -30.15
N ARG A 87 24.04 15.95 -30.53
CA ARG A 87 24.91 17.03 -30.94
C ARG A 87 24.41 17.74 -32.22
N PRO A 88 24.14 17.00 -33.31
CA PRO A 88 23.76 17.77 -34.51
C PRO A 88 22.43 18.50 -34.37
N PHE A 89 21.45 17.94 -33.68
CA PHE A 89 20.20 18.67 -33.56
C PHE A 89 20.31 19.85 -32.60
N THR A 90 21.15 19.73 -31.58
CA THR A 90 21.40 20.85 -30.68
C THR A 90 22.06 22.01 -31.44
N GLU A 91 23.07 21.68 -32.25
CA GLU A 91 23.76 22.71 -33.03
C GLU A 91 22.82 23.40 -34.01
N ARG A 92 22.00 22.61 -34.70
CA ARG A 92 21.03 23.16 -35.65
C ARG A 92 19.99 24.04 -34.94
N ALA A 93 19.54 23.60 -33.77
CA ALA A 93 18.61 24.41 -32.98
C ALA A 93 19.25 25.74 -32.60
N ALA A 94 20.49 25.69 -32.12
CA ALA A 94 21.20 26.92 -31.76
C ALA A 94 21.38 27.87 -32.96
N ARG A 95 21.75 27.32 -34.12
CA ARG A 95 21.88 28.14 -35.33
C ARG A 95 20.52 28.71 -35.80
N ALA A 96 19.44 28.03 -35.42
CA ALA A 96 18.09 28.55 -35.67
C ALA A 96 17.64 29.57 -34.61
N GLY A 97 18.56 29.94 -33.73
CA GLY A 97 18.30 30.96 -32.73
C GLY A 97 17.45 30.50 -31.55
N LYS A 98 17.44 29.20 -31.31
CA LYS A 98 16.62 28.65 -30.21
C LYS A 98 17.46 28.21 -29.01
N HIS A 99 16.89 28.40 -27.82
CA HIS A 99 17.43 27.79 -26.60
C HIS A 99 17.24 26.30 -26.71
N VAL A 100 18.00 25.51 -25.95
CA VAL A 100 17.95 24.06 -26.13
C VAL A 100 17.83 23.34 -24.79
N MET A 101 16.86 22.43 -24.71
CA MET A 101 16.82 21.39 -23.69
C MET A 101 17.27 20.11 -24.40
N CYS A 102 18.29 19.46 -23.86
CA CYS A 102 18.80 18.24 -24.48
C CYS A 102 18.74 17.08 -23.48
N GLU A 103 18.23 15.94 -23.92
CA GLU A 103 18.15 14.79 -23.02
C GLU A 103 19.54 14.26 -22.65
N LYS A 104 19.61 13.55 -21.54
CA LYS A 104 20.81 12.82 -21.17
C LYS A 104 20.89 11.52 -21.97
N PRO A 105 22.10 10.93 -22.08
CA PRO A 105 23.39 11.57 -21.80
C PRO A 105 23.59 12.70 -22.82
N MET A 106 24.29 13.75 -22.46
CA MET A 106 24.40 14.92 -23.33
C MET A 106 24.86 14.60 -24.75
N ALA A 107 25.94 13.84 -24.88
CA ALA A 107 26.42 13.40 -26.19
C ALA A 107 27.33 12.18 -26.00
N ASN A 108 27.91 11.67 -27.08
CA ASN A 108 28.74 10.46 -26.97
C ASN A 108 30.08 10.69 -26.30
N THR A 109 30.60 11.90 -26.39
CA THR A 109 31.97 12.18 -25.96
C THR A 109 32.12 13.55 -25.32
N VAL A 110 33.23 13.75 -24.63
CA VAL A 110 33.59 15.06 -24.10
C VAL A 110 33.63 16.10 -25.21
N ALA A 111 34.33 15.78 -26.30
CA ALA A 111 34.47 16.70 -27.42
C ALA A 111 33.13 17.14 -27.98
N ASP A 112 32.20 16.21 -28.09
CA ASP A 112 30.88 16.53 -28.63
C ASP A 112 30.13 17.47 -27.69
N CYS A 113 30.21 17.21 -26.39
CA CYS A 113 29.63 18.13 -25.40
C CYS A 113 30.22 19.52 -25.55
N GLU A 114 31.54 19.60 -25.68
CA GLU A 114 32.19 20.89 -25.82
C GLU A 114 31.69 21.64 -27.05
N ALA A 115 31.48 20.91 -28.14
CA ALA A 115 30.99 21.51 -29.37
C ALA A 115 29.58 22.07 -29.19
N MET A 116 28.76 21.33 -28.45
CA MET A 116 27.39 21.76 -28.20
C MET A 116 27.36 23.03 -27.37
N ILE A 117 28.21 23.07 -26.34
CA ILE A 117 28.29 24.22 -25.47
C ILE A 117 28.75 25.44 -26.27
N ALA A 118 29.76 25.24 -27.13
CA ALA A 118 30.27 26.33 -27.96
C ALA A 118 29.22 26.86 -28.93
N ALA A 119 28.39 25.97 -29.47
CA ALA A 119 27.38 26.38 -30.45
C ALA A 119 26.32 27.24 -29.76
N CYS A 120 25.89 26.82 -28.58
CA CYS A 120 24.86 27.56 -27.88
C CYS A 120 25.40 28.91 -27.39
N LYS A 121 26.65 28.92 -26.96
CA LYS A 121 27.31 30.15 -26.55
C LYS A 121 27.42 31.13 -27.71
N LYS A 122 27.84 30.64 -28.87
CA LYS A 122 27.94 31.48 -30.06
C LYS A 122 26.59 32.11 -30.43
N ALA A 123 25.52 31.33 -30.25
CA ALA A 123 24.16 31.78 -30.56
C ALA A 123 23.57 32.69 -29.50
N GLY A 124 24.24 32.77 -28.35
CA GLY A 124 23.72 33.54 -27.23
C GLY A 124 22.42 32.93 -26.72
N ARG A 125 22.38 31.60 -26.68
CA ARG A 125 21.19 30.89 -26.23
C ARG A 125 21.53 29.93 -25.10
N LYS A 126 20.55 29.60 -24.28
CA LYS A 126 20.80 28.75 -23.13
C LYS A 126 20.70 27.28 -23.48
N LEU A 127 21.43 26.47 -22.72
CA LEU A 127 21.48 25.02 -22.91
C LEU A 127 21.28 24.34 -21.57
N MET A 128 20.30 23.43 -21.52
CA MET A 128 20.02 22.70 -20.30
C MET A 128 19.91 21.21 -20.62
N ILE A 129 20.44 20.37 -19.74
CA ILE A 129 20.35 18.93 -19.91
C ILE A 129 19.22 18.37 -19.02
N GLY A 130 18.54 17.36 -19.51
CA GLY A 130 17.33 16.87 -18.87
C GLY A 130 17.55 16.00 -17.64
N TYR A 131 18.22 16.53 -16.64
CA TYR A 131 18.39 15.82 -15.37
C TYR A 131 17.20 16.09 -14.44
N ARG A 132 16.08 15.48 -14.77
CA ARG A 132 14.81 15.74 -14.08
C ARG A 132 14.87 15.46 -12.58
N SER A 133 15.76 14.57 -12.15
CA SER A 133 15.81 14.20 -10.74
C SER A 133 16.14 15.39 -9.84
N ARG A 134 16.78 16.43 -10.40
CA ARG A 134 17.10 17.62 -9.61
C ARG A 134 15.86 18.42 -9.28
N PHE A 135 14.71 18.03 -9.85
CA PHE A 135 13.44 18.71 -9.62
C PHE A 135 12.43 17.82 -8.91
N GLN A 136 12.91 16.66 -8.46
CA GLN A 136 12.04 15.63 -7.90
C GLN A 136 12.10 15.73 -6.37
N ALA A 137 10.93 15.65 -5.73
CA ALA A 137 10.79 16.04 -4.32
C ALA A 137 11.73 15.30 -3.36
N HIS A 138 11.82 13.98 -3.53
CA HIS A 138 12.64 13.18 -2.62
C HIS A 138 14.12 13.46 -2.84
N ASN A 139 14.54 13.60 -4.09
CA ASN A 139 15.93 13.93 -4.38
C ASN A 139 16.32 15.28 -3.79
N ILE A 140 15.45 16.27 -3.96
CA ILE A 140 15.70 17.58 -3.39
C ILE A 140 15.85 17.50 -1.86
N GLU A 141 14.99 16.72 -1.23
CA GLU A 141 15.06 16.50 0.22
C GLU A 141 16.40 15.86 0.66
N ALA A 142 16.85 14.85 -0.08
CA ALA A 142 18.14 14.20 0.21
C ALA A 142 19.30 15.18 0.10
N ILE A 143 19.33 15.91 -1.01
CA ILE A 143 20.38 16.90 -1.21
C ILE A 143 20.39 17.90 -0.05
N LYS A 144 19.21 18.39 0.34
CA LYS A 144 19.12 19.37 1.43
C LYS A 144 19.61 18.81 2.77
N LEU A 145 19.23 17.56 3.05
CA LEU A 145 19.71 16.90 4.28
C LEU A 145 21.23 16.88 4.33
N VAL A 146 21.85 16.54 3.20
CA VAL A 146 23.31 16.49 3.15
C VAL A 146 23.89 17.87 3.40
N ARG A 147 23.35 18.87 2.71
CA ARG A 147 23.89 20.22 2.77
C ARG A 147 23.70 20.86 4.15
N ASP A 148 22.63 20.47 4.82
CA ASP A 148 22.33 20.96 6.17
C ASP A 148 23.23 20.32 7.22
N GLY A 149 24.00 19.30 6.83
CA GLY A 149 24.88 18.62 7.75
C GLY A 149 24.22 17.55 8.61
N ALA A 150 23.01 17.12 8.23
CA ALA A 150 22.28 16.12 9.01
C ALA A 150 23.00 14.77 9.08
N LEU A 151 23.87 14.50 8.10
CA LEU A 151 24.59 13.22 8.07
C LEU A 151 26.01 13.37 8.57
N GLY A 152 26.43 14.61 8.76
CA GLY A 152 27.84 14.93 8.92
C GLY A 152 28.47 14.87 7.53
N PRO A 153 29.81 14.87 7.46
CA PRO A 153 30.49 14.79 6.16
C PRO A 153 30.06 13.55 5.41
N VAL A 154 29.80 13.67 4.10
CA VAL A 154 29.48 12.46 3.33
C VAL A 154 30.67 11.51 3.32
N ARG A 155 30.44 10.26 3.70
CA ARG A 155 31.50 9.25 3.64
C ARG A 155 31.26 8.26 2.50
N THR A 156 30.02 7.79 2.35
CA THR A 156 29.72 6.85 1.28
C THR A 156 28.44 7.20 0.52
N VAL A 157 28.47 6.94 -0.78
CA VAL A 157 27.27 6.94 -1.61
C VAL A 157 27.23 5.59 -2.28
N VAL A 158 26.16 4.83 -2.06
CA VAL A 158 26.02 3.55 -2.73
C VAL A 158 24.77 3.63 -3.60
N THR A 159 24.96 3.55 -4.91
CA THR A 159 23.85 3.79 -5.82
C THR A 159 23.88 2.82 -7.00
N ASP A 160 22.71 2.25 -7.28
CA ASP A 160 22.55 1.21 -8.29
C ASP A 160 21.47 1.64 -9.27
N HIS A 161 21.80 1.63 -10.56
CA HIS A 161 20.80 1.89 -11.60
C HIS A 161 20.94 0.89 -12.73
N GLY A 162 19.82 0.27 -13.10
CA GLY A 162 19.83 -0.69 -14.17
C GLY A 162 18.42 -1.14 -14.50
N PHE A 163 18.23 -1.66 -15.69
CA PHE A 163 16.98 -2.35 -16.01
C PHE A 163 17.28 -3.48 -16.97
N THR A 164 16.38 -4.44 -17.05
CA THR A 164 16.59 -5.57 -17.93
C THR A 164 16.14 -5.20 -19.32
N ILE A 165 17.09 -4.78 -20.16
CA ILE A 165 16.74 -4.29 -21.48
C ILE A 165 16.30 -5.45 -22.38
N GLY A 166 15.43 -5.16 -23.34
CA GLY A 166 14.81 -6.22 -24.12
C GLY A 166 15.28 -6.40 -25.55
N ASP A 167 14.58 -5.77 -26.49
CA ASP A 167 14.79 -5.98 -27.93
C ASP A 167 16.23 -5.66 -28.36
N PRO A 168 16.97 -6.68 -28.84
CA PRO A 168 18.36 -6.48 -29.25
C PRO A 168 18.53 -5.49 -30.42
N LYS A 169 17.46 -5.21 -31.15
CA LYS A 169 17.54 -4.36 -32.35
C LYS A 169 17.39 -2.87 -32.06
N GLN A 170 17.10 -2.52 -30.81
CA GLN A 170 16.80 -1.13 -30.49
C GLN A 170 18.07 -0.26 -30.48
N TRP A 171 17.90 1.04 -30.64
CA TRP A 171 19.07 1.91 -30.81
C TRP A 171 19.98 1.93 -29.58
N ARG A 172 19.43 1.69 -28.38
CA ARG A 172 20.29 1.67 -27.18
C ARG A 172 21.38 0.59 -27.24
N LEU A 173 21.17 -0.44 -28.05
CA LEU A 173 22.13 -1.55 -28.12
C LEU A 173 22.98 -1.49 -29.38
N ASN A 174 22.86 -0.35 -30.07
CA ASN A 174 23.63 -0.08 -31.28
C ASN A 174 24.66 1.00 -30.99
N ARG A 175 25.95 0.67 -31.10
CA ARG A 175 26.97 1.61 -30.65
C ARG A 175 26.93 2.92 -31.44
N ALA A 176 26.66 2.83 -32.75
CA ALA A 176 26.66 4.06 -33.56
C ALA A 176 25.60 5.08 -33.10
N LEU A 177 24.48 4.61 -32.56
CA LEU A 177 23.40 5.51 -32.18
C LEU A 177 23.39 5.81 -30.68
N ALA A 178 23.92 4.88 -29.88
CA ALA A 178 23.86 5.01 -28.42
C ALA A 178 25.13 5.59 -27.81
N GLY A 179 26.28 5.36 -28.45
CA GLY A 179 27.55 5.84 -27.95
C GLY A 179 28.16 4.96 -26.85
N GLY A 180 27.40 3.98 -26.39
CA GLY A 180 27.85 3.12 -25.31
C GLY A 180 26.64 2.39 -24.77
N GLY A 181 26.87 1.54 -23.76
CA GLY A 181 25.83 0.67 -23.23
C GLY A 181 25.14 1.23 -22.00
N SER A 182 24.98 0.40 -20.97
CA SER A 182 24.22 0.78 -19.78
C SER A 182 24.70 2.08 -19.13
N LEU A 183 26.01 2.35 -19.16
CA LEU A 183 26.51 3.56 -18.50
C LEU A 183 25.97 4.81 -19.16
N MET A 184 25.83 4.78 -20.49
CA MET A 184 25.35 5.95 -21.21
C MET A 184 23.87 6.18 -20.89
N ASP A 185 23.12 5.11 -20.67
CA ASP A 185 21.67 5.21 -20.58
C ASP A 185 21.12 5.33 -19.17
N ILE A 186 21.60 4.47 -18.29
CA ILE A 186 20.97 4.33 -16.98
C ILE A 186 22.00 4.49 -15.87
N GLY A 187 23.22 4.00 -16.12
CA GLY A 187 24.30 4.16 -15.15
C GLY A 187 24.64 5.61 -14.90
N ILE A 188 24.39 6.45 -15.90
CA ILE A 188 24.60 7.88 -15.73
C ILE A 188 23.80 8.44 -14.54
N TYR A 189 22.66 7.83 -14.19
CA TYR A 189 21.94 8.30 -12.99
C TYR A 189 22.72 8.05 -11.71
N SER A 190 23.46 6.95 -11.65
CA SER A 190 24.30 6.67 -10.47
C SER A 190 25.40 7.72 -10.35
N LEU A 191 26.05 8.00 -11.48
CA LEU A 191 27.11 9.00 -11.53
C LEU A 191 26.60 10.39 -11.17
N ASN A 192 25.49 10.79 -11.81
CA ASN A 192 24.95 12.12 -11.61
C ASN A 192 24.54 12.29 -10.14
N ALA A 193 23.93 11.26 -9.56
CA ALA A 193 23.54 11.32 -8.15
C ALA A 193 24.76 11.39 -7.22
N ALA A 194 25.79 10.62 -7.49
CA ALA A 194 26.98 10.67 -6.64
C ALA A 194 27.52 12.11 -6.62
N ARG A 195 27.48 12.76 -7.78
CA ARG A 195 27.94 14.14 -7.90
C ARG A 195 27.01 15.13 -7.18
N TYR A 196 25.69 15.01 -7.34
CA TYR A 196 24.85 16.03 -6.70
C TYR A 196 24.63 15.75 -5.21
N LEU A 197 24.81 14.51 -4.77
CA LEU A 197 24.69 14.24 -3.33
C LEU A 197 25.95 14.73 -2.60
N THR A 198 27.13 14.51 -3.18
CA THR A 198 28.36 14.99 -2.54
C THR A 198 28.53 16.49 -2.78
N GLY A 199 27.99 16.95 -3.91
CA GLY A 199 28.26 18.30 -4.38
C GLY A 199 29.71 18.46 -4.82
N GLU A 200 30.33 17.34 -5.15
CA GLU A 200 31.74 17.33 -5.55
C GLU A 200 31.98 16.69 -6.90
N GLU A 201 33.20 16.84 -7.42
CA GLU A 201 33.61 16.14 -8.64
C GLU A 201 34.70 15.14 -8.30
N PRO A 202 34.64 13.93 -8.90
CA PRO A 202 35.57 12.87 -8.50
C PRO A 202 37.01 13.14 -8.92
N VAL A 203 37.95 12.63 -8.14
CA VAL A 203 39.37 12.78 -8.51
C VAL A 203 39.99 11.44 -8.85
N ALA A 204 39.26 10.35 -8.64
CA ALA A 204 39.79 9.04 -9.00
C ALA A 204 38.64 8.09 -9.28
N VAL A 205 38.86 7.17 -10.21
CA VAL A 205 37.82 6.29 -10.71
C VAL A 205 38.36 4.87 -10.90
N ASN A 206 37.65 3.88 -10.36
CA ASN A 206 37.84 2.47 -10.69
C ASN A 206 36.62 1.96 -11.42
N ALA A 207 36.78 0.90 -12.21
CA ALA A 207 35.62 0.26 -12.82
C ALA A 207 35.90 -1.19 -13.20
N VAL A 208 34.84 -1.99 -13.18
CA VAL A 208 34.86 -3.37 -13.66
C VAL A 208 33.69 -3.54 -14.63
N GLU A 209 33.97 -4.12 -15.80
CA GLU A 209 32.92 -4.42 -16.78
C GLU A 209 32.62 -5.91 -16.81
N SER A 210 31.36 -6.25 -16.99
CA SER A 210 30.99 -7.64 -17.17
C SER A 210 29.88 -7.75 -18.20
N THR A 211 30.23 -8.29 -19.36
CA THR A 211 29.27 -8.42 -20.44
C THR A 211 29.40 -9.78 -21.10
N ASP A 212 28.29 -10.49 -21.22
CA ASP A 212 28.27 -11.77 -21.92
C ASP A 212 28.04 -11.51 -23.41
N ARG A 213 29.11 -11.66 -24.19
CA ARG A 213 29.06 -11.31 -25.60
C ARG A 213 28.33 -12.36 -26.43
N SER A 214 27.93 -13.46 -25.79
CA SER A 214 27.09 -14.45 -26.47
C SER A 214 25.62 -14.08 -26.37
N ASP A 215 25.31 -13.10 -25.53
CA ASP A 215 23.96 -12.56 -25.42
C ASP A 215 23.67 -11.73 -26.67
N PRO A 216 22.56 -12.01 -27.35
CA PRO A 216 22.22 -11.28 -28.57
C PRO A 216 22.05 -9.77 -28.36
N ARG A 217 21.85 -9.35 -27.11
CA ARG A 217 21.70 -7.93 -26.81
C ARG A 217 23.02 -7.18 -26.82
N PHE A 218 24.11 -7.90 -26.59
CA PHE A 218 25.35 -7.22 -26.18
C PHE A 218 26.54 -7.49 -27.11
N GLY A 219 26.29 -7.47 -28.42
CA GLY A 219 27.36 -7.61 -29.39
C GLY A 219 28.17 -6.34 -29.51
N GLU A 220 27.57 -5.20 -29.17
CA GLU A 220 28.24 -3.91 -29.44
C GLU A 220 28.50 -3.05 -28.22
N VAL A 221 27.63 -3.10 -27.23
CA VAL A 221 27.79 -2.22 -26.06
C VAL A 221 27.79 -3.02 -24.76
N GLU A 222 28.14 -2.38 -23.65
CA GLU A 222 28.34 -3.11 -22.40
C GLU A 222 27.05 -3.32 -21.63
N ASP A 223 27.03 -4.41 -20.87
CA ASP A 223 25.90 -4.73 -20.00
C ASP A 223 26.17 -4.13 -18.62
N ILE A 224 27.02 -4.76 -17.84
CA ILE A 224 27.37 -4.24 -16.51
C ILE A 224 28.68 -3.47 -16.54
N ILE A 225 28.68 -2.26 -15.99
CA ILE A 225 29.95 -1.61 -15.70
C ILE A 225 29.79 -0.85 -14.38
N ASN A 226 30.38 -1.43 -13.33
CA ASN A 226 30.29 -0.88 -11.99
C ASN A 226 31.50 -0.04 -11.73
N PHE A 227 31.35 1.03 -10.98
CA PHE A 227 32.48 1.94 -10.80
C PHE A 227 32.55 2.49 -9.40
N GLN A 228 33.76 2.89 -9.03
CA GLN A 228 34.02 3.52 -7.73
C GLN A 228 34.51 4.92 -7.99
N LEU A 229 34.08 5.87 -7.17
CA LEU A 229 34.54 7.24 -7.23
C LEU A 229 35.13 7.67 -5.90
N LEU A 230 36.24 8.41 -5.96
CA LEU A 230 36.77 9.09 -4.78
C LEU A 230 36.68 10.59 -5.00
N PHE A 231 36.28 11.33 -3.96
CA PHE A 231 36.12 12.79 -4.06
C PHE A 231 37.16 13.50 -3.18
N PRO A 232 37.42 14.79 -3.45
CA PRO A 232 38.46 15.51 -2.68
C PRO A 232 38.24 15.51 -1.17
N SER A 233 36.99 15.54 -0.72
CA SER A 233 36.69 15.57 0.70
C SER A 233 37.00 14.24 1.39
N GLY A 234 37.22 13.21 0.59
CA GLY A 234 37.38 11.87 1.10
C GLY A 234 36.12 11.03 0.95
N ALA A 235 35.01 11.66 0.55
CA ALA A 235 33.78 10.91 0.23
C ALA A 235 34.06 9.86 -0.86
N THR A 236 33.35 8.74 -0.76
CA THR A 236 33.50 7.64 -1.72
C THR A 236 32.14 7.28 -2.32
N ALA A 237 32.14 6.70 -3.52
CA ALA A 237 30.90 6.15 -4.06
C ALA A 237 31.15 4.81 -4.72
N ASN A 238 30.24 3.87 -4.47
CA ASN A 238 30.17 2.58 -5.16
C ASN A 238 28.93 2.60 -6.03
N CYS A 239 29.11 2.41 -7.33
CA CYS A 239 28.03 2.58 -8.30
C CYS A 239 27.82 1.36 -9.18
N VAL A 240 26.56 0.97 -9.36
CA VAL A 240 26.22 -0.06 -10.33
C VAL A 240 25.54 0.55 -11.56
N SER A 241 25.94 0.07 -12.74
CA SER A 241 25.27 0.37 -14.02
C SER A 241 25.02 -0.95 -14.72
N ALA A 242 23.77 -1.26 -15.08
CA ALA A 242 23.49 -2.59 -15.61
C ALA A 242 22.33 -2.61 -16.62
N TYR A 243 22.41 -3.53 -17.56
CA TYR A 243 21.35 -3.77 -18.52
C TYR A 243 20.72 -5.17 -18.33
N SER A 244 21.14 -5.87 -17.26
CA SER A 244 20.64 -7.24 -17.04
C SER A 244 20.03 -7.44 -15.65
N VAL A 245 19.91 -6.38 -14.86
CA VAL A 245 19.15 -6.44 -13.61
C VAL A 245 18.34 -5.17 -13.44
N ASN A 246 17.32 -5.21 -12.59
CA ASN A 246 16.57 -4.01 -12.26
C ASN A 246 16.95 -3.44 -10.91
N CYS A 247 17.35 -2.17 -10.90
CA CYS A 247 17.66 -1.47 -9.67
C CYS A 247 17.56 0.01 -9.89
N ASN A 248 17.22 0.73 -8.84
CA ASN A 248 17.10 2.16 -8.95
C ASN A 248 17.08 2.74 -7.56
N ARG A 249 18.24 3.14 -7.07
CA ARG A 249 18.31 3.51 -5.66
C ARG A 249 19.60 4.22 -5.33
N TYR A 250 19.57 4.95 -4.23
CA TYR A 250 20.82 5.34 -3.61
C TYR A 250 20.69 5.50 -2.11
N ARG A 251 21.81 5.28 -1.41
CA ARG A 251 21.91 5.62 0.00
C ARG A 251 23.16 6.48 0.18
N VAL A 252 23.02 7.62 0.85
CA VAL A 252 24.17 8.45 1.19
C VAL A 252 24.32 8.40 2.72
N SER A 253 25.54 8.16 3.19
CA SER A 253 25.80 7.97 4.61
C SER A 253 26.98 8.81 5.11
N GLY A 254 26.85 9.28 6.35
CA GLY A 254 27.92 9.96 7.04
C GLY A 254 27.93 9.48 8.50
N PRO A 255 28.80 10.06 9.33
CA PRO A 255 28.96 9.60 10.72
C PRO A 255 27.70 9.78 11.55
N LYS A 256 26.85 10.73 11.19
CA LYS A 256 25.64 10.98 11.97
C LYS A 256 24.41 10.20 11.51
N GLY A 257 24.49 9.57 10.34
CA GLY A 257 23.37 8.80 9.84
C GLY A 257 23.33 8.73 8.32
N TRP A 258 22.18 8.32 7.79
CA TRP A 258 22.10 8.10 6.35
C TRP A 258 20.68 8.33 5.83
N VAL A 259 20.58 8.54 4.53
CA VAL A 259 19.27 8.65 3.89
C VAL A 259 19.31 7.91 2.57
N GLU A 260 18.22 7.22 2.25
CA GLU A 260 18.17 6.49 0.99
C GLU A 260 16.83 6.70 0.31
N ILE A 261 16.82 6.51 -1.00
CA ILE A 261 15.59 6.55 -1.80
C ILE A 261 15.59 5.31 -2.68
N ASP A 262 14.47 4.60 -2.70
CA ASP A 262 14.32 3.39 -3.50
C ASP A 262 12.85 3.14 -3.78
N PRO A 263 12.40 3.36 -5.03
CA PRO A 263 13.17 3.82 -6.19
C PRO A 263 13.59 5.29 -6.06
N ALA A 264 14.71 5.66 -6.65
CA ALA A 264 15.25 7.01 -6.47
C ALA A 264 14.95 7.95 -7.65
N THR A 265 15.08 7.45 -8.87
CA THR A 265 15.06 8.36 -10.04
C THR A 265 14.06 7.88 -11.08
N SER A 266 13.05 7.16 -10.59
CA SER A 266 11.97 6.67 -11.44
C SER A 266 11.01 7.81 -11.79
N TYR A 267 10.08 7.55 -12.71
CA TYR A 267 9.11 8.58 -13.11
C TYR A 267 8.18 8.94 -11.96
N GLN A 268 7.84 7.93 -11.15
CA GLN A 268 7.07 8.13 -9.94
C GLN A 268 7.38 7.02 -8.94
N GLY A 269 6.79 7.11 -7.76
CA GLY A 269 6.87 6.01 -6.80
C GLY A 269 8.03 6.06 -5.82
N GLN A 270 8.79 7.17 -5.85
CA GLN A 270 9.88 7.38 -4.89
C GLN A 270 9.47 7.12 -3.44
N ALA A 271 10.34 6.43 -2.70
CA ALA A 271 10.14 6.21 -1.27
C ALA A 271 11.46 6.46 -0.56
N MET A 272 11.45 7.31 0.46
CA MET A 272 12.67 7.66 1.20
C MET A 272 12.64 7.10 2.63
N ARG A 273 13.77 6.58 3.07
CA ARG A 273 13.93 6.14 4.46
C ARG A 273 15.18 6.79 5.01
N ALA A 274 15.17 7.19 6.28
CA ALA A 274 16.36 7.83 6.83
C ALA A 274 16.63 7.36 8.24
N GLN A 275 17.91 7.41 8.62
CA GLN A 275 18.33 7.04 9.97
C GLN A 275 19.17 8.19 10.47
N LEU A 276 18.63 9.01 11.38
CA LEU A 276 19.26 10.29 11.72
C LEU A 276 19.37 10.57 13.22
N GLY A 277 19.84 9.60 13.99
CA GLY A 277 20.02 9.79 15.41
C GLY A 277 18.99 9.01 16.18
N GLY A 278 18.01 8.50 15.45
CA GLY A 278 16.98 7.65 16.03
C GLY A 278 16.96 6.38 15.19
N PRO A 279 15.80 5.72 15.12
CA PRO A 279 15.65 4.50 14.30
C PRO A 279 15.52 4.86 12.82
N PRO A 280 15.69 3.88 11.93
CA PRO A 280 15.41 4.12 10.50
C PRO A 280 13.91 4.27 10.33
N ALA A 281 13.48 5.30 9.62
CA ALA A 281 12.06 5.57 9.49
C ALA A 281 11.76 6.12 8.11
N PRO A 282 10.55 5.87 7.60
CA PRO A 282 10.11 6.54 6.38
C PRO A 282 10.15 8.03 6.57
N ARG A 283 10.50 8.77 5.53
CA ARG A 283 10.51 10.22 5.62
C ARG A 283 9.79 10.80 4.41
N GLU A 284 8.81 11.68 4.67
CA GLU A 284 8.12 12.38 3.59
C GLU A 284 8.82 13.67 3.22
N PRO A 285 9.14 13.86 1.94
CA PRO A 285 9.85 15.08 1.56
C PRO A 285 8.92 16.31 1.59
N ALA A 286 9.49 17.49 1.74
CA ALA A 286 8.70 18.71 1.59
C ALA A 286 8.05 18.70 0.21
N PRO A 287 6.76 19.04 0.16
CA PRO A 287 6.00 19.09 -1.10
C PRO A 287 6.62 20.02 -2.13
N GLN A 288 6.63 19.62 -3.40
CA GLN A 288 7.06 20.50 -4.48
C GLN A 288 5.84 21.07 -5.20
N PRO A 289 5.99 22.24 -5.84
CA PRO A 289 4.84 22.87 -6.51
C PRO A 289 4.29 22.06 -7.67
N LYS A 290 5.13 21.27 -8.32
CA LYS A 290 4.65 20.47 -9.45
C LYS A 290 5.61 19.32 -9.70
N ASN A 291 5.18 18.39 -10.54
CA ASN A 291 5.93 17.17 -10.79
C ASN A 291 7.28 17.46 -11.45
N GLN A 292 8.19 16.49 -11.36
CA GLN A 292 9.56 16.72 -11.85
C GLN A 292 9.65 17.09 -13.33
N PHE A 293 8.71 16.60 -14.16
CA PHE A 293 8.79 16.84 -15.60
C PHE A 293 8.39 18.28 -15.91
N SER A 294 7.22 18.69 -15.43
CA SER A 294 6.77 20.07 -15.60
C SER A 294 7.74 21.05 -14.96
N ALA A 295 8.28 20.68 -13.80
CA ALA A 295 9.28 21.52 -13.14
C ALA A 295 10.54 21.68 -13.99
N GLN A 296 10.96 20.60 -14.63
CA GLN A 296 12.16 20.65 -15.48
C GLN A 296 11.92 21.60 -16.66
N LEU A 297 10.76 21.46 -17.28
CA LEU A 297 10.38 22.30 -18.43
C LEU A 297 10.33 23.76 -18.02
N ASP A 298 9.67 24.04 -16.90
CA ASP A 298 9.53 25.42 -16.44
C ASP A 298 10.86 26.02 -16.00
N HIS A 299 11.79 25.18 -15.52
CA HIS A 299 13.07 25.73 -15.08
C HIS A 299 13.79 26.45 -16.22
N LEU A 300 13.85 25.81 -17.39
CA LEU A 300 14.56 26.43 -18.51
C LEU A 300 13.85 27.72 -18.90
N SER A 301 12.53 27.65 -19.01
CA SER A 301 11.73 28.83 -19.35
C SER A 301 11.97 29.98 -18.38
N GLU A 302 11.95 29.67 -17.09
CA GLU A 302 12.17 30.70 -16.07
C GLU A 302 13.59 31.27 -16.15
N CYS A 303 14.58 30.42 -16.44
CA CYS A 303 15.95 30.90 -16.63
C CYS A 303 16.01 31.90 -17.78
N ILE A 304 15.34 31.59 -18.88
CA ILE A 304 15.31 32.49 -20.02
C ILE A 304 14.61 33.80 -19.67
N LEU A 305 13.46 33.70 -19.00
CA LEU A 305 12.69 34.88 -18.63
C LEU A 305 13.43 35.80 -17.66
N THR A 306 14.32 35.24 -16.84
CA THR A 306 14.98 36.02 -15.79
C THR A 306 16.47 36.26 -16.08
N GLY A 307 16.97 35.69 -17.17
CA GLY A 307 18.38 35.80 -17.50
C GLY A 307 19.31 35.11 -16.51
N ARG A 308 18.94 33.91 -16.09
CA ARG A 308 19.77 33.14 -15.16
C ARG A 308 20.26 31.85 -15.82
N GLU A 309 21.24 31.18 -15.20
CA GLU A 309 21.78 29.95 -15.76
C GLU A 309 21.09 28.73 -15.17
N PRO A 310 20.74 27.76 -16.03
CA PRO A 310 20.10 26.53 -15.53
C PRO A 310 20.97 25.83 -14.48
N ILE A 311 20.34 25.20 -13.50
CA ILE A 311 21.10 24.51 -12.48
C ILE A 311 21.74 23.25 -13.04
N VAL A 312 21.21 22.74 -14.16
CA VAL A 312 21.84 21.62 -14.85
C VAL A 312 22.10 22.02 -16.30
N GLY A 313 23.13 22.85 -16.48
CA GLY A 313 23.47 23.36 -17.79
C GLY A 313 24.34 22.40 -18.57
N GLY A 314 24.74 22.81 -19.77
CA GLY A 314 25.63 21.98 -20.58
C GLY A 314 26.88 21.55 -19.82
N ASP A 315 27.36 22.39 -18.91
CA ASP A 315 28.54 22.04 -18.12
C ASP A 315 28.31 20.82 -17.22
N ASP A 316 27.09 20.66 -16.70
CA ASP A 316 26.79 19.48 -15.88
C ASP A 316 26.85 18.22 -16.74
N GLY A 317 26.31 18.32 -17.96
CA GLY A 317 26.32 17.19 -18.88
C GLY A 317 27.74 16.84 -19.26
N LEU A 318 28.55 17.88 -19.47
CA LEU A 318 29.96 17.70 -19.82
C LEU A 318 30.73 17.03 -18.69
N LYS A 319 30.47 17.45 -17.46
CA LYS A 319 31.15 16.88 -16.31
C LYS A 319 30.84 15.39 -16.19
N ASP A 320 29.60 15.00 -16.49
CA ASP A 320 29.28 13.58 -16.50
C ASP A 320 30.06 12.84 -17.58
N LEU A 321 30.12 13.40 -18.80
CA LEU A 321 30.80 12.71 -19.89
C LEU A 321 32.29 12.56 -19.58
N ARG A 322 32.86 13.55 -18.89
CA ARG A 322 34.27 13.47 -18.49
C ARG A 322 34.51 12.25 -17.60
N VAL A 323 33.62 12.03 -16.64
CA VAL A 323 33.77 10.89 -15.74
C VAL A 323 33.46 9.59 -16.48
N ILE A 324 32.45 9.62 -17.35
CA ILE A 324 32.09 8.43 -18.13
C ILE A 324 33.28 7.96 -18.97
N GLU A 325 33.98 8.88 -19.62
CA GLU A 325 35.19 8.51 -20.36
C GLU A 325 36.21 7.85 -19.42
N ALA A 326 36.35 8.39 -18.21
CA ALA A 326 37.31 7.82 -17.26
C ALA A 326 36.88 6.44 -16.76
N ILE A 327 35.58 6.24 -16.56
CA ILE A 327 35.04 4.94 -16.16
C ILE A 327 35.34 3.89 -17.24
N TYR A 328 35.07 4.22 -18.50
CA TYR A 328 35.33 3.28 -19.57
C TYR A 328 36.84 2.97 -19.63
N ARG A 329 37.67 3.99 -19.42
CA ARG A 329 39.11 3.79 -19.48
C ARG A 329 39.61 2.94 -18.32
N ALA A 330 39.04 3.18 -17.13
CA ALA A 330 39.45 2.43 -15.95
C ALA A 330 39.15 0.95 -16.10
N ALA A 331 38.01 0.63 -16.70
CA ALA A 331 37.65 -0.77 -16.93
C ALA A 331 38.51 -1.40 -18.03
N ARG A 332 38.78 -0.62 -19.06
CA ARG A 332 39.58 -1.11 -20.18
C ARG A 332 41.02 -1.37 -19.77
N GLU A 333 41.57 -0.47 -18.95
CA GLU A 333 42.98 -0.54 -18.56
C GLU A 333 43.23 -1.27 -17.24
N GLY A 334 42.17 -1.55 -16.49
CA GLY A 334 42.30 -2.19 -15.19
C GLY A 334 43.18 -1.42 -14.22
N ARG A 335 42.94 -0.12 -14.14
CA ARG A 335 43.71 0.71 -13.21
C ARG A 335 42.87 1.90 -12.76
N THR A 336 43.28 2.52 -11.67
CA THR A 336 42.59 3.70 -11.16
C THR A 336 42.93 4.86 -12.08
N VAL A 337 41.90 5.53 -12.60
CA VAL A 337 42.11 6.70 -13.45
C VAL A 337 41.95 7.97 -12.63
N LYS A 338 42.96 8.84 -12.71
CA LYS A 338 42.94 10.09 -11.97
C LYS A 338 42.30 11.22 -12.78
N LEU A 339 41.51 12.05 -12.11
CA LEU A 339 40.85 13.18 -12.73
C LEU A 339 41.16 14.47 -11.99
N ARG B 5 -7.06 42.52 -2.95
CA ARG B 5 -6.25 43.09 -1.88
C ARG B 5 -5.43 42.00 -1.19
N LYS B 6 -4.13 42.22 -1.07
CA LYS B 6 -3.27 41.25 -0.40
C LYS B 6 -2.52 41.89 0.75
N LEU B 7 -2.60 41.26 1.92
CA LEU B 7 -1.87 41.74 3.09
C LEU B 7 -0.46 41.16 3.10
N GLY B 8 0.49 41.94 3.61
CA GLY B 8 1.89 41.55 3.59
C GLY B 8 2.34 40.79 4.82
N TYR B 9 2.99 39.65 4.59
CA TYR B 9 3.56 38.84 5.67
C TYR B 9 5.05 39.07 5.86
N ALA B 10 5.48 39.23 7.10
CA ALA B 10 6.89 39.08 7.42
C ALA B 10 7.10 37.72 8.08
N ILE B 11 7.98 36.91 7.53
CA ILE B 11 8.25 35.61 8.12
C ILE B 11 9.43 35.73 9.06
N LEU B 12 9.24 35.29 10.30
CA LEU B 12 10.25 35.46 11.33
C LEU B 12 10.73 34.09 11.82
N GLY B 13 12.00 33.80 11.59
CA GLY B 13 12.59 32.52 11.93
C GLY B 13 12.63 31.65 10.69
N LEU B 14 13.71 31.75 9.94
CA LEU B 14 13.76 31.10 8.63
C LEU B 14 14.31 29.68 8.75
N GLY B 15 13.58 28.83 9.44
CA GLY B 15 13.97 27.43 9.60
C GLY B 15 13.23 26.49 8.66
N TYR B 16 13.10 25.23 9.04
CA TYR B 16 12.51 24.22 8.17
C TYR B 16 11.07 24.55 7.79
N TYR B 17 10.21 24.78 8.77
CA TYR B 17 8.81 25.00 8.47
C TYR B 17 8.62 26.28 7.66
N ALA B 18 9.33 27.33 8.04
CA ALA B 18 9.19 28.61 7.34
C ALA B 18 9.60 28.50 5.88
N THR B 19 10.78 27.94 5.63
CA THR B 19 11.36 27.99 4.28
C THR B 19 10.97 26.82 3.39
N ARG B 20 10.75 25.63 3.97
CA ARG B 20 10.41 24.49 3.13
C ARG B 20 8.92 24.31 2.95
N ILE B 21 8.12 24.74 3.94
CA ILE B 21 6.69 24.47 3.90
C ILE B 21 5.81 25.71 3.69
N ILE B 22 6.05 26.77 4.46
CA ILE B 22 5.17 27.94 4.41
C ILE B 22 5.48 28.88 3.25
N MET B 23 6.72 29.34 3.15
CA MET B 23 7.08 30.37 2.17
C MET B 23 6.71 30.00 0.72
N PRO B 24 6.92 28.74 0.30
CA PRO B 24 6.48 28.40 -1.07
C PRO B 24 4.97 28.46 -1.31
N ARG B 25 4.16 28.51 -0.25
CA ARG B 25 2.70 28.48 -0.45
C ARG B 25 2.05 29.86 -0.60
N PHE B 26 2.83 30.94 -0.51
CA PHE B 26 2.22 32.24 -0.80
C PHE B 26 1.80 32.30 -2.27
N ALA B 27 2.43 31.46 -3.09
CA ALA B 27 2.11 31.35 -4.52
C ALA B 27 0.62 31.07 -4.76
N GLU B 28 -0.01 30.32 -3.86
CA GLU B 28 -1.41 29.96 -4.05
C GLU B 28 -2.37 30.82 -3.21
N CYS B 29 -1.85 31.80 -2.50
CA CYS B 29 -2.70 32.70 -1.72
C CYS B 29 -3.43 33.71 -2.60
N GLU B 30 -4.61 34.14 -2.14
CA GLU B 30 -5.40 35.14 -2.84
C GLU B 30 -5.44 36.48 -2.11
N HIS B 31 -5.08 36.47 -0.83
CA HIS B 31 -5.19 37.68 -0.01
C HIS B 31 -3.95 37.90 0.85
N SER B 32 -2.87 37.22 0.50
CA SER B 32 -1.63 37.29 1.26
C SER B 32 -0.44 37.28 0.33
N ARG B 33 0.61 38.02 0.69
CA ARG B 33 1.86 37.97 -0.06
C ARG B 33 3.04 38.01 0.90
N LEU B 34 4.16 37.46 0.46
CA LEU B 34 5.39 37.53 1.23
C LEU B 34 6.01 38.92 1.07
N ALA B 35 6.10 39.68 2.16
CA ALA B 35 6.55 41.07 2.08
C ALA B 35 7.92 41.31 2.72
N ALA B 36 8.27 40.53 3.74
CA ALA B 36 9.51 40.75 4.47
C ALA B 36 10.05 39.49 5.14
N LEU B 37 11.33 39.54 5.50
CA LEU B 37 12.01 38.43 6.17
C LEU B 37 12.70 38.91 7.43
N VAL B 38 12.58 38.14 8.50
CA VAL B 38 13.27 38.46 9.74
C VAL B 38 14.05 37.23 10.17
N SER B 39 15.37 37.37 10.29
CA SER B 39 16.23 36.23 10.54
C SER B 39 17.46 36.59 11.36
N GLY B 40 17.92 35.66 12.18
CA GLY B 40 19.14 35.83 12.94
C GLY B 40 20.36 35.32 12.19
N THR B 41 20.16 34.91 10.95
CA THR B 41 21.24 34.37 10.13
C THR B 41 21.39 35.21 8.85
N PRO B 42 22.44 36.04 8.79
CA PRO B 42 22.57 36.97 7.66
C PRO B 42 22.53 36.28 6.30
N GLU B 43 23.19 35.13 6.19
CA GLU B 43 23.21 34.37 4.95
C GLU B 43 21.80 34.02 4.47
N LYS B 44 20.90 33.71 5.41
CA LYS B 44 19.53 33.37 5.06
C LYS B 44 18.78 34.57 4.48
N LEU B 45 19.03 35.76 5.02
CA LEU B 45 18.38 36.95 4.50
C LEU B 45 18.79 37.18 3.04
N LYS B 46 20.07 36.95 2.76
CA LYS B 46 20.59 37.08 1.41
C LYS B 46 19.96 36.04 0.48
N THR B 47 20.10 34.77 0.87
CA THR B 47 19.61 33.66 0.06
C THR B 47 18.11 33.76 -0.24
N TYR B 48 17.27 33.88 0.79
CA TYR B 48 15.84 33.86 0.55
C TYR B 48 15.33 35.21 0.07
N GLY B 49 16.04 36.29 0.42
CA GLY B 49 15.68 37.60 -0.09
C GLY B 49 15.82 37.63 -1.60
N GLU B 50 16.94 37.14 -2.11
CA GLU B 50 17.18 37.11 -3.54
C GLU B 50 16.23 36.12 -4.21
N GLN B 51 16.04 34.96 -3.59
CA GLN B 51 15.14 33.96 -4.15
C GLN B 51 13.71 34.47 -4.29
N TYR B 52 13.22 35.17 -3.27
CA TYR B 52 11.82 35.59 -3.29
C TYR B 52 11.64 37.05 -3.70
N GLY B 53 12.74 37.70 -4.04
CA GLY B 53 12.67 39.08 -4.51
C GLY B 53 12.25 40.05 -3.42
N ILE B 54 12.78 39.82 -2.22
CA ILE B 54 12.55 40.69 -1.08
C ILE B 54 13.71 41.69 -1.00
N PRO B 55 13.42 42.98 -1.24
CA PRO B 55 14.47 44.00 -1.20
C PRO B 55 15.15 44.11 0.17
N GLU B 56 16.37 44.64 0.20
CA GLU B 56 17.13 44.74 1.43
C GLU B 56 16.43 45.60 2.48
N THR B 57 15.57 46.51 2.04
CA THR B 57 14.80 47.36 2.94
C THR B 57 13.77 46.56 3.72
N HIS B 58 13.49 45.35 3.25
CA HIS B 58 12.46 44.51 3.85
C HIS B 58 13.08 43.27 4.50
N ARG B 59 14.38 43.33 4.75
CA ARG B 59 15.10 42.25 5.45
C ARG B 59 15.53 42.76 6.81
N TYR B 60 15.22 42.00 7.86
CA TYR B 60 15.51 42.41 9.22
C TYR B 60 16.25 41.32 9.97
N SER B 61 17.18 41.73 10.84
CA SER B 61 17.75 40.82 11.82
C SER B 61 16.88 40.89 13.07
N TYR B 62 17.20 40.08 14.08
CA TYR B 62 16.45 40.19 15.33
C TYR B 62 16.80 41.50 16.03
N GLU B 63 17.91 42.11 15.65
CA GLU B 63 18.33 43.37 16.29
C GLU B 63 17.74 44.59 15.61
N THR B 64 17.26 44.45 14.37
CA THR B 64 16.60 45.55 13.69
C THR B 64 15.10 45.34 13.52
N PHE B 65 14.59 44.21 14.00
CA PHE B 65 13.19 43.84 13.84
C PHE B 65 12.19 44.94 14.28
N ASP B 66 12.51 45.66 15.34
CA ASP B 66 11.54 46.64 15.87
C ASP B 66 11.28 47.78 14.89
N ARG B 67 12.20 47.97 13.95
CA ARG B 67 12.06 48.98 12.89
C ARG B 67 10.93 48.66 11.92
N ILE B 68 10.42 47.43 11.98
CA ILE B 68 9.40 46.99 11.03
C ILE B 68 8.09 47.79 11.19
N ILE B 69 7.94 48.48 12.32
CA ILE B 69 6.79 49.36 12.53
C ILE B 69 6.67 50.40 11.40
N ASP B 70 7.80 50.74 10.77
CA ASP B 70 7.84 51.77 9.73
C ASP B 70 7.55 51.24 8.34
N ASN B 71 7.36 49.93 8.23
CA ASN B 71 7.17 49.29 6.94
C ASN B 71 5.69 49.03 6.68
N PRO B 72 5.07 49.84 5.80
CA PRO B 72 3.63 49.67 5.59
C PRO B 72 3.29 48.48 4.68
N ASP B 73 4.30 47.85 4.10
CA ASP B 73 4.05 46.65 3.30
C ASP B 73 3.84 45.43 4.20
N VAL B 74 4.16 45.57 5.48
CA VAL B 74 4.01 44.46 6.44
C VAL B 74 2.78 44.65 7.32
N ASP B 75 1.82 43.74 7.19
CA ASP B 75 0.61 43.77 8.01
C ASP B 75 0.66 42.72 9.12
N ILE B 76 1.35 41.62 8.83
CA ILE B 76 1.34 40.44 9.69
C ILE B 76 2.76 39.91 9.88
N VAL B 77 3.10 39.56 11.12
CA VAL B 77 4.33 38.83 11.38
C VAL B 77 3.97 37.40 11.73
N TYR B 78 4.61 36.45 11.04
CA TYR B 78 4.40 35.02 11.28
C TYR B 78 5.63 34.52 12.01
N VAL B 79 5.45 34.17 13.28
CA VAL B 79 6.53 33.72 14.15
C VAL B 79 6.70 32.19 14.06
N ILE B 80 7.85 31.75 13.53
CA ILE B 80 8.09 30.33 13.28
C ILE B 80 9.44 29.91 13.89
N THR B 81 9.59 30.21 15.18
CA THR B 81 10.78 29.95 15.96
C THR B 81 10.60 28.79 16.95
N PRO B 82 11.66 28.41 17.67
CA PRO B 82 11.42 27.50 18.80
C PRO B 82 10.36 28.04 19.76
N ASN B 83 9.72 27.12 20.46
CA ASN B 83 8.52 27.42 21.24
C ASN B 83 8.68 28.53 22.28
N SER B 84 9.81 28.53 22.98
CA SER B 84 10.01 29.48 24.08
C SER B 84 10.19 30.92 23.56
N LEU B 85 10.41 31.07 22.26
CA LEU B 85 10.58 32.40 21.69
C LEU B 85 9.31 32.93 21.05
N HIS B 86 8.26 32.12 20.99
CA HIS B 86 6.98 32.57 20.44
C HIS B 86 6.47 33.81 21.18
N ARG B 87 6.51 33.74 22.50
CA ARG B 87 5.96 34.83 23.29
C ARG B 87 6.72 36.17 23.09
N PRO B 88 8.06 36.19 23.32
CA PRO B 88 8.71 37.50 23.18
C PRO B 88 8.66 38.07 21.76
N PHE B 89 8.74 37.23 20.72
CA PHE B 89 8.64 37.75 19.36
C PHE B 89 7.22 38.23 19.04
N THR B 90 6.21 37.53 19.55
CA THR B 90 4.83 37.95 19.37
C THR B 90 4.61 39.32 20.02
N GLU B 91 5.15 39.49 21.22
CA GLU B 91 5.02 40.77 21.91
C GLU B 91 5.66 41.91 21.10
N ARG B 92 6.82 41.65 20.50
CA ARG B 92 7.51 42.70 19.74
C ARG B 92 6.80 42.96 18.42
N ALA B 93 6.21 41.93 17.82
CA ALA B 93 5.43 42.12 16.61
C ALA B 93 4.22 43.03 16.89
N ALA B 94 3.53 42.76 17.99
CA ALA B 94 2.39 43.57 18.41
C ALA B 94 2.84 45.01 18.74
N ARG B 95 3.97 45.14 19.40
CA ARG B 95 4.56 46.45 19.71
C ARG B 95 4.83 47.24 18.43
N ALA B 96 5.16 46.52 17.35
CA ALA B 96 5.39 47.14 16.05
C ALA B 96 4.09 47.37 15.26
N GLY B 97 2.95 47.19 15.93
CA GLY B 97 1.66 47.43 15.29
C GLY B 97 1.26 46.40 14.25
N LYS B 98 1.83 45.20 14.34
CA LYS B 98 1.51 44.13 13.39
C LYS B 98 0.58 43.10 14.00
N HIS B 99 -0.33 42.59 13.18
CA HIS B 99 -1.09 41.38 13.51
C HIS B 99 -0.12 40.20 13.57
N VAL B 100 -0.51 39.13 14.26
CA VAL B 100 0.43 38.03 14.45
C VAL B 100 -0.17 36.66 14.12
N MET B 101 0.57 35.91 13.29
CA MET B 101 0.36 34.47 13.16
C MET B 101 1.46 33.78 13.96
N CYS B 102 1.09 32.88 14.87
CA CYS B 102 2.09 32.23 15.70
C CYS B 102 1.98 30.72 15.54
N GLU B 103 3.10 30.04 15.32
CA GLU B 103 3.05 28.60 15.24
C GLU B 103 2.66 27.94 16.56
N LYS B 104 2.17 26.71 16.48
CA LYS B 104 1.94 25.89 17.67
C LYS B 104 3.25 25.26 18.14
N PRO B 105 3.32 24.82 19.41
CA PRO B 105 2.37 25.18 20.46
C PRO B 105 2.50 26.67 20.70
N MET B 106 1.43 27.32 21.15
CA MET B 106 1.41 28.78 21.23
C MET B 106 2.57 29.33 22.08
N ALA B 107 2.74 28.77 23.27
CA ALA B 107 3.85 29.14 24.15
C ALA B 107 4.05 28.03 25.16
N ASN B 108 5.02 28.21 26.05
CA ASN B 108 5.44 27.14 26.97
C ASN B 108 4.46 26.90 28.11
N THR B 109 3.73 27.94 28.51
CA THR B 109 2.82 27.86 29.66
C THR B 109 1.53 28.61 29.39
N VAL B 110 0.50 28.30 30.18
CA VAL B 110 -0.75 29.02 30.14
C VAL B 110 -0.53 30.52 30.34
N ALA B 111 0.27 30.87 31.35
CA ALA B 111 0.53 32.26 31.68
C ALA B 111 1.15 33.02 30.50
N ASP B 112 2.06 32.34 29.80
CA ASP B 112 2.70 32.93 28.60
C ASP B 112 1.66 33.19 27.52
N CYS B 113 0.76 32.23 27.30
CA CYS B 113 -0.31 32.42 26.33
C CYS B 113 -1.17 33.61 26.69
N GLU B 114 -1.51 33.72 27.97
CA GLU B 114 -2.34 34.83 28.43
C GLU B 114 -1.64 36.17 28.18
N ALA B 115 -0.34 36.21 28.39
CA ALA B 115 0.43 37.44 28.18
C ALA B 115 0.46 37.85 26.70
N MET B 116 0.54 36.86 25.81
CA MET B 116 0.49 37.13 24.37
C MET B 116 -0.86 37.68 23.93
N ILE B 117 -1.92 37.07 24.43
CA ILE B 117 -3.27 37.51 24.12
C ILE B 117 -3.46 38.95 24.58
N ALA B 118 -2.99 39.24 25.79
CA ALA B 118 -3.11 40.58 26.36
C ALA B 118 -2.30 41.61 25.58
N ALA B 119 -1.10 41.23 25.18
CA ALA B 119 -0.23 42.12 24.42
C ALA B 119 -0.87 42.49 23.08
N CYS B 120 -1.45 41.50 22.41
CA CYS B 120 -2.10 41.76 21.13
C CYS B 120 -3.38 42.58 21.33
N LYS B 121 -4.11 42.29 22.40
CA LYS B 121 -5.32 43.04 22.72
C LYS B 121 -4.99 44.52 22.97
N LYS B 122 -3.94 44.75 23.74
CA LYS B 122 -3.48 46.11 24.06
C LYS B 122 -3.11 46.86 22.77
N ALA B 123 -2.51 46.14 21.83
CA ALA B 123 -2.07 46.71 20.56
C ALA B 123 -3.20 46.85 19.55
N GLY B 124 -4.36 46.29 19.86
CA GLY B 124 -5.48 46.30 18.93
C GLY B 124 -5.19 45.53 17.65
N ARG B 125 -4.46 44.42 17.79
CA ARG B 125 -4.09 43.63 16.63
C ARG B 125 -4.58 42.20 16.83
N LYS B 126 -4.79 41.48 15.72
CA LYS B 126 -5.31 40.12 15.80
C LYS B 126 -4.18 39.11 16.01
N LEU B 127 -4.54 37.98 16.63
CA LEU B 127 -3.59 36.91 16.91
C LEU B 127 -4.20 35.60 16.47
N MET B 128 -3.48 34.85 15.65
CA MET B 128 -3.94 33.55 15.16
C MET B 128 -2.86 32.50 15.39
N ILE B 129 -3.27 31.29 15.73
CA ILE B 129 -2.32 30.18 15.94
C ILE B 129 -2.38 29.24 14.74
N GLY B 130 -1.22 28.70 14.36
CA GLY B 130 -1.09 27.96 13.11
C GLY B 130 -1.65 26.54 13.13
N TYR B 131 -2.93 26.41 13.46
CA TYR B 131 -3.58 25.09 13.43
C TYR B 131 -4.13 24.82 12.03
N ARG B 132 -3.22 24.52 11.11
CA ARG B 132 -3.55 24.36 9.70
C ARG B 132 -4.56 23.26 9.41
N SER B 133 -4.67 22.28 10.31
CA SER B 133 -5.57 21.16 10.05
C SER B 133 -7.02 21.62 9.99
N ARG B 134 -7.32 22.77 10.59
CA ARG B 134 -8.66 23.33 10.51
C ARG B 134 -8.98 23.83 9.11
N PHE B 135 -7.98 23.84 8.23
CA PHE B 135 -8.16 24.31 6.85
C PHE B 135 -7.88 23.19 5.87
N GLN B 136 -7.80 21.97 6.38
CA GLN B 136 -7.44 20.81 5.55
C GLN B 136 -8.72 20.05 5.20
N ALA B 137 -8.84 19.64 3.94
CA ALA B 137 -10.12 19.14 3.40
C ALA B 137 -10.74 17.97 4.17
N HIS B 138 -9.92 16.99 4.51
CA HIS B 138 -10.42 15.78 5.17
C HIS B 138 -10.85 16.09 6.60
N ASN B 139 -10.04 16.91 7.28
CA ASN B 139 -10.39 17.35 8.63
C ASN B 139 -11.70 18.13 8.64
N ILE B 140 -11.88 19.01 7.66
CA ILE B 140 -13.11 19.78 7.59
C ILE B 140 -14.29 18.83 7.37
N GLU B 141 -14.10 17.84 6.50
CA GLU B 141 -15.15 16.86 6.24
C GLU B 141 -15.55 16.08 7.50
N ALA B 142 -14.55 15.61 8.25
CA ALA B 142 -14.82 14.89 9.50
C ALA B 142 -15.55 15.77 10.51
N ILE B 143 -15.08 17.01 10.69
CA ILE B 143 -15.77 17.92 11.58
C ILE B 143 -17.25 18.12 11.20
N LYS B 144 -17.50 18.33 9.92
CA LYS B 144 -18.87 18.60 9.47
C LYS B 144 -19.74 17.33 9.52
N LEU B 145 -19.16 16.16 9.29
CA LEU B 145 -19.91 14.92 9.51
C LEU B 145 -20.40 14.82 10.95
N VAL B 146 -19.54 15.16 11.90
CA VAL B 146 -19.92 15.12 13.31
C VAL B 146 -21.03 16.13 13.61
N ARG B 147 -20.84 17.37 13.17
CA ARG B 147 -21.80 18.44 13.43
C ARG B 147 -23.16 18.15 12.79
N ASP B 148 -23.14 17.48 11.65
CA ASP B 148 -24.38 17.18 10.94
C ASP B 148 -25.10 15.97 11.50
N GLY B 149 -24.49 15.32 12.50
CA GLY B 149 -25.14 14.23 13.20
C GLY B 149 -24.98 12.87 12.55
N ALA B 150 -24.04 12.76 11.63
CA ALA B 150 -23.83 11.52 10.90
C ALA B 150 -23.45 10.36 11.83
N LEU B 151 -22.82 10.67 12.96
CA LEU B 151 -22.34 9.63 13.87
C LEU B 151 -23.25 9.46 15.08
N GLY B 152 -24.21 10.37 15.22
CA GLY B 152 -24.93 10.48 16.48
C GLY B 152 -24.00 11.25 17.41
N PRO B 153 -24.32 11.27 18.71
CA PRO B 153 -23.46 11.94 19.69
C PRO B 153 -22.07 11.30 19.69
N VAL B 154 -21.02 12.13 19.76
CA VAL B 154 -19.66 11.60 19.81
C VAL B 154 -19.48 10.81 21.09
N ARG B 155 -19.00 9.58 20.98
CA ARG B 155 -18.76 8.76 22.16
C ARG B 155 -17.26 8.58 22.39
N THR B 156 -16.51 8.31 21.31
CA THR B 156 -15.07 8.12 21.47
C THR B 156 -14.30 8.84 20.37
N VAL B 157 -13.15 9.41 20.76
CA VAL B 157 -12.14 9.86 19.84
C VAL B 157 -10.87 9.14 20.18
N VAL B 158 -10.30 8.42 19.22
CA VAL B 158 -9.02 7.74 19.45
C VAL B 158 -8.02 8.31 18.47
N THR B 159 -6.97 8.97 18.98
CA THR B 159 -6.07 9.70 18.11
C THR B 159 -4.62 9.56 18.57
N ASP B 160 -3.74 9.25 17.62
CA ASP B 160 -2.33 9.01 17.93
C ASP B 160 -1.46 9.92 17.06
N HIS B 161 -0.57 10.65 17.72
CA HIS B 161 0.41 11.44 16.98
C HIS B 161 1.80 11.22 17.55
N GLY B 162 2.75 10.94 16.66
CA GLY B 162 4.09 10.71 17.10
C GLY B 162 5.04 10.60 15.94
N PHE B 163 6.31 10.89 16.19
CA PHE B 163 7.33 10.54 15.21
C PHE B 163 8.61 10.16 15.94
N THR B 164 9.43 9.35 15.27
CA THR B 164 10.67 8.89 15.88
C THR B 164 11.75 9.95 15.72
N ILE B 165 11.89 10.78 16.75
CA ILE B 165 12.78 11.93 16.69
C ILE B 165 14.23 11.45 16.71
N GLY B 166 15.11 12.22 16.08
CA GLY B 166 16.49 11.79 15.92
C GLY B 166 17.55 12.56 16.68
N ASP B 167 18.11 13.57 16.02
CA ASP B 167 19.24 14.35 16.54
C ASP B 167 19.05 14.89 17.95
N PRO B 168 19.83 14.36 18.92
CA PRO B 168 19.67 14.71 20.34
C PRO B 168 19.97 16.16 20.66
N LYS B 169 20.73 16.84 19.80
CA LYS B 169 21.13 18.22 20.06
C LYS B 169 20.11 19.27 19.60
N GLN B 170 19.03 18.82 18.96
CA GLN B 170 18.06 19.76 18.38
C GLN B 170 17.21 20.45 19.48
N TRP B 171 16.63 21.60 19.16
CA TRP B 171 15.99 22.41 20.19
C TRP B 171 14.73 21.74 20.74
N ARG B 172 14.09 20.85 19.95
CA ARG B 172 12.90 20.16 20.46
C ARG B 172 13.21 19.28 21.66
N LEU B 173 14.47 18.88 21.83
CA LEU B 173 14.84 18.03 22.95
C LEU B 173 15.53 18.85 24.04
N ASN B 174 15.48 20.17 23.89
CA ASN B 174 15.98 21.10 24.89
C ASN B 174 14.82 21.72 25.65
N ARG B 175 14.73 21.46 26.95
CA ARG B 175 13.55 21.87 27.73
C ARG B 175 13.34 23.38 27.71
N ALA B 176 14.43 24.13 27.82
CA ALA B 176 14.34 25.59 27.86
C ALA B 176 13.69 26.15 26.59
N LEU B 177 14.08 25.62 25.43
CA LEU B 177 13.57 26.12 24.16
C LEU B 177 12.25 25.49 23.73
N ALA B 178 12.02 24.23 24.11
CA ALA B 178 10.83 23.53 23.64
C ALA B 178 9.65 23.62 24.60
N GLY B 179 9.94 23.78 25.89
CA GLY B 179 8.91 23.84 26.92
C GLY B 179 8.40 22.48 27.35
N GLY B 180 8.80 21.44 26.63
CA GLY B 180 8.41 20.08 26.96
C GLY B 180 8.71 19.17 25.78
N GLY B 181 8.33 17.90 25.89
CA GLY B 181 8.68 16.89 24.88
C GLY B 181 7.60 16.65 23.84
N SER B 182 7.28 15.38 23.58
CA SER B 182 6.38 15.06 22.48
C SER B 182 5.03 15.79 22.57
N LEU B 183 4.53 15.99 23.78
CA LEU B 183 3.23 16.62 23.93
C LEU B 183 3.23 18.04 23.37
N MET B 184 4.31 18.77 23.58
CA MET B 184 4.34 20.15 23.12
C MET B 184 4.41 20.21 21.61
N ASP B 185 5.12 19.26 21.03
CA ASP B 185 5.41 19.29 19.60
C ASP B 185 4.40 18.58 18.71
N ILE B 186 4.02 17.36 19.07
CA ILE B 186 3.22 16.54 18.15
C ILE B 186 1.96 15.99 18.84
N GLY B 187 2.05 15.70 20.13
CA GLY B 187 0.87 15.28 20.88
C GLY B 187 -0.22 16.33 20.88
N ILE B 188 0.19 17.58 20.73
CA ILE B 188 -0.79 18.67 20.71
C ILE B 188 -1.78 18.49 19.55
N TYR B 189 -1.39 17.82 18.47
CA TYR B 189 -2.34 17.51 17.40
C TYR B 189 -3.45 16.56 17.83
N SER B 190 -3.12 15.60 18.68
CA SER B 190 -4.13 14.70 19.23
C SER B 190 -5.12 15.48 20.08
N LEU B 191 -4.57 16.34 20.91
CA LEU B 191 -5.38 17.19 21.80
C LEU B 191 -6.27 18.13 20.99
N ASN B 192 -5.66 18.84 20.04
CA ASN B 192 -6.40 19.83 19.26
C ASN B 192 -7.53 19.15 18.48
N ALA B 193 -7.24 17.97 17.92
CA ALA B 193 -8.25 17.22 17.18
C ALA B 193 -9.39 16.74 18.09
N ALA B 194 -9.07 16.25 19.29
CA ALA B 194 -10.12 15.81 20.19
C ALA B 194 -11.05 16.99 20.48
N ARG B 195 -10.48 18.17 20.63
CA ARG B 195 -11.29 19.36 20.90
C ARG B 195 -12.11 19.77 19.68
N TYR B 196 -11.54 19.77 18.47
CA TYR B 196 -12.36 20.24 17.35
C TYR B 196 -13.32 19.19 16.80
N LEU B 197 -13.07 17.90 17.06
CA LEU B 197 -14.01 16.88 16.64
C LEU B 197 -15.21 16.83 17.57
N THR B 198 -14.97 17.01 18.87
CA THR B 198 -16.11 17.04 19.81
C THR B 198 -16.78 18.41 19.80
N GLY B 199 -16.00 19.45 19.53
CA GLY B 199 -16.50 20.81 19.69
C GLY B 199 -16.59 21.19 21.16
N GLU B 200 -15.92 20.42 22.01
CA GLU B 200 -16.01 20.59 23.46
C GLU B 200 -14.66 20.80 24.12
N GLU B 201 -14.68 21.22 25.38
CA GLU B 201 -13.48 21.34 26.20
C GLU B 201 -13.53 20.30 27.31
N PRO B 202 -12.39 19.64 27.59
CA PRO B 202 -12.42 18.52 28.53
C PRO B 202 -12.61 18.98 29.98
N VAL B 203 -13.24 18.13 30.78
CA VAL B 203 -13.47 18.44 32.19
C VAL B 203 -12.67 17.52 33.11
N ALA B 204 -12.08 16.48 32.54
CA ALA B 204 -11.22 15.60 33.32
C ALA B 204 -10.12 15.01 32.43
N VAL B 205 -8.96 14.78 33.03
CA VAL B 205 -7.77 14.34 32.31
C VAL B 205 -7.02 13.27 33.09
N ASN B 206 -6.69 12.16 32.42
CA ASN B 206 -5.74 11.16 32.92
C ASN B 206 -4.50 11.16 32.03
N ALA B 207 -3.35 10.75 32.58
CA ALA B 207 -2.18 10.61 31.72
C ALA B 207 -1.15 9.64 32.30
N VAL B 208 -0.37 9.06 31.42
CA VAL B 208 0.75 8.23 31.83
C VAL B 208 1.96 8.58 30.97
N GLU B 209 3.11 8.77 31.62
CA GLU B 209 4.33 9.09 30.90
C GLU B 209 5.25 7.88 30.88
N SER B 210 5.96 7.71 29.77
CA SER B 210 6.96 6.66 29.66
C SER B 210 8.18 7.18 28.92
N THR B 211 9.24 7.44 29.67
CA THR B 211 10.46 8.01 29.12
C THR B 211 11.68 7.35 29.73
N ASP B 212 12.61 6.90 28.89
CA ASP B 212 13.91 6.43 29.34
C ASP B 212 14.86 7.61 29.39
N ARG B 213 15.10 8.14 30.59
CA ARG B 213 15.92 9.34 30.72
C ARG B 213 17.40 9.05 30.46
N SER B 214 17.79 7.78 30.38
CA SER B 214 19.15 7.42 30.03
C SER B 214 19.38 7.52 28.52
N ASP B 215 18.30 7.59 27.76
CA ASP B 215 18.38 7.82 26.32
C ASP B 215 18.93 9.24 26.11
N PRO B 216 19.98 9.37 25.25
CA PRO B 216 20.60 10.67 24.97
C PRO B 216 19.59 11.72 24.50
N ARG B 217 18.48 11.29 23.90
CA ARG B 217 17.46 12.21 23.40
C ARG B 217 16.56 12.77 24.49
N PHE B 218 16.40 12.03 25.59
CA PHE B 218 15.31 12.31 26.52
C PHE B 218 15.79 12.64 27.94
N GLY B 219 16.94 13.30 28.03
CA GLY B 219 17.41 13.75 29.33
C GLY B 219 16.58 14.87 29.93
N GLU B 220 15.91 15.66 29.09
CA GLU B 220 15.23 16.86 29.58
C GLU B 220 13.72 16.89 29.32
N VAL B 221 13.25 16.18 28.30
CA VAL B 221 11.84 16.23 27.94
C VAL B 221 11.30 14.83 27.71
N GLU B 222 9.97 14.70 27.64
CA GLU B 222 9.36 13.37 27.63
C GLU B 222 9.29 12.75 26.24
N ASP B 223 9.30 11.42 26.23
CA ASP B 223 9.16 10.62 25.02
C ASP B 223 7.67 10.35 24.79
N ILE B 224 7.10 9.46 25.59
CA ILE B 224 5.67 9.17 25.49
C ILE B 224 4.91 9.80 26.64
N ILE B 225 3.81 10.49 26.33
CA ILE B 225 2.85 10.79 27.37
C ILE B 225 1.45 10.66 26.75
N ASN B 226 0.77 9.58 27.12
CA ASN B 226 -0.56 9.31 26.59
C ASN B 226 -1.60 9.82 27.56
N PHE B 227 -2.75 10.25 27.05
CA PHE B 227 -3.74 10.86 27.93
C PHE B 227 -5.17 10.52 27.56
N GLN B 228 -6.04 10.60 28.55
CA GLN B 228 -7.46 10.40 28.38
C GLN B 228 -8.18 11.70 28.70
N LEU B 229 -9.22 12.00 27.95
CA LEU B 229 -10.05 13.17 28.19
C LEU B 229 -11.52 12.76 28.34
N LEU B 230 -12.20 13.41 29.27
CA LEU B 230 -13.65 13.28 29.40
C LEU B 230 -14.26 14.66 29.11
N PHE B 231 -15.32 14.69 28.30
CA PHE B 231 -15.98 15.95 27.95
C PHE B 231 -17.37 16.04 28.61
N PRO B 232 -17.94 17.26 28.69
CA PRO B 232 -19.24 17.44 29.35
C PRO B 232 -20.38 16.57 28.81
N SER B 233 -20.38 16.32 27.49
CA SER B 233 -21.43 15.52 26.86
C SER B 233 -21.35 14.04 27.21
N GLY B 234 -20.23 13.62 27.79
CA GLY B 234 -19.97 12.21 28.00
C GLY B 234 -18.98 11.65 26.99
N ALA B 235 -18.66 12.43 25.95
CA ALA B 235 -17.64 12.02 24.99
C ALA B 235 -16.31 11.77 25.68
N THR B 236 -15.55 10.82 25.15
CA THR B 236 -14.26 10.44 25.70
C THR B 236 -13.21 10.47 24.60
N ALA B 237 -11.95 10.67 24.98
CA ALA B 237 -10.83 10.57 24.02
C ALA B 237 -9.70 9.80 24.65
N ASN B 238 -9.08 8.91 23.85
CA ASN B 238 -7.83 8.24 24.19
C ASN B 238 -6.79 8.77 23.23
N CYS B 239 -5.72 9.35 23.73
CA CYS B 239 -4.74 10.03 22.90
C CYS B 239 -3.32 9.55 23.12
N VAL B 240 -2.58 9.35 22.04
CA VAL B 240 -1.15 9.06 22.13
C VAL B 240 -0.33 10.27 21.71
N SER B 241 0.75 10.53 22.46
CA SER B 241 1.79 11.49 22.12
C SER B 241 3.14 10.79 22.27
N ALA B 242 3.93 10.71 21.21
CA ALA B 242 5.18 9.96 21.31
C ALA B 242 6.33 10.50 20.46
N TYR B 243 7.54 10.27 20.95
CA TYR B 243 8.75 10.59 20.21
C TYR B 243 9.48 9.29 19.81
N SER B 244 8.79 8.16 19.92
CA SER B 244 9.44 6.87 19.66
C SER B 244 8.58 5.91 18.85
N VAL B 245 7.48 6.42 18.28
CA VAL B 245 6.72 5.66 17.29
C VAL B 245 6.28 6.64 16.23
N ASN B 246 6.00 6.15 15.03
CA ASN B 246 5.44 6.99 14.00
C ASN B 246 3.95 6.74 13.85
N CYS B 247 3.15 7.76 14.14
CA CYS B 247 1.70 7.68 13.97
C CYS B 247 1.10 9.04 13.70
N ASN B 248 0.00 9.06 12.97
CA ASN B 248 -0.71 10.30 12.69
C ASN B 248 -2.11 9.95 12.24
N ARG B 249 -3.06 9.96 13.16
CA ARG B 249 -4.38 9.47 12.83
C ARG B 249 -5.39 9.84 13.88
N TYR B 250 -6.65 9.85 13.47
CA TYR B 250 -7.73 9.78 14.43
C TYR B 250 -8.96 9.08 13.90
N ARG B 251 -9.72 8.49 14.82
CA ARG B 251 -11.06 7.99 14.53
C ARG B 251 -12.03 8.58 15.51
N VAL B 252 -13.14 9.13 15.02
CA VAL B 252 -14.19 9.59 15.93
C VAL B 252 -15.41 8.70 15.70
N SER B 253 -16.03 8.24 16.78
CA SER B 253 -17.10 7.26 16.70
C SER B 253 -18.31 7.67 17.53
N GLY B 254 -19.49 7.36 17.01
CA GLY B 254 -20.74 7.53 17.73
C GLY B 254 -21.62 6.31 17.47
N PRO B 255 -22.83 6.31 18.03
CA PRO B 255 -23.69 5.13 17.91
C PRO B 255 -24.11 4.83 16.46
N LYS B 256 -24.04 5.81 15.57
CA LYS B 256 -24.47 5.56 14.19
C LYS B 256 -23.31 5.21 13.25
N GLY B 257 -22.08 5.33 13.73
CA GLY B 257 -20.91 4.95 12.94
C GLY B 257 -19.66 5.74 13.28
N TRP B 258 -18.68 5.67 12.40
CA TRP B 258 -17.43 6.36 12.66
C TRP B 258 -16.75 6.86 11.40
N VAL B 259 -15.82 7.79 11.59
CA VAL B 259 -14.98 8.26 10.50
C VAL B 259 -13.55 8.37 11.00
N GLU B 260 -12.58 8.01 10.14
CA GLU B 260 -11.20 8.10 10.54
C GLU B 260 -10.36 8.68 9.42
N ILE B 261 -9.26 9.32 9.79
CA ILE B 261 -8.29 9.82 8.82
C ILE B 261 -6.90 9.32 9.21
N ASP B 262 -6.17 8.77 8.24
CA ASP B 262 -4.84 8.21 8.51
C ASP B 262 -4.07 8.20 7.21
N PRO B 263 -3.07 9.09 7.07
CA PRO B 263 -2.60 10.11 8.01
C PRO B 263 -3.61 11.24 8.14
N ALA B 264 -3.68 11.86 9.31
CA ALA B 264 -4.75 12.82 9.60
C ALA B 264 -4.31 14.27 9.45
N THR B 265 -3.13 14.60 9.97
CA THR B 265 -2.77 16.02 10.06
C THR B 265 -1.41 16.27 9.39
N SER B 266 -1.06 15.41 8.45
CA SER B 266 0.18 15.53 7.69
C SER B 266 0.10 16.69 6.68
N TYR B 267 1.24 17.04 6.08
CA TYR B 267 1.28 18.10 5.06
C TYR B 267 0.45 17.73 3.84
N GLN B 268 0.46 16.45 3.50
CA GLN B 268 -0.33 15.92 2.40
C GLN B 268 -0.59 14.43 2.64
N GLY B 269 -1.37 13.82 1.76
CA GLY B 269 -1.53 12.37 1.77
C GLY B 269 -2.65 11.83 2.63
N GLN B 270 -3.45 12.74 3.22
CA GLN B 270 -4.63 12.35 4.00
C GLN B 270 -5.50 11.33 3.28
N ALA B 271 -5.97 10.33 4.02
CA ALA B 271 -6.90 9.34 3.50
C ALA B 271 -7.98 9.08 4.55
N MET B 272 -9.24 9.22 4.15
CA MET B 272 -10.35 9.07 5.07
C MET B 272 -11.14 7.80 4.79
N ARG B 273 -11.62 7.17 5.85
CA ARG B 273 -12.46 6.01 5.75
C ARG B 273 -13.65 6.23 6.66
N ALA B 274 -14.83 5.80 6.23
CA ALA B 274 -16.01 5.98 7.05
C ALA B 274 -16.84 4.71 7.12
N GLN B 275 -17.44 4.50 8.28
CA GLN B 275 -18.30 3.35 8.51
C GLN B 275 -19.62 3.92 8.95
N LEU B 276 -20.52 4.02 7.99
CA LEU B 276 -21.81 4.64 8.21
C LEU B 276 -22.86 3.76 7.59
N GLY B 277 -23.43 2.86 8.38
CA GLY B 277 -24.51 2.01 7.90
C GLY B 277 -24.10 0.84 7.04
N GLY B 278 -22.81 0.52 7.05
CA GLY B 278 -22.29 -0.59 6.28
C GLY B 278 -20.81 -0.75 6.59
N PRO B 279 -20.16 -1.78 6.01
CA PRO B 279 -18.72 -1.94 6.17
C PRO B 279 -17.98 -0.66 5.83
N PRO B 280 -16.81 -0.44 6.46
CA PRO B 280 -15.98 0.72 6.17
C PRO B 280 -15.72 0.88 4.68
N ALA B 281 -15.71 2.13 4.20
CA ALA B 281 -15.35 2.43 2.81
C ALA B 281 -14.59 3.75 2.75
N PRO B 282 -13.68 3.88 1.77
CA PRO B 282 -13.00 5.16 1.58
C PRO B 282 -14.01 6.25 1.30
N ARG B 283 -13.72 7.47 1.75
CA ARG B 283 -14.60 8.60 1.50
C ARG B 283 -13.77 9.79 1.06
N GLU B 284 -14.14 10.40 -0.05
CA GLU B 284 -13.43 11.59 -0.52
C GLU B 284 -14.07 12.83 0.08
N PRO B 285 -13.24 13.75 0.58
CA PRO B 285 -13.88 14.94 1.17
C PRO B 285 -14.33 15.92 0.08
N ALA B 286 -15.25 16.83 0.43
CA ALA B 286 -15.65 17.88 -0.50
C ALA B 286 -14.41 18.64 -0.96
N PRO B 287 -14.39 19.04 -2.24
CA PRO B 287 -13.26 19.80 -2.77
C PRO B 287 -12.99 21.08 -1.98
N GLN B 288 -11.72 21.44 -1.84
CA GLN B 288 -11.34 22.73 -1.27
C GLN B 288 -10.50 23.47 -2.30
N PRO B 289 -10.72 24.78 -2.44
CA PRO B 289 -10.01 25.59 -3.44
C PRO B 289 -8.50 25.56 -3.26
N LYS B 290 -8.02 25.83 -2.05
CA LYS B 290 -6.59 25.93 -1.85
C LYS B 290 -6.12 25.00 -0.74
N ASN B 291 -4.84 24.66 -0.81
CA ASN B 291 -4.19 23.81 0.18
C ASN B 291 -4.29 24.41 1.58
N GLN B 292 -4.09 23.59 2.60
CA GLN B 292 -4.30 24.01 3.99
C GLN B 292 -3.37 25.16 4.40
N PHE B 293 -2.19 25.24 3.83
CA PHE B 293 -1.23 26.27 4.24
C PHE B 293 -1.67 27.64 3.70
N SER B 294 -1.92 27.69 2.40
CA SER B 294 -2.39 28.92 1.78
C SER B 294 -3.72 29.38 2.39
N ALA B 295 -4.59 28.42 2.68
CA ALA B 295 -5.87 28.74 3.32
C ALA B 295 -5.66 29.32 4.73
N GLN B 296 -4.71 28.77 5.46
CA GLN B 296 -4.39 29.28 6.79
C GLN B 296 -3.93 30.73 6.72
N LEU B 297 -2.97 30.98 5.83
CA LEU B 297 -2.44 32.33 5.62
C LEU B 297 -3.54 33.31 5.22
N ASP B 298 -4.37 32.90 4.27
CA ASP B 298 -5.44 33.77 3.79
C ASP B 298 -6.50 34.00 4.85
N HIS B 299 -6.70 33.03 5.75
CA HIS B 299 -7.72 33.20 6.77
C HIS B 299 -7.45 34.39 7.66
N LEU B 300 -6.20 34.54 8.10
CA LEU B 300 -5.85 35.69 8.92
C LEU B 300 -6.02 36.98 8.13
N SER B 301 -5.54 36.99 6.90
CA SER B 301 -5.65 38.19 6.06
C SER B 301 -7.11 38.58 5.85
N GLU B 302 -7.95 37.61 5.55
CA GLU B 302 -9.38 37.86 5.37
C GLU B 302 -10.05 38.36 6.64
N CYS B 303 -9.66 37.81 7.78
CA CYS B 303 -10.18 38.27 9.06
C CYS B 303 -9.86 39.74 9.30
N ILE B 304 -8.64 40.14 8.99
CA ILE B 304 -8.24 41.53 9.13
C ILE B 304 -9.04 42.42 8.16
N LEU B 305 -9.19 41.97 6.93
CA LEU B 305 -9.89 42.75 5.91
C LEU B 305 -11.37 42.93 6.23
N THR B 306 -11.98 41.94 6.90
CA THR B 306 -13.42 41.98 7.14
C THR B 306 -13.75 42.27 8.60
N GLY B 307 -12.72 42.45 9.42
CA GLY B 307 -12.91 42.74 10.83
C GLY B 307 -13.59 41.61 11.59
N ARG B 308 -13.21 40.38 11.27
CA ARG B 308 -13.75 39.21 11.97
C ARG B 308 -12.67 38.55 12.82
N GLU B 309 -13.06 37.61 13.67
CA GLU B 309 -12.12 36.91 14.53
C GLU B 309 -11.71 35.57 13.90
N PRO B 310 -10.40 35.26 13.96
CA PRO B 310 -9.96 33.96 13.40
C PRO B 310 -10.61 32.78 14.12
N ILE B 311 -10.87 31.70 13.39
CA ILE B 311 -11.47 30.52 14.00
C ILE B 311 -10.49 29.81 14.93
N VAL B 312 -9.19 30.03 14.72
CA VAL B 312 -8.17 29.52 15.63
C VAL B 312 -7.34 30.67 16.19
N GLY B 313 -7.97 31.48 17.04
CA GLY B 313 -7.31 32.61 17.65
C GLY B 313 -6.44 32.22 18.83
N GLY B 314 -5.88 33.22 19.50
CA GLY B 314 -5.03 32.98 20.65
C GLY B 314 -5.72 32.15 21.71
N ASP B 315 -7.04 32.31 21.81
CA ASP B 315 -7.78 31.59 22.85
C ASP B 315 -7.77 30.08 22.57
N ASP B 316 -7.72 29.69 21.30
CA ASP B 316 -7.62 28.27 20.96
C ASP B 316 -6.28 27.69 21.43
N GLY B 317 -5.20 28.42 21.20
CA GLY B 317 -3.89 27.98 21.66
C GLY B 317 -3.81 27.94 23.17
N LEU B 318 -4.46 28.90 23.81
CA LEU B 318 -4.54 28.96 25.26
C LEU B 318 -5.31 27.75 25.80
N LYS B 319 -6.39 27.39 25.14
CA LYS B 319 -7.19 26.26 25.59
C LYS B 319 -6.39 24.96 25.51
N ASP B 320 -5.55 24.83 24.48
CA ASP B 320 -4.66 23.66 24.42
C ASP B 320 -3.65 23.69 25.57
N LEU B 321 -3.05 24.83 25.85
CA LEU B 321 -2.02 24.86 26.90
C LEU B 321 -2.65 24.56 28.27
N ARG B 322 -3.90 24.95 28.47
CA ARG B 322 -4.61 24.62 29.72
C ARG B 322 -4.69 23.11 29.93
N VAL B 323 -5.03 22.39 28.86
CA VAL B 323 -5.16 20.94 28.96
C VAL B 323 -3.78 20.29 29.07
N ILE B 324 -2.82 20.81 28.31
CA ILE B 324 -1.45 20.31 28.39
C ILE B 324 -0.90 20.39 29.83
N GLU B 325 -1.15 21.50 30.52
CA GLU B 325 -0.69 21.61 31.90
C GLU B 325 -1.35 20.54 32.78
N ALA B 326 -2.63 20.29 32.54
CA ALA B 326 -3.37 19.26 33.26
C ALA B 326 -2.87 17.85 32.95
N ILE B 327 -2.48 17.63 31.69
CA ILE B 327 -1.94 16.34 31.28
C ILE B 327 -0.60 16.05 31.97
N TYR B 328 0.31 17.01 31.97
CA TYR B 328 1.57 16.84 32.68
C TYR B 328 1.31 16.63 34.18
N ARG B 329 0.33 17.35 34.72
CA ARG B 329 0.00 17.22 36.15
C ARG B 329 -0.58 15.83 36.46
N ALA B 330 -1.49 15.36 35.62
CA ALA B 330 -2.10 14.05 35.81
C ALA B 330 -1.04 12.94 35.77
N ALA B 331 -0.06 13.05 34.89
CA ALA B 331 0.96 12.03 34.79
C ALA B 331 1.91 12.08 36.00
N ARG B 332 2.21 13.29 36.44
CA ARG B 332 3.10 13.53 37.58
C ARG B 332 2.49 13.01 38.89
N GLU B 333 1.21 13.32 39.09
CA GLU B 333 0.54 13.02 40.35
C GLU B 333 -0.22 11.69 40.34
N GLY B 334 -0.32 11.04 39.20
CA GLY B 334 -1.05 9.78 39.12
C GLY B 334 -2.49 9.92 39.57
N ARG B 335 -3.16 10.95 39.10
CA ARG B 335 -4.55 11.15 39.45
C ARG B 335 -5.29 11.80 38.31
N THR B 336 -6.61 11.70 38.34
CA THR B 336 -7.45 12.39 37.38
C THR B 336 -7.53 13.86 37.74
N VAL B 337 -7.13 14.72 36.81
CA VAL B 337 -7.13 16.16 37.03
C VAL B 337 -8.41 16.77 36.48
N LYS B 338 -9.11 17.57 37.29
CA LYS B 338 -10.38 18.15 36.88
C LYS B 338 -10.15 19.55 36.31
N LEU B 339 -10.91 19.88 35.27
CA LEU B 339 -10.85 21.17 34.59
C LEU B 339 -12.24 21.78 34.47
N ARG C 5 6.41 -39.67 -12.84
CA ARG C 5 5.26 -40.42 -13.34
C ARG C 5 4.36 -39.53 -14.20
N LYS C 6 4.49 -39.67 -15.52
CA LYS C 6 3.79 -38.79 -16.46
C LYS C 6 2.77 -39.53 -17.33
N LEU C 7 1.57 -38.99 -17.42
CA LEU C 7 0.57 -39.52 -18.33
C LEU C 7 0.77 -38.92 -19.73
N GLY C 8 0.46 -39.70 -20.75
CA GLY C 8 0.70 -39.31 -22.13
C GLY C 8 -0.50 -38.68 -22.80
N TYR C 9 -0.27 -37.53 -23.43
CA TYR C 9 -1.31 -36.81 -24.17
C TYR C 9 -1.21 -37.06 -25.66
N ALA C 10 -2.35 -37.32 -26.29
CA ALA C 10 -2.47 -37.21 -27.73
C ALA C 10 -3.15 -35.89 -28.07
N ILE C 11 -2.48 -35.03 -28.81
CA ILE C 11 -3.08 -33.76 -29.21
C ILE C 11 -3.82 -33.93 -30.54
N LEU C 12 -5.11 -33.65 -30.53
CA LEU C 12 -5.96 -33.87 -31.71
C LEU C 12 -6.45 -32.56 -32.31
N GLY C 13 -6.04 -32.30 -33.56
CA GLY C 13 -6.39 -31.07 -34.25
C GLY C 13 -5.27 -30.07 -34.11
N LEU C 14 -4.32 -30.12 -35.04
CA LEU C 14 -3.11 -29.34 -34.90
C LEU C 14 -3.27 -27.93 -35.45
N GLY C 15 -4.14 -27.14 -34.81
CA GLY C 15 -4.36 -25.77 -35.25
C GLY C 15 -3.59 -24.76 -34.42
N TYR C 16 -4.08 -23.53 -34.39
CA TYR C 16 -3.36 -22.45 -33.71
C TYR C 16 -3.18 -22.75 -32.23
N TYR C 17 -4.27 -23.07 -31.52
CA TYR C 17 -4.15 -23.23 -30.08
C TYR C 17 -3.28 -24.44 -29.74
N ALA C 18 -3.48 -25.54 -30.45
CA ALA C 18 -2.69 -26.74 -30.21
C ALA C 18 -1.19 -26.49 -30.40
N THR C 19 -0.82 -25.89 -31.52
CA THR C 19 0.60 -25.83 -31.91
C THR C 19 1.34 -24.60 -31.34
N ARG C 20 0.67 -23.46 -31.26
CA ARG C 20 1.31 -22.24 -30.78
C ARG C 20 1.28 -22.11 -29.26
N ILE C 21 0.23 -22.61 -28.64
CA ILE C 21 0.05 -22.36 -27.22
C ILE C 21 0.21 -23.59 -26.34
N ILE C 22 -0.50 -24.66 -26.67
CA ILE C 22 -0.51 -25.83 -25.79
C ILE C 22 0.76 -26.69 -25.86
N MET C 23 1.15 -27.11 -27.05
CA MET C 23 2.25 -28.07 -27.17
C MET C 23 3.58 -27.55 -26.56
N PRO C 24 3.91 -26.25 -26.73
CA PRO C 24 5.12 -25.79 -26.03
C PRO C 24 5.08 -25.86 -24.50
N ARG C 25 3.90 -26.03 -23.91
CA ARG C 25 3.80 -25.94 -22.47
C ARG C 25 3.88 -27.29 -21.76
N PHE C 26 4.09 -28.36 -22.51
CA PHE C 26 4.40 -29.63 -21.87
C PHE C 26 5.76 -29.54 -21.17
N ALA C 27 6.58 -28.59 -21.60
CA ALA C 27 7.92 -28.38 -21.03
C ALA C 27 7.88 -28.19 -19.52
N GLU C 28 6.88 -27.48 -19.02
CA GLU C 28 6.81 -27.20 -17.59
C GLU C 28 5.93 -28.17 -16.82
N CYS C 29 5.36 -29.16 -17.51
CA CYS C 29 4.53 -30.17 -16.84
C CYS C 29 5.32 -31.13 -15.97
N GLU C 30 4.75 -31.47 -14.81
CA GLU C 30 5.36 -32.44 -13.91
C GLU C 30 4.77 -33.83 -14.05
N HIS C 31 3.54 -33.92 -14.57
CA HIS C 31 2.84 -35.20 -14.62
C HIS C 31 2.23 -35.50 -15.98
N SER C 32 2.68 -34.78 -16.99
CA SER C 32 2.12 -34.90 -18.34
C SER C 32 3.22 -34.84 -19.39
N ARG C 33 3.07 -35.65 -20.43
CA ARG C 33 4.00 -35.58 -21.56
C ARG C 33 3.26 -35.69 -22.89
N LEU C 34 3.82 -35.08 -23.92
CA LEU C 34 3.30 -35.20 -25.27
C LEU C 34 3.66 -36.57 -25.81
N ALA C 35 2.65 -37.38 -26.15
CA ALA C 35 2.91 -38.77 -26.49
C ALA C 35 2.49 -39.09 -27.92
N ALA C 36 1.51 -38.36 -28.44
CA ALA C 36 0.99 -38.67 -29.77
C ALA C 36 0.37 -37.45 -30.44
N LEU C 37 0.24 -37.52 -31.76
CA LEU C 37 -0.36 -36.45 -32.55
C LEU C 37 -1.46 -37.01 -33.43
N VAL C 38 -2.59 -36.28 -33.52
CA VAL C 38 -3.70 -36.67 -34.38
C VAL C 38 -4.08 -35.48 -35.25
N SER C 39 -4.00 -35.67 -36.55
CA SER C 39 -4.17 -34.56 -37.49
C SER C 39 -4.74 -35.01 -38.84
N GLY C 40 -5.51 -34.13 -39.47
CA GLY C 40 -6.02 -34.37 -40.81
C GLY C 40 -5.07 -33.88 -41.87
N THR C 41 -3.92 -33.37 -41.44
CA THR C 41 -2.96 -32.76 -42.34
C THR C 41 -1.62 -33.49 -42.25
N PRO C 42 -1.33 -34.39 -43.21
CA PRO C 42 -0.10 -35.19 -43.17
C PRO C 42 1.15 -34.35 -42.93
N GLU C 43 1.23 -33.19 -43.59
CA GLU C 43 2.35 -32.26 -43.41
C GLU C 43 2.59 -31.89 -41.95
N LYS C 44 1.50 -31.68 -41.21
CA LYS C 44 1.62 -31.30 -39.80
C LYS C 44 2.16 -32.46 -38.96
N LEU C 45 1.73 -33.68 -39.28
CA LEU C 45 2.23 -34.84 -38.56
C LEU C 45 3.76 -34.95 -38.73
N LYS C 46 4.24 -34.67 -39.93
CA LYS C 46 5.67 -34.69 -40.20
C LYS C 46 6.39 -33.60 -39.42
N THR C 47 5.96 -32.35 -39.63
CA THR C 47 6.59 -31.21 -39.00
C THR C 47 6.64 -31.29 -37.47
N TYR C 48 5.48 -31.46 -36.83
CA TYR C 48 5.44 -31.47 -35.38
C TYR C 48 5.90 -32.81 -34.81
N GLY C 49 5.77 -33.87 -35.58
CA GLY C 49 6.33 -35.16 -35.19
C GLY C 49 7.85 -35.07 -35.07
N GLU C 50 8.47 -34.48 -36.08
CA GLU C 50 9.92 -34.29 -36.07
C GLU C 50 10.34 -33.26 -35.02
N GLN C 51 9.62 -32.14 -34.95
CA GLN C 51 9.94 -31.11 -33.97
C GLN C 51 9.87 -31.63 -32.53
N TYR C 52 8.87 -32.44 -32.22
CA TYR C 52 8.67 -32.91 -30.85
C TYR C 52 9.13 -34.34 -30.63
N GLY C 53 9.73 -34.95 -31.63
CA GLY C 53 10.29 -36.28 -31.48
C GLY C 53 9.24 -37.33 -31.24
N ILE C 54 8.14 -37.22 -31.97
CA ILE C 54 7.06 -38.20 -31.87
C ILE C 54 7.22 -39.24 -32.98
N PRO C 55 7.42 -40.51 -32.58
CA PRO C 55 7.60 -41.62 -33.53
C PRO C 55 6.43 -41.74 -34.50
N GLU C 56 6.66 -42.28 -35.68
CA GLU C 56 5.60 -42.39 -36.68
C GLU C 56 4.52 -43.35 -36.22
N THR C 57 4.86 -44.24 -35.28
CA THR C 57 3.89 -45.15 -34.69
C THR C 57 2.87 -44.40 -33.83
N HIS C 58 3.23 -43.17 -33.45
CA HIS C 58 2.39 -42.37 -32.56
C HIS C 58 1.82 -41.17 -33.29
N ARG C 59 1.78 -41.24 -34.62
CA ARG C 59 1.16 -40.21 -35.42
C ARG C 59 -0.08 -40.78 -36.09
N TYR C 60 -1.21 -40.10 -35.92
CA TYR C 60 -2.49 -40.60 -36.41
C TYR C 60 -3.19 -39.59 -37.30
N SER C 61 -3.95 -40.08 -38.27
CA SER C 61 -4.88 -39.25 -39.02
C SER C 61 -6.25 -39.44 -38.41
N TYR C 62 -7.24 -38.69 -38.87
CA TYR C 62 -8.60 -38.90 -38.40
C TYR C 62 -9.10 -40.25 -38.89
N GLU C 63 -8.49 -40.74 -39.96
CA GLU C 63 -8.81 -42.05 -40.52
C GLU C 63 -8.32 -43.19 -39.61
N THR C 64 -7.11 -43.06 -39.07
CA THR C 64 -6.53 -44.12 -38.26
C THR C 64 -6.64 -43.89 -36.76
N PHE C 65 -7.25 -42.79 -36.34
CA PHE C 65 -7.32 -42.42 -34.92
C PHE C 65 -7.83 -43.52 -33.99
N ASP C 66 -8.80 -44.31 -34.44
CA ASP C 66 -9.39 -45.33 -33.59
C ASP C 66 -8.38 -46.39 -33.18
N ARG C 67 -7.30 -46.52 -33.93
CA ARG C 67 -6.23 -47.48 -33.61
C ARG C 67 -5.52 -47.12 -32.31
N ILE C 68 -5.74 -45.90 -31.84
CA ILE C 68 -5.04 -45.40 -30.66
C ILE C 68 -5.40 -46.20 -29.40
N ILE C 69 -6.47 -46.97 -29.49
CA ILE C 69 -6.89 -47.85 -28.41
C ILE C 69 -5.78 -48.85 -28.03
N ASP C 70 -4.95 -49.20 -29.01
CA ASP C 70 -3.88 -50.18 -28.79
C ASP C 70 -2.55 -49.52 -28.39
N ASN C 71 -2.57 -48.20 -28.22
CA ASN C 71 -1.37 -47.46 -27.84
C ASN C 71 -1.38 -47.11 -26.35
N PRO C 72 -0.61 -47.85 -25.55
CA PRO C 72 -0.62 -47.68 -24.09
C PRO C 72 0.17 -46.46 -23.62
N ASP C 73 0.90 -45.82 -24.52
CA ASP C 73 1.60 -44.57 -24.21
C ASP C 73 0.62 -43.40 -24.12
N VAL C 74 -0.59 -43.61 -24.65
CA VAL C 74 -1.61 -42.55 -24.67
C VAL C 74 -2.66 -42.80 -23.60
N ASP C 75 -2.74 -41.87 -22.65
CA ASP C 75 -3.72 -41.93 -21.58
C ASP C 75 -4.88 -40.97 -21.84
N ILE C 76 -4.56 -39.84 -22.45
CA ILE C 76 -5.49 -38.71 -22.61
C ILE C 76 -5.50 -38.20 -24.05
N VAL C 77 -6.70 -37.93 -24.58
CA VAL C 77 -6.80 -37.26 -25.87
C VAL C 77 -7.32 -35.84 -25.62
N TYR C 78 -6.59 -34.86 -26.16
CA TYR C 78 -6.94 -33.45 -26.00
C TYR C 78 -7.53 -32.97 -27.33
N VAL C 79 -8.83 -32.70 -27.34
CA VAL C 79 -9.54 -32.34 -28.56
C VAL C 79 -9.51 -30.83 -28.77
N ILE C 80 -8.85 -30.36 -29.83
CA ILE C 80 -8.68 -28.92 -30.07
C ILE C 80 -9.08 -28.57 -31.50
N THR C 81 -10.31 -28.94 -31.84
CA THR C 81 -10.90 -28.77 -33.16
C THR C 81 -11.99 -27.69 -33.15
N PRO C 82 -12.56 -27.37 -34.32
CA PRO C 82 -13.77 -26.54 -34.28
C PRO C 82 -14.85 -27.16 -33.39
N ASN C 83 -15.74 -26.32 -32.89
CA ASN C 83 -16.65 -26.70 -31.83
C ASN C 83 -17.59 -27.86 -32.18
N SER C 84 -18.10 -27.89 -33.41
CA SER C 84 -19.05 -28.95 -33.78
C SER C 84 -18.40 -30.34 -33.77
N LEU C 85 -17.07 -30.40 -33.76
CA LEU C 85 -16.39 -31.70 -33.79
C LEU C 85 -15.94 -32.15 -32.41
N HIS C 86 -16.18 -31.33 -31.39
CA HIS C 86 -15.82 -31.72 -30.03
C HIS C 86 -16.53 -33.01 -29.62
N ARG C 87 -17.82 -33.09 -29.87
CA ARG C 87 -18.56 -34.28 -29.45
C ARG C 87 -18.10 -35.54 -30.22
N PRO C 88 -18.06 -35.51 -31.57
CA PRO C 88 -17.67 -36.78 -32.21
C PRO C 88 -16.26 -37.27 -31.86
N PHE C 89 -15.28 -36.38 -31.73
CA PHE C 89 -13.96 -36.83 -31.34
C PHE C 89 -13.89 -37.27 -29.88
N THR C 90 -14.66 -36.63 -29.01
CA THR C 90 -14.72 -37.06 -27.62
C THR C 90 -15.32 -38.46 -27.51
N GLU C 91 -16.40 -38.71 -28.23
CA GLU C 91 -17.03 -40.03 -28.25
C GLU C 91 -16.02 -41.09 -28.73
N ARG C 92 -15.28 -40.76 -29.78
CA ARG C 92 -14.29 -41.70 -30.33
C ARG C 92 -13.14 -41.95 -29.37
N ALA C 93 -12.71 -40.90 -28.68
CA ALA C 93 -11.62 -41.06 -27.72
C ALA C 93 -12.07 -41.96 -26.58
N ALA C 94 -13.30 -41.76 -26.14
CA ALA C 94 -13.84 -42.58 -25.07
C ALA C 94 -13.95 -44.04 -25.53
N ARG C 95 -14.34 -44.23 -26.79
CA ARG C 95 -14.49 -45.57 -27.33
C ARG C 95 -13.12 -46.25 -27.37
N ALA C 96 -12.07 -45.45 -27.56
CA ALA C 96 -10.70 -45.97 -27.59
C ALA C 96 -10.11 -46.06 -26.19
N GLY C 97 -10.95 -45.91 -25.17
CA GLY C 97 -10.54 -46.08 -23.79
C GLY C 97 -9.62 -45.00 -23.26
N LYS C 98 -9.69 -43.80 -23.83
CA LYS C 98 -8.85 -42.69 -23.38
C LYS C 98 -9.65 -41.69 -22.55
N HIS C 99 -9.00 -41.09 -21.56
CA HIS C 99 -9.55 -39.91 -20.90
C HIS C 99 -9.51 -38.74 -21.88
N VAL C 100 -10.36 -37.75 -21.64
CA VAL C 100 -10.51 -36.65 -22.58
C VAL C 100 -10.37 -35.28 -21.94
N MET C 101 -9.48 -34.46 -22.52
CA MET C 101 -9.48 -33.02 -22.32
C MET C 101 -10.11 -32.43 -23.56
N CYS C 102 -11.14 -31.60 -23.40
CA CYS C 102 -11.84 -31.01 -24.54
C CYS C 102 -11.82 -29.50 -24.40
N GLU C 103 -11.51 -28.80 -25.48
CA GLU C 103 -11.49 -27.34 -25.40
C GLU C 103 -12.89 -26.75 -25.23
N LYS C 104 -12.94 -25.51 -24.76
CA LYS C 104 -14.21 -24.78 -24.70
C LYS C 104 -14.51 -24.18 -26.08
N PRO C 105 -15.79 -23.86 -26.36
CA PRO C 105 -16.97 -24.28 -25.60
C PRO C 105 -17.08 -25.78 -25.74
N MET C 106 -17.63 -26.45 -24.74
CA MET C 106 -17.66 -27.90 -24.71
C MET C 106 -18.20 -28.51 -26.01
N ALA C 107 -19.35 -28.01 -26.44
CA ALA C 107 -19.96 -28.45 -27.68
C ALA C 107 -20.99 -27.41 -28.12
N ASN C 108 -21.66 -27.63 -29.25
CA ASN C 108 -22.55 -26.61 -29.80
C ASN C 108 -23.85 -26.44 -29.01
N THR C 109 -24.32 -27.52 -28.41
CA THR C 109 -25.61 -27.51 -27.72
C THR C 109 -25.57 -28.28 -26.41
N VAL C 110 -26.57 -28.03 -25.56
CA VAL C 110 -26.75 -28.77 -24.31
C VAL C 110 -26.80 -30.28 -24.57
N ALA C 111 -27.57 -30.69 -25.57
CA ALA C 111 -27.74 -32.11 -25.87
C ALA C 111 -26.39 -32.75 -26.17
N ASP C 112 -25.54 -32.02 -26.89
CA ASP C 112 -24.23 -32.55 -27.23
C ASP C 112 -23.37 -32.75 -25.98
N CYS C 113 -23.42 -31.78 -25.06
CA CYS C 113 -22.65 -31.89 -23.82
C CYS C 113 -23.08 -33.11 -23.01
N GLU C 114 -24.39 -33.31 -22.93
CA GLU C 114 -24.93 -34.43 -22.18
C GLU C 114 -24.45 -35.75 -22.78
N ALA C 115 -24.40 -35.82 -24.10
CA ALA C 115 -23.96 -37.06 -24.77
C ALA C 115 -22.47 -37.33 -24.51
N MET C 116 -21.66 -36.27 -24.50
CA MET C 116 -20.25 -36.40 -24.21
C MET C 116 -20.00 -36.91 -22.78
N ILE C 117 -20.73 -36.34 -21.82
CA ILE C 117 -20.65 -36.77 -20.44
C ILE C 117 -21.05 -38.24 -20.31
N ALA C 118 -22.12 -38.63 -21.00
CA ALA C 118 -22.62 -40.00 -20.91
C ALA C 118 -21.62 -40.98 -21.53
N ALA C 119 -21.00 -40.57 -22.63
CA ALA C 119 -20.06 -41.43 -23.33
C ALA C 119 -18.82 -41.69 -22.48
N CYS C 120 -18.30 -40.65 -21.85
CA CYS C 120 -17.12 -40.83 -21.02
C CYS C 120 -17.48 -41.63 -19.76
N LYS C 121 -18.67 -41.37 -19.21
CA LYS C 121 -19.12 -42.12 -18.04
C LYS C 121 -19.21 -43.62 -18.35
N LYS C 122 -19.77 -43.95 -19.50
CA LYS C 122 -19.90 -45.34 -19.95
C LYS C 122 -18.53 -45.99 -20.13
N ALA C 123 -17.57 -45.21 -20.62
CA ALA C 123 -16.21 -45.70 -20.85
C ALA C 123 -15.41 -45.80 -19.56
N GLY C 124 -15.94 -45.24 -18.48
CA GLY C 124 -15.21 -45.19 -17.23
C GLY C 124 -13.95 -44.35 -17.34
N ARG C 125 -14.04 -43.28 -18.13
CA ARG C 125 -12.92 -42.37 -18.31
C ARG C 125 -13.30 -40.95 -17.90
N LYS C 126 -12.32 -40.16 -17.50
CA LYS C 126 -12.59 -38.80 -17.04
C LYS C 126 -12.68 -37.82 -18.19
N LEU C 127 -13.40 -36.73 -17.96
CA LEU C 127 -13.62 -35.72 -18.97
C LEU C 127 -13.39 -34.36 -18.32
N MET C 128 -12.57 -33.54 -18.95
CA MET C 128 -12.25 -32.20 -18.44
C MET C 128 -12.33 -31.19 -19.57
N ILE C 129 -12.86 -30.00 -19.26
CA ILE C 129 -12.96 -28.92 -20.23
C ILE C 129 -11.84 -27.92 -20.01
N GLY C 130 -11.32 -27.35 -21.10
CA GLY C 130 -10.13 -26.51 -21.02
C GLY C 130 -10.34 -25.09 -20.53
N TYR C 131 -10.91 -24.95 -19.33
CA TYR C 131 -11.05 -23.64 -18.70
C TYR C 131 -9.76 -23.30 -17.95
N ARG C 132 -8.72 -22.95 -18.70
CA ARG C 132 -7.40 -22.69 -18.14
C ARG C 132 -7.38 -21.58 -17.09
N SER C 133 -8.33 -20.64 -17.17
CA SER C 133 -8.34 -19.52 -16.21
C SER C 133 -8.46 -20.00 -14.76
N ARG C 134 -9.01 -21.18 -14.54
CA ARG C 134 -9.14 -21.71 -13.18
C ARG C 134 -7.79 -22.12 -12.59
N PHE C 135 -6.75 -22.11 -13.41
CA PHE C 135 -5.39 -22.42 -12.98
C PHE C 135 -4.44 -21.24 -13.11
N GLN C 136 -5.02 -20.07 -13.38
CA GLN C 136 -4.27 -18.83 -13.60
C GLN C 136 -4.21 -18.04 -12.28
N ALA C 137 -3.03 -17.48 -11.98
CA ALA C 137 -2.74 -16.95 -10.64
C ALA C 137 -3.72 -15.87 -10.16
N HIS C 138 -3.98 -14.91 -11.04
CA HIS C 138 -4.82 -13.77 -10.68
C HIS C 138 -6.27 -14.21 -10.52
N ASN C 139 -6.71 -15.11 -11.38
CA ASN C 139 -8.07 -15.64 -11.25
C ASN C 139 -8.24 -16.42 -9.95
N ILE C 140 -7.25 -17.25 -9.61
CA ILE C 140 -7.30 -18.03 -8.38
C ILE C 140 -7.35 -17.08 -7.17
N GLU C 141 -6.60 -15.98 -7.26
CA GLU C 141 -6.57 -15.01 -6.19
C GLU C 141 -7.93 -14.31 -6.03
N ALA C 142 -8.57 -13.97 -7.15
CA ALA C 142 -9.91 -13.34 -7.08
C ALA C 142 -10.93 -14.26 -6.42
N ILE C 143 -10.93 -15.54 -6.81
CA ILE C 143 -11.82 -16.52 -6.19
C ILE C 143 -11.54 -16.64 -4.69
N LYS C 144 -10.25 -16.65 -4.33
CA LYS C 144 -9.87 -16.74 -2.92
C LYS C 144 -10.36 -15.53 -2.12
N LEU C 145 -10.19 -14.32 -2.66
CA LEU C 145 -10.67 -13.12 -1.98
C LEU C 145 -12.18 -13.19 -1.75
N VAL C 146 -12.93 -13.64 -2.75
CA VAL C 146 -14.36 -13.81 -2.56
C VAL C 146 -14.68 -14.83 -1.48
N ARG C 147 -14.08 -16.02 -1.60
CA ARG C 147 -14.39 -17.11 -0.67
C ARG C 147 -14.01 -16.76 0.76
N ASP C 148 -12.90 -16.05 0.94
CA ASP C 148 -12.44 -15.67 2.27
C ASP C 148 -13.26 -14.52 2.87
N GLY C 149 -14.20 -14.00 2.09
CA GLY C 149 -15.07 -12.95 2.59
C GLY C 149 -14.48 -11.55 2.51
N ALA C 150 -13.44 -11.36 1.72
CA ALA C 150 -12.79 -10.05 1.65
C ALA C 150 -13.71 -8.98 1.06
N LEU C 151 -14.68 -9.39 0.24
CA LEU C 151 -15.58 -8.44 -0.40
C LEU C 151 -16.92 -8.35 0.30
N GLY C 152 -17.18 -9.25 1.25
CA GLY C 152 -18.53 -9.47 1.74
C GLY C 152 -19.27 -10.25 0.67
N PRO C 153 -20.60 -10.41 0.82
CA PRO C 153 -21.39 -11.15 -0.18
C PRO C 153 -21.21 -10.54 -1.57
N VAL C 154 -21.05 -11.36 -2.61
CA VAL C 154 -20.92 -10.80 -3.96
C VAL C 154 -22.22 -10.11 -4.36
N ARG C 155 -22.12 -8.85 -4.80
CA ARG C 155 -23.32 -8.12 -5.25
C ARG C 155 -23.31 -7.96 -6.76
N THR C 156 -22.16 -7.57 -7.34
CA THR C 156 -22.08 -7.40 -8.79
C THR C 156 -20.81 -8.04 -9.38
N VAL C 157 -20.95 -8.57 -10.60
CA VAL C 157 -19.82 -8.99 -11.41
C VAL C 157 -20.02 -8.28 -12.73
N VAL C 158 -19.05 -7.47 -13.12
CA VAL C 158 -19.13 -6.80 -14.41
C VAL C 158 -17.95 -7.28 -15.24
N THR C 159 -18.25 -7.99 -16.33
CA THR C 159 -17.20 -8.65 -17.09
C THR C 159 -17.42 -8.55 -18.58
N ASP C 160 -16.36 -8.21 -19.32
CA ASP C 160 -16.47 -7.95 -20.75
C ASP C 160 -15.42 -8.79 -21.46
N HIS C 161 -15.82 -9.54 -22.49
CA HIS C 161 -14.86 -10.28 -23.29
C HIS C 161 -15.19 -10.13 -24.76
N GLY C 162 -14.18 -9.79 -25.54
CA GLY C 162 -14.38 -9.66 -26.96
C GLY C 162 -13.10 -9.38 -27.68
N PHE C 163 -13.09 -9.66 -28.98
CA PHE C 163 -11.99 -9.20 -29.81
C PHE C 163 -12.52 -8.88 -31.20
N THR C 164 -11.80 -8.03 -31.92
CA THR C 164 -12.21 -7.62 -33.26
C THR C 164 -11.81 -8.71 -34.26
N ILE C 165 -12.75 -9.60 -34.55
CA ILE C 165 -12.46 -10.76 -35.38
C ILE C 165 -12.26 -10.30 -36.83
N GLY C 166 -11.40 -11.02 -37.56
CA GLY C 166 -11.00 -10.58 -38.90
C GLY C 166 -11.59 -11.36 -40.06
N ASP C 167 -10.86 -12.36 -40.53
CA ASP C 167 -11.20 -13.07 -41.78
C ASP C 167 -12.60 -13.67 -41.73
N PRO C 168 -13.48 -13.23 -42.65
CA PRO C 168 -14.87 -13.71 -42.68
C PRO C 168 -15.01 -15.20 -42.99
N LYS C 169 -13.99 -15.81 -43.57
CA LYS C 169 -14.09 -17.19 -44.02
C LYS C 169 -13.75 -18.25 -42.96
N GLN C 170 -13.30 -17.80 -41.79
CA GLN C 170 -12.84 -18.73 -40.77
C GLN C 170 -14.00 -19.47 -40.08
N TRP C 171 -13.70 -20.62 -39.49
CA TRP C 171 -14.78 -21.47 -38.98
C TRP C 171 -15.54 -20.80 -37.83
N ARG C 172 -14.90 -19.88 -37.11
CA ARG C 172 -15.60 -19.23 -36.00
C ARG C 172 -16.81 -18.43 -36.46
N LEU C 173 -16.82 -18.02 -37.72
CA LEU C 173 -17.91 -17.24 -38.27
C LEU C 173 -18.87 -18.11 -39.09
N ASN C 174 -18.69 -19.43 -38.98
CA ASN C 174 -19.58 -20.40 -39.62
C ASN C 174 -20.48 -21.01 -38.55
N ARG C 175 -21.79 -20.83 -38.68
CA ARG C 175 -22.70 -21.23 -37.60
C ARG C 175 -22.66 -22.74 -37.37
N ALA C 176 -22.52 -23.50 -38.45
CA ALA C 176 -22.52 -24.96 -38.33
C ALA C 176 -21.33 -25.46 -37.51
N LEU C 177 -20.13 -24.94 -37.80
CA LEU C 177 -18.91 -25.39 -37.12
C LEU C 177 -18.74 -24.77 -35.74
N ALA C 178 -19.13 -23.51 -35.60
CA ALA C 178 -18.88 -22.77 -34.35
C ALA C 178 -20.01 -22.92 -33.32
N GLY C 179 -21.23 -23.12 -33.82
CA GLY C 179 -22.41 -23.24 -32.97
C GLY C 179 -23.01 -21.90 -32.58
N GLY C 180 -22.34 -20.81 -32.97
CA GLY C 180 -22.79 -19.47 -32.62
C GLY C 180 -21.60 -18.53 -32.76
N GLY C 181 -21.81 -17.25 -32.44
CA GLY C 181 -20.78 -16.24 -32.65
C GLY C 181 -19.97 -15.94 -31.41
N SER C 182 -19.87 -14.65 -31.08
CA SER C 182 -18.95 -14.25 -30.01
C SER C 182 -19.21 -14.99 -28.70
N LEU C 183 -20.48 -15.29 -28.39
CA LEU C 183 -20.81 -15.93 -27.12
C LEU C 183 -20.15 -17.29 -27.01
N MET C 184 -20.14 -18.05 -28.11
CA MET C 184 -19.58 -19.40 -28.05
C MET C 184 -18.06 -19.37 -27.88
N ASP C 185 -17.42 -18.37 -28.46
CA ASP C 185 -15.96 -18.34 -28.52
C ASP C 185 -15.29 -17.57 -27.39
N ILE C 186 -15.81 -16.38 -27.10
CA ILE C 186 -15.13 -15.47 -26.18
C ILE C 186 -16.06 -14.98 -25.07
N GLY C 187 -17.33 -14.74 -25.38
CA GLY C 187 -18.28 -14.34 -24.35
C GLY C 187 -18.42 -15.38 -23.26
N ILE C 188 -18.11 -16.62 -23.59
CA ILE C 188 -18.18 -17.70 -22.62
C ILE C 188 -17.23 -17.47 -21.43
N TYR C 189 -16.14 -16.74 -21.63
CA TYR C 189 -15.28 -16.37 -20.51
C TYR C 189 -15.99 -15.46 -19.50
N SER C 190 -16.84 -14.57 -20.00
CA SER C 190 -17.64 -13.69 -19.13
C SER C 190 -18.59 -14.52 -18.29
N LEU C 191 -19.29 -15.43 -18.96
CA LEU C 191 -20.20 -16.34 -18.30
C LEU C 191 -19.50 -17.25 -17.29
N ASN C 192 -18.42 -17.89 -17.72
CA ASN C 192 -17.70 -18.82 -16.86
C ASN C 192 -17.16 -18.12 -15.60
N ALA C 193 -16.63 -16.91 -15.78
CA ALA C 193 -16.13 -16.12 -14.64
C ALA C 193 -17.25 -15.71 -13.68
N ALA C 194 -18.38 -15.27 -14.22
CA ALA C 194 -19.53 -14.92 -13.37
C ALA C 194 -19.86 -16.12 -12.48
N ARG C 195 -19.78 -17.31 -13.05
CA ARG C 195 -20.10 -18.50 -12.30
C ARG C 195 -19.01 -18.83 -11.29
N TYR C 196 -17.72 -18.74 -11.64
CA TYR C 196 -16.73 -19.15 -10.65
C TYR C 196 -16.43 -18.05 -9.62
N LEU C 197 -16.73 -16.79 -9.94
CA LEU C 197 -16.56 -15.74 -8.94
C LEU C 197 -17.67 -15.76 -7.90
N THR C 198 -18.91 -16.03 -8.33
CA THR C 198 -20.00 -16.14 -7.37
C THR C 198 -20.02 -17.51 -6.70
N GLY C 199 -19.56 -18.51 -7.43
CA GLY C 199 -19.68 -19.88 -6.98
C GLY C 199 -21.11 -20.37 -7.11
N GLU C 200 -21.91 -19.66 -7.90
CA GLU C 200 -23.34 -19.96 -8.04
C GLU C 200 -23.74 -20.22 -9.50
N GLU C 201 -24.96 -20.73 -9.68
CA GLU C 201 -25.55 -20.90 -11.00
C GLU C 201 -26.72 -19.94 -11.17
N PRO C 202 -26.85 -19.31 -12.34
CA PRO C 202 -27.88 -18.28 -12.50
C PRO C 202 -29.30 -18.83 -12.51
N VAL C 203 -30.25 -18.03 -12.03
CA VAL C 203 -31.65 -18.40 -12.07
C VAL C 203 -32.49 -17.52 -13.00
N ALA C 204 -31.90 -16.44 -13.52
CA ALA C 204 -32.60 -15.58 -14.50
C ALA C 204 -31.58 -14.97 -15.45
N VAL C 205 -31.99 -14.79 -16.69
CA VAL C 205 -31.11 -14.32 -17.76
C VAL C 205 -31.82 -13.30 -18.64
N ASN C 206 -31.20 -12.13 -18.84
CA ASN C 206 -31.60 -11.18 -19.89
C ASN C 206 -30.51 -11.12 -20.95
N ALA C 207 -30.87 -10.77 -22.18
CA ALA C 207 -29.85 -10.54 -23.20
C ALA C 207 -30.33 -9.60 -24.30
N VAL C 208 -29.37 -8.91 -24.91
CA VAL C 208 -29.60 -8.07 -26.07
C VAL C 208 -28.55 -8.39 -27.14
N GLU C 209 -28.98 -8.65 -28.37
CA GLU C 209 -28.05 -8.87 -29.49
C GLU C 209 -27.95 -7.63 -30.36
N SER C 210 -26.74 -7.36 -30.86
CA SER C 210 -26.53 -6.31 -31.84
C SER C 210 -25.58 -6.82 -32.92
N THR C 211 -26.13 -7.11 -34.08
CA THR C 211 -25.36 -7.64 -35.19
C THR C 211 -25.81 -7.00 -36.52
N ASP C 212 -24.84 -6.50 -37.28
CA ASP C 212 -25.09 -6.04 -38.64
C ASP C 212 -24.97 -7.24 -39.59
N ARG C 213 -26.10 -7.77 -40.04
CA ARG C 213 -26.12 -8.93 -40.94
C ARG C 213 -25.45 -8.65 -42.30
N SER C 214 -25.33 -7.38 -42.64
CA SER C 214 -24.74 -7.02 -43.93
C SER C 214 -23.21 -6.98 -43.85
N ASP C 215 -22.69 -7.03 -42.63
CA ASP C 215 -21.25 -7.14 -42.43
C ASP C 215 -20.79 -8.50 -42.93
N PRO C 216 -19.75 -8.55 -43.77
CA PRO C 216 -19.25 -9.82 -44.33
C PRO C 216 -18.94 -10.88 -43.27
N ARG C 217 -18.63 -10.47 -42.05
CA ARG C 217 -18.27 -11.41 -40.99
C ARG C 217 -19.50 -12.08 -40.35
N PHE C 218 -20.63 -11.40 -40.39
CA PHE C 218 -21.73 -11.73 -39.49
C PHE C 218 -23.01 -12.15 -40.20
N GLY C 219 -22.88 -12.84 -41.33
CA GLY C 219 -24.05 -13.32 -42.03
C GLY C 219 -24.75 -14.44 -41.30
N GLU C 220 -24.01 -15.20 -40.49
CA GLU C 220 -24.52 -16.42 -39.86
C GLU C 220 -24.49 -16.41 -38.32
N VAL C 221 -23.57 -15.67 -37.73
CA VAL C 221 -23.43 -15.71 -36.26
C VAL C 221 -23.42 -14.30 -35.69
N GLU C 222 -23.55 -14.19 -34.36
CA GLU C 222 -23.70 -12.86 -33.77
C GLU C 222 -22.37 -12.16 -33.51
N ASP C 223 -22.45 -10.84 -33.56
CA ASP C 223 -21.36 -9.95 -33.22
C ASP C 223 -21.39 -9.69 -31.72
N ILE C 224 -22.33 -8.85 -31.30
CA ILE C 224 -22.47 -8.57 -29.87
C ILE C 224 -23.69 -9.26 -29.29
N ILE C 225 -23.51 -9.94 -28.17
CA ILE C 225 -24.68 -10.33 -27.40
C ILE C 225 -24.34 -10.15 -25.91
N ASN C 226 -24.94 -9.12 -25.33
CA ASN C 226 -24.67 -8.78 -23.93
C ASN C 226 -25.74 -9.40 -23.06
N PHE C 227 -25.37 -9.82 -21.84
CA PHE C 227 -26.36 -10.51 -21.02
C PHE C 227 -26.26 -10.15 -19.54
N GLN C 228 -27.37 -10.32 -18.85
CA GLN C 228 -27.44 -10.11 -17.42
C GLN C 228 -27.77 -11.43 -16.76
N LEU C 229 -27.18 -11.67 -15.60
CA LEU C 229 -27.48 -12.85 -14.80
C LEU C 229 -27.91 -12.48 -13.40
N LEU C 230 -28.90 -13.20 -12.87
CA LEU C 230 -29.26 -13.11 -11.46
C LEU C 230 -28.99 -14.47 -10.81
N PHE C 231 -28.41 -14.45 -9.61
CA PHE C 231 -28.05 -15.68 -8.88
C PHE C 231 -28.92 -15.79 -7.63
N PRO C 232 -29.04 -17.02 -7.08
CA PRO C 232 -29.91 -17.21 -5.91
C PRO C 232 -29.59 -16.32 -4.70
N SER C 233 -28.33 -15.98 -4.49
CA SER C 233 -27.93 -15.16 -3.35
C SER C 233 -28.37 -13.71 -3.50
N GLY C 234 -28.74 -13.33 -4.72
CA GLY C 234 -29.00 -11.95 -5.02
C GLY C 234 -27.86 -11.32 -5.82
N ALA C 235 -26.74 -12.04 -5.95
CA ALA C 235 -25.65 -11.54 -6.80
C ALA C 235 -26.12 -11.31 -8.22
N THR C 236 -25.54 -10.32 -8.89
CA THR C 236 -25.90 -9.98 -10.26
C THR C 236 -24.66 -9.94 -11.14
N ALA C 237 -24.84 -10.17 -12.43
CA ALA C 237 -23.74 -9.97 -13.38
C ALA C 237 -24.21 -9.24 -14.62
N ASN C 238 -23.39 -8.32 -15.10
CA ASN C 238 -23.58 -7.64 -16.38
C ASN C 238 -22.42 -8.08 -17.25
N CYS C 239 -22.72 -8.68 -18.39
CA CYS C 239 -21.66 -9.28 -19.20
C CYS C 239 -21.70 -8.80 -20.64
N VAL C 240 -20.53 -8.52 -21.20
CA VAL C 240 -20.39 -8.23 -22.62
C VAL C 240 -19.73 -9.42 -23.34
N SER C 241 -20.26 -9.72 -24.52
CA SER C 241 -19.66 -10.65 -25.47
C SER C 241 -19.61 -9.97 -26.83
N ALA C 242 -18.44 -9.86 -27.45
CA ALA C 242 -18.37 -9.11 -28.70
C ALA C 242 -17.32 -9.60 -29.68
N TYR C 243 -17.61 -9.42 -30.97
CA TYR C 243 -16.65 -9.71 -32.03
C TYR C 243 -16.23 -8.42 -32.72
N SER C 244 -16.56 -7.28 -32.12
CA SER C 244 -16.25 -5.97 -32.73
C SER C 244 -15.64 -4.96 -31.77
N VAL C 245 -15.25 -5.40 -30.58
CA VAL C 245 -14.46 -4.58 -29.66
C VAL C 245 -13.46 -5.46 -28.99
N ASN C 246 -12.38 -4.87 -28.51
CA ASN C 246 -11.40 -5.63 -27.75
C ASN C 246 -11.56 -5.36 -26.28
N CYS C 247 -11.86 -6.41 -25.52
CA CYS C 247 -12.01 -6.26 -24.07
C CYS C 247 -11.75 -7.60 -23.42
N ASN C 248 -11.21 -7.56 -22.20
CA ASN C 248 -10.97 -8.79 -21.49
C ASN C 248 -10.77 -8.44 -20.03
N ARG C 249 -11.85 -8.50 -19.25
CA ARG C 249 -11.74 -8.01 -17.90
C ARG C 249 -12.90 -8.47 -17.04
N TYR C 250 -12.71 -8.41 -15.74
CA TYR C 250 -13.87 -8.44 -14.85
C TYR C 250 -13.58 -7.70 -13.57
N ARG C 251 -14.66 -7.19 -12.96
CA ARG C 251 -14.60 -6.67 -11.59
C ARG C 251 -15.70 -7.34 -10.80
N VAL C 252 -15.37 -7.86 -9.62
CA VAL C 252 -16.38 -8.43 -8.74
C VAL C 252 -16.42 -7.58 -7.49
N SER C 253 -17.63 -7.23 -7.05
CA SER C 253 -17.77 -6.24 -5.98
C SER C 253 -18.77 -6.69 -4.93
N GLY C 254 -18.48 -6.33 -3.67
CA GLY C 254 -19.40 -6.54 -2.58
C GLY C 254 -19.34 -5.33 -1.66
N PRO C 255 -20.06 -5.40 -0.54
CA PRO C 255 -20.17 -4.22 0.34
C PRO C 255 -18.85 -3.80 0.95
N LYS C 256 -17.90 -4.74 1.07
CA LYS C 256 -16.62 -4.45 1.71
C LYS C 256 -15.54 -3.97 0.74
N GLY C 257 -15.80 -4.08 -0.57
CA GLY C 257 -14.82 -3.66 -1.55
C GLY C 257 -14.91 -4.47 -2.83
N TRP C 258 -13.91 -4.32 -3.69
CA TRP C 258 -13.96 -5.00 -4.97
C TRP C 258 -12.58 -5.38 -5.46
N VAL C 259 -12.55 -6.28 -6.44
CA VAL C 259 -11.28 -6.65 -7.07
C VAL C 259 -11.54 -6.86 -8.56
N GLU C 260 -10.59 -6.39 -9.37
CA GLU C 260 -10.73 -6.52 -10.82
C GLU C 260 -9.43 -7.02 -11.43
N ILE C 261 -9.54 -7.63 -12.61
CA ILE C 261 -8.38 -8.07 -13.37
C ILE C 261 -8.57 -7.63 -14.80
N ASP C 262 -7.56 -7.00 -15.38
CA ASP C 262 -7.64 -6.47 -16.73
C ASP C 262 -6.22 -6.36 -17.28
N PRO C 263 -5.86 -7.25 -18.22
CA PRO C 263 -6.67 -8.33 -18.80
C PRO C 263 -6.90 -9.46 -17.80
N ALA C 264 -8.02 -10.16 -17.94
CA ALA C 264 -8.41 -11.16 -16.96
C ALA C 264 -8.06 -12.59 -17.35
N THR C 265 -8.35 -12.94 -18.60
CA THR C 265 -8.30 -14.35 -19.02
C THR C 265 -7.44 -14.51 -20.28
N SER C 266 -6.51 -13.59 -20.48
CA SER C 266 -5.57 -13.66 -21.59
C SER C 266 -4.53 -14.76 -21.36
N TYR C 267 -3.72 -15.05 -22.37
CA TYR C 267 -2.66 -16.03 -22.24
C TYR C 267 -1.60 -15.57 -21.24
N GLN C 268 -1.35 -14.26 -21.22
CA GLN C 268 -0.45 -13.68 -20.25
C GLN C 268 -0.82 -12.21 -20.02
N GLY C 269 -0.16 -11.56 -19.07
CA GLY C 269 -0.26 -10.12 -18.93
C GLY C 269 -1.28 -9.63 -17.93
N GLN C 270 -1.92 -10.56 -17.24
CA GLN C 270 -2.91 -10.25 -16.20
C GLN C 270 -2.39 -9.21 -15.22
N ALA C 271 -3.26 -8.28 -14.84
CA ALA C 271 -2.95 -7.25 -13.86
C ALA C 271 -4.18 -7.07 -12.99
N MET C 272 -3.99 -7.13 -11.67
CA MET C 272 -5.11 -7.04 -10.73
C MET C 272 -5.05 -5.74 -9.93
N ARG C 273 -6.21 -5.14 -9.70
CA ARG C 273 -6.30 -3.96 -8.86
C ARG C 273 -7.43 -4.24 -7.87
N ALA C 274 -7.32 -3.74 -6.64
CA ALA C 274 -8.32 -4.09 -5.64
C ALA C 274 -8.58 -2.90 -4.72
N GLN C 275 -9.84 -2.77 -4.31
CA GLN C 275 -10.25 -1.70 -3.42
C GLN C 275 -10.77 -2.42 -2.20
N LEU C 276 -9.92 -2.53 -1.19
CA LEU C 276 -10.21 -3.37 -0.05
C LEU C 276 -10.12 -2.57 1.25
N GLY C 277 -8.91 -2.32 1.72
CA GLY C 277 -8.74 -1.48 2.88
C GLY C 277 -9.18 -0.05 2.55
N GLY C 278 -8.38 0.60 1.71
CA GLY C 278 -8.64 1.95 1.31
C GLY C 278 -8.79 2.06 -0.19
N PRO C 279 -8.15 3.07 -0.78
CA PRO C 279 -8.29 3.39 -2.20
C PRO C 279 -7.83 2.23 -3.07
N PRO C 280 -8.29 2.18 -4.33
CA PRO C 280 -7.84 1.11 -5.23
C PRO C 280 -6.33 1.09 -5.36
N ALA C 281 -5.75 -0.10 -5.39
CA ALA C 281 -4.31 -0.24 -5.51
C ALA C 281 -3.99 -1.55 -6.23
N PRO C 282 -2.83 -1.60 -6.89
CA PRO C 282 -2.43 -2.90 -7.46
C PRO C 282 -2.36 -3.98 -6.40
N ARG C 283 -2.59 -5.22 -6.79
CA ARG C 283 -2.42 -6.36 -5.90
C ARG C 283 -1.72 -7.48 -6.67
N GLU C 284 -0.68 -8.05 -6.08
CA GLU C 284 -0.03 -9.22 -6.64
C GLU C 284 -0.64 -10.49 -6.08
N PRO C 285 -1.02 -11.43 -6.95
CA PRO C 285 -1.62 -12.66 -6.45
C PRO C 285 -0.58 -13.60 -5.84
N ALA C 286 -1.04 -14.56 -5.04
CA ALA C 286 -0.17 -15.63 -4.58
C ALA C 286 0.45 -16.33 -5.78
N PRO C 287 1.78 -16.54 -5.75
CA PRO C 287 2.41 -17.17 -6.90
C PRO C 287 1.96 -18.61 -7.09
N GLN C 288 1.94 -19.06 -8.34
CA GLN C 288 1.60 -20.43 -8.68
C GLN C 288 2.85 -21.11 -9.19
N PRO C 289 3.02 -22.40 -8.89
CA PRO C 289 4.24 -23.09 -9.32
C PRO C 289 4.37 -23.21 -10.83
N LYS C 290 3.24 -23.35 -11.54
CA LYS C 290 3.25 -23.53 -12.98
C LYS C 290 2.29 -22.57 -13.67
N ASN C 291 2.59 -22.25 -14.93
CA ASN C 291 1.71 -21.44 -15.76
C ASN C 291 0.36 -22.13 -15.98
N GLN C 292 -0.64 -21.37 -16.43
CA GLN C 292 -2.01 -21.87 -16.45
C GLN C 292 -2.19 -23.05 -17.40
N PHE C 293 -1.41 -23.07 -18.48
CA PHE C 293 -1.52 -24.13 -19.47
C PHE C 293 -0.97 -25.45 -18.92
N SER C 294 0.26 -25.43 -18.42
CA SER C 294 0.88 -26.62 -17.83
C SER C 294 0.09 -27.10 -16.63
N ALA C 295 -0.41 -26.15 -15.83
CA ALA C 295 -1.20 -26.50 -14.66
C ALA C 295 -2.50 -27.20 -15.06
N GLN C 296 -3.10 -26.75 -16.17
CA GLN C 296 -4.33 -27.37 -16.68
C GLN C 296 -4.08 -28.81 -17.10
N LEU C 297 -3.05 -29.00 -17.91
CA LEU C 297 -2.63 -30.32 -18.39
C LEU C 297 -2.37 -31.25 -17.21
N ASP C 298 -1.60 -30.77 -16.23
CA ASP C 298 -1.25 -31.62 -15.10
C ASP C 298 -2.45 -31.93 -14.21
N HIS C 299 -3.43 -31.04 -14.19
CA HIS C 299 -4.59 -31.26 -13.33
C HIS C 299 -5.33 -32.54 -13.72
N LEU C 300 -5.57 -32.72 -15.02
CA LEU C 300 -6.26 -33.92 -15.48
C LEU C 300 -5.44 -35.16 -15.14
N SER C 301 -4.15 -35.11 -15.43
CA SER C 301 -3.24 -36.22 -15.15
C SER C 301 -3.25 -36.59 -13.66
N GLU C 302 -3.20 -35.59 -12.80
CA GLU C 302 -3.19 -35.83 -11.37
C GLU C 302 -4.52 -36.38 -10.89
N CYS C 303 -5.62 -35.94 -11.50
CA CYS C 303 -6.93 -36.50 -11.21
C CYS C 303 -7.00 -37.98 -11.57
N ILE C 304 -6.45 -38.33 -12.72
CA ILE C 304 -6.42 -39.73 -13.12
C ILE C 304 -5.56 -40.56 -12.15
N LEU C 305 -4.39 -40.04 -11.81
CA LEU C 305 -3.46 -40.74 -10.93
C LEU C 305 -4.02 -40.94 -9.52
N THR C 306 -4.86 -40.02 -9.07
CA THR C 306 -5.35 -40.07 -7.69
C THR C 306 -6.82 -40.46 -7.60
N GLY C 307 -7.44 -40.67 -8.76
CA GLY C 307 -8.85 -41.05 -8.80
C GLY C 307 -9.80 -39.97 -8.31
N ARG C 308 -9.48 -38.71 -8.58
CA ARG C 308 -10.33 -37.60 -8.18
C ARG C 308 -11.00 -36.97 -9.39
N GLU C 309 -12.01 -36.13 -9.15
CA GLU C 309 -12.72 -35.49 -10.25
C GLU C 309 -12.14 -34.11 -10.56
N PRO C 310 -11.96 -33.82 -11.86
CA PRO C 310 -11.46 -32.51 -12.30
C PRO C 310 -12.31 -31.37 -11.75
N ILE C 311 -11.70 -30.25 -11.39
CA ILE C 311 -12.47 -29.13 -10.87
C ILE C 311 -13.31 -28.49 -11.98
N VAL C 312 -12.90 -28.70 -13.23
CA VAL C 312 -13.68 -28.24 -14.37
C VAL C 312 -14.03 -29.43 -15.27
N GLY C 313 -14.91 -30.27 -14.76
CA GLY C 313 -15.33 -31.46 -15.46
C GLY C 313 -16.37 -31.15 -16.54
N GLY C 314 -16.88 -32.19 -17.18
CA GLY C 314 -17.85 -32.02 -18.24
C GLY C 314 -19.08 -31.28 -17.74
N ASP C 315 -19.40 -31.46 -16.45
CA ASP C 315 -20.57 -30.78 -15.90
C ASP C 315 -20.40 -29.26 -15.89
N ASP C 316 -19.17 -28.77 -15.74
CA ASP C 316 -18.92 -27.33 -15.82
C ASP C 316 -19.21 -26.81 -17.23
N GLY C 317 -18.76 -27.56 -18.23
CA GLY C 317 -19.00 -27.20 -19.62
C GLY C 317 -20.48 -27.22 -19.95
N LEU C 318 -21.18 -28.20 -19.39
CA LEU C 318 -22.61 -28.34 -19.61
C LEU C 318 -23.35 -27.17 -18.98
N LYS C 319 -22.94 -26.81 -17.77
CA LYS C 319 -23.59 -25.71 -17.08
C LYS C 319 -23.45 -24.42 -17.89
N ASP C 320 -22.30 -24.20 -18.52
CA ASP C 320 -22.16 -23.03 -19.40
C ASP C 320 -23.10 -23.12 -20.61
N LEU C 321 -23.17 -24.27 -21.26
CA LEU C 321 -24.05 -24.40 -22.43
C LEU C 321 -25.53 -24.19 -22.08
N ARG C 322 -25.92 -24.61 -20.88
CA ARG C 322 -27.28 -24.38 -20.40
C ARG C 322 -27.59 -22.89 -20.34
N VAL C 323 -26.65 -22.13 -19.79
CA VAL C 323 -26.89 -20.69 -19.69
C VAL C 323 -26.78 -20.03 -21.07
N ILE C 324 -25.86 -20.50 -21.91
CA ILE C 324 -25.74 -19.95 -23.26
C ILE C 324 -27.04 -20.15 -24.05
N GLU C 325 -27.64 -21.32 -23.97
CA GLU C 325 -28.94 -21.54 -24.58
C GLU C 325 -29.99 -20.53 -24.08
N ALA C 326 -30.00 -20.26 -22.77
CA ALA C 326 -30.92 -19.28 -22.17
C ALA C 326 -30.61 -17.85 -22.63
N ILE C 327 -29.33 -17.53 -22.80
CA ILE C 327 -28.93 -16.20 -23.29
C ILE C 327 -29.44 -15.98 -24.72
N TYR C 328 -29.21 -16.94 -25.60
CA TYR C 328 -29.70 -16.82 -26.97
C TYR C 328 -31.23 -16.71 -26.99
N ARG C 329 -31.89 -17.48 -26.14
CA ARG C 329 -33.35 -17.45 -26.07
C ARG C 329 -33.83 -16.10 -25.58
N ALA C 330 -33.19 -15.58 -24.55
CA ALA C 330 -33.58 -14.28 -23.99
C ALA C 330 -33.47 -13.14 -25.00
N ALA C 331 -32.40 -13.17 -25.81
CA ALA C 331 -32.20 -12.15 -26.84
C ALA C 331 -33.22 -12.30 -27.96
N ARG C 332 -33.55 -13.55 -28.29
CA ARG C 332 -34.48 -13.85 -29.37
C ARG C 332 -35.91 -13.45 -29.00
N GLU C 333 -36.30 -13.76 -27.76
CA GLU C 333 -37.68 -13.58 -27.32
C GLU C 333 -37.90 -12.25 -26.60
N GLY C 334 -36.82 -11.55 -26.28
CA GLY C 334 -36.97 -10.27 -25.59
C GLY C 334 -37.64 -10.40 -24.25
N ARG C 335 -37.23 -11.39 -23.47
CA ARG C 335 -37.77 -11.60 -22.13
C ARG C 335 -36.75 -12.24 -21.22
N THR C 336 -37.01 -12.14 -19.92
CA THR C 336 -36.16 -12.77 -18.92
C THR C 336 -36.41 -14.27 -18.91
N VAL C 337 -35.37 -15.04 -19.16
CA VAL C 337 -35.50 -16.49 -19.17
C VAL C 337 -35.13 -17.02 -17.79
N LYS C 338 -36.01 -17.84 -17.21
CA LYS C 338 -35.74 -18.41 -15.90
C LYS C 338 -35.07 -19.77 -16.00
N LEU C 339 -34.11 -20.00 -15.11
CA LEU C 339 -33.39 -21.27 -15.03
C LEU C 339 -33.54 -21.90 -13.66
N ARG D 5 -6.62 -39.90 17.75
CA ARG D 5 -7.12 -39.85 19.12
C ARG D 5 -7.95 -38.59 19.35
N LYS D 6 -9.22 -38.77 19.70
CA LYS D 6 -10.11 -37.63 19.92
C LYS D 6 -10.69 -37.62 21.33
N LEU D 7 -10.44 -36.56 22.07
CA LEU D 7 -11.06 -36.39 23.39
C LEU D 7 -12.47 -35.84 23.24
N GLY D 8 -13.38 -36.28 24.10
CA GLY D 8 -14.77 -35.90 24.00
C GLY D 8 -15.14 -34.65 24.76
N TYR D 9 -15.83 -33.74 24.09
CA TYR D 9 -16.33 -32.49 24.69
C TYR D 9 -17.80 -32.58 25.10
N ALA D 10 -18.10 -32.12 26.30
CA ALA D 10 -19.48 -31.85 26.68
C ALA D 10 -19.68 -30.34 26.58
N ILE D 11 -20.61 -29.91 25.73
CA ILE D 11 -20.91 -28.47 25.64
C ILE D 11 -22.00 -28.10 26.63
N LEU D 12 -21.72 -27.11 27.47
CA LEU D 12 -22.62 -26.76 28.56
C LEU D 12 -23.13 -25.32 28.38
N GLY D 13 -24.43 -25.18 28.18
CA GLY D 13 -25.02 -23.88 27.90
C GLY D 13 -25.20 -23.69 26.40
N LEU D 14 -26.35 -24.12 25.89
CA LEU D 14 -26.56 -24.14 24.46
C LEU D 14 -27.16 -22.82 23.96
N GLY D 15 -26.37 -21.76 24.06
CA GLY D 15 -26.82 -20.46 23.60
C GLY D 15 -26.22 -20.13 22.23
N TYR D 16 -26.12 -18.84 21.92
CA TYR D 16 -25.64 -18.42 20.62
C TYR D 16 -24.21 -18.91 20.32
N TYR D 17 -23.26 -18.59 21.18
CA TYR D 17 -21.86 -18.95 20.91
C TYR D 17 -21.70 -20.47 20.81
N ALA D 18 -22.33 -21.19 21.73
CA ALA D 18 -22.24 -22.65 21.73
C ALA D 18 -22.76 -23.24 20.41
N THR D 19 -23.97 -22.86 20.03
CA THR D 19 -24.65 -23.54 18.94
C THR D 19 -24.33 -23.00 17.55
N ARG D 20 -24.18 -21.68 17.42
CA ARG D 20 -23.92 -21.09 16.11
C ARG D 20 -22.44 -21.09 15.74
N ILE D 21 -21.58 -20.95 16.74
CA ILE D 21 -20.17 -20.72 16.45
C ILE D 21 -19.29 -21.92 16.78
N ILE D 22 -19.41 -22.46 17.99
CA ILE D 22 -18.50 -23.50 18.44
C ILE D 22 -18.83 -24.90 17.89
N MET D 23 -20.06 -25.35 18.06
CA MET D 23 -20.41 -26.73 17.75
C MET D 23 -20.19 -27.08 16.26
N PRO D 24 -20.47 -26.14 15.33
CA PRO D 24 -20.12 -26.46 13.94
C PRO D 24 -18.62 -26.63 13.66
N ARG D 25 -17.73 -26.21 14.56
CA ARG D 25 -16.31 -26.24 14.24
C ARG D 25 -15.58 -27.48 14.77
N PHE D 26 -16.33 -28.41 15.37
CA PHE D 26 -15.75 -29.71 15.68
C PHE D 26 -15.38 -30.43 14.37
N ALA D 27 -16.07 -30.05 13.30
CA ALA D 27 -15.84 -30.60 11.96
C ALA D 27 -14.36 -30.59 11.56
N GLU D 28 -13.66 -29.50 11.83
CA GLU D 28 -12.25 -29.40 11.44
C GLU D 28 -11.28 -29.84 12.54
N CYS D 29 -11.79 -30.31 13.67
CA CYS D 29 -10.89 -30.76 14.73
C CYS D 29 -10.21 -32.08 14.39
N GLU D 30 -8.95 -32.20 14.79
CA GLU D 30 -8.20 -33.45 14.65
C GLU D 30 -8.17 -34.28 15.92
N HIS D 31 -8.35 -33.63 17.07
CA HIS D 31 -8.16 -34.31 18.34
C HIS D 31 -9.30 -34.08 19.32
N SER D 32 -10.42 -33.60 18.80
CA SER D 32 -11.58 -33.29 19.61
C SER D 32 -12.85 -33.75 18.94
N ARG D 33 -13.81 -34.21 19.73
CA ARG D 33 -15.12 -34.56 19.19
C ARG D 33 -16.21 -34.12 20.14
N LEU D 34 -17.39 -33.88 19.60
CA LEU D 34 -18.55 -33.55 20.40
C LEU D 34 -19.14 -34.83 20.98
N ALA D 35 -19.20 -34.94 22.31
CA ALA D 35 -19.60 -36.18 22.96
C ALA D 35 -20.88 -36.04 23.79
N ALA D 36 -21.13 -34.85 24.34
CA ALA D 36 -22.31 -34.68 25.18
C ALA D 36 -22.85 -33.25 25.17
N LEU D 37 -24.10 -33.11 25.58
CA LEU D 37 -24.78 -31.82 25.67
C LEU D 37 -25.36 -31.60 27.07
N VAL D 38 -25.11 -30.42 27.62
CA VAL D 38 -25.65 -30.05 28.92
C VAL D 38 -26.45 -28.75 28.81
N SER D 39 -27.72 -28.78 29.20
CA SER D 39 -28.61 -27.65 28.93
C SER D 39 -29.73 -27.54 29.95
N GLY D 40 -30.16 -26.30 30.18
CA GLY D 40 -31.31 -26.05 31.05
C GLY D 40 -32.60 -26.00 30.25
N THR D 41 -32.52 -26.32 28.97
CA THR D 41 -33.69 -26.28 28.09
C THR D 41 -33.88 -27.63 27.39
N PRO D 42 -34.85 -28.43 27.83
CA PRO D 42 -35.07 -29.78 27.30
C PRO D 42 -35.18 -29.81 25.77
N GLU D 43 -35.90 -28.83 25.22
CA GLU D 43 -36.09 -28.75 23.76
C GLU D 43 -34.75 -28.65 23.01
N LYS D 44 -33.79 -27.91 23.58
CA LYS D 44 -32.49 -27.78 22.94
C LYS D 44 -31.72 -29.10 22.97
N LEU D 45 -31.90 -29.86 24.04
CA LEU D 45 -31.26 -31.17 24.13
C LEU D 45 -31.77 -32.09 23.02
N LYS D 46 -33.06 -32.00 22.75
CA LYS D 46 -33.66 -32.81 21.70
C LYS D 46 -33.19 -32.33 20.33
N THR D 47 -33.35 -31.03 20.08
CA THR D 47 -32.96 -30.41 18.82
C THR D 47 -31.52 -30.70 18.44
N TYR D 48 -30.59 -30.33 19.32
CA TYR D 48 -29.17 -30.46 19.00
C TYR D 48 -28.67 -31.88 19.20
N GLY D 49 -29.36 -32.64 20.04
CA GLY D 49 -29.00 -34.03 20.23
C GLY D 49 -29.27 -34.83 18.97
N GLU D 50 -30.40 -34.54 18.34
CA GLU D 50 -30.75 -35.21 17.09
C GLU D 50 -29.90 -34.68 15.95
N GLN D 51 -29.69 -33.37 15.90
CA GLN D 51 -28.87 -32.77 14.86
C GLN D 51 -27.44 -33.32 14.85
N TYR D 52 -26.84 -33.47 16.02
CA TYR D 52 -25.45 -33.90 16.09
C TYR D 52 -25.31 -35.38 16.46
N GLY D 53 -26.44 -36.07 16.56
CA GLY D 53 -26.42 -37.49 16.85
C GLY D 53 -25.89 -37.77 18.24
N ILE D 54 -26.35 -36.99 19.21
CA ILE D 54 -25.96 -37.20 20.60
C ILE D 54 -27.04 -38.03 21.28
N PRO D 55 -26.69 -39.24 21.72
CA PRO D 55 -27.69 -40.14 22.34
C PRO D 55 -28.20 -39.56 23.65
N GLU D 56 -29.40 -39.98 24.05
CA GLU D 56 -30.05 -39.44 25.23
C GLU D 56 -29.27 -39.74 26.50
N THR D 57 -28.44 -40.78 26.46
CA THR D 57 -27.57 -41.09 27.59
C THR D 57 -26.45 -40.06 27.76
N HIS D 58 -26.29 -39.21 26.74
CA HIS D 58 -25.23 -38.20 26.74
C HIS D 58 -25.82 -36.80 26.75
N ARG D 59 -27.10 -36.71 27.12
CA ARG D 59 -27.78 -35.44 27.27
C ARG D 59 -28.06 -35.18 28.75
N TYR D 60 -27.61 -34.04 29.26
CA TYR D 60 -27.79 -33.72 30.67
C TYR D 60 -28.51 -32.40 30.88
N SER D 61 -29.30 -32.33 31.95
CA SER D 61 -29.81 -31.05 32.40
C SER D 61 -28.80 -30.49 33.40
N TYR D 62 -29.01 -29.26 33.86
CA TYR D 62 -28.18 -28.72 34.92
C TYR D 62 -28.41 -29.50 36.21
N GLU D 63 -29.60 -30.08 36.34
CA GLU D 63 -29.92 -30.85 37.53
C GLU D 63 -29.24 -32.22 37.55
N THR D 64 -28.99 -32.80 36.38
CA THR D 64 -28.37 -34.13 36.32
C THR D 64 -26.90 -34.09 35.91
N PHE D 65 -26.37 -32.88 35.71
CA PHE D 65 -25.01 -32.68 35.21
C PHE D 65 -23.94 -33.44 35.99
N ASP D 66 -24.05 -33.50 37.31
CA ASP D 66 -23.00 -34.11 38.11
C ASP D 66 -22.83 -35.60 37.80
N ARG D 67 -23.87 -36.21 37.23
CA ARG D 67 -23.81 -37.61 36.82
C ARG D 67 -22.83 -37.85 35.68
N ILE D 68 -22.38 -36.78 35.03
CA ILE D 68 -21.43 -36.89 33.93
C ILE D 68 -20.12 -37.54 34.38
N ILE D 69 -19.91 -37.60 35.69
CA ILE D 69 -18.74 -38.27 36.25
C ILE D 69 -18.66 -39.74 35.82
N ASP D 70 -19.81 -40.34 35.54
CA ASP D 70 -19.86 -41.75 35.17
C ASP D 70 -19.83 -41.96 33.65
N ASN D 71 -19.61 -40.88 32.90
CA ASN D 71 -19.57 -40.94 31.44
C ASN D 71 -18.13 -40.85 30.94
N PRO D 72 -17.52 -41.98 30.57
CA PRO D 72 -16.12 -42.00 30.15
C PRO D 72 -15.88 -41.42 28.76
N ASP D 73 -16.96 -41.15 28.02
CA ASP D 73 -16.83 -40.54 26.70
C ASP D 73 -16.56 -39.04 26.81
N VAL D 74 -16.82 -38.48 27.98
CA VAL D 74 -16.59 -37.05 28.21
C VAL D 74 -15.27 -36.82 28.96
N ASP D 75 -14.38 -36.08 28.31
CA ASP D 75 -13.07 -35.77 28.89
C ASP D 75 -13.04 -34.33 29.36
N ILE D 76 -13.81 -33.50 28.67
CA ILE D 76 -13.76 -32.04 28.80
C ILE D 76 -15.17 -31.46 28.85
N VAL D 77 -15.40 -30.53 29.77
CA VAL D 77 -16.63 -29.77 29.77
C VAL D 77 -16.30 -28.34 29.35
N TYR D 78 -17.05 -27.83 28.38
CA TYR D 78 -16.84 -26.49 27.85
C TYR D 78 -18.00 -25.63 28.37
N VAL D 79 -17.69 -24.76 29.32
CA VAL D 79 -18.72 -23.92 29.93
C VAL D 79 -18.96 -22.64 29.14
N ILE D 80 -20.16 -22.52 28.57
CA ILE D 80 -20.51 -21.39 27.71
C ILE D 80 -21.79 -20.75 28.21
N THR D 81 -21.78 -20.32 29.47
CA THR D 81 -22.93 -19.73 30.14
C THR D 81 -22.74 -18.25 30.39
N PRO D 82 -23.78 -17.56 30.93
CA PRO D 82 -23.48 -16.20 31.40
C PRO D 82 -22.35 -16.20 32.44
N ASN D 83 -21.67 -15.07 32.55
CA ASN D 83 -20.42 -15.00 33.29
C ASN D 83 -20.49 -15.44 34.74
N SER D 84 -21.58 -15.10 35.41
CA SER D 84 -21.69 -15.39 36.84
C SER D 84 -21.86 -16.89 37.11
N LEU D 85 -22.10 -17.67 36.06
CA LEU D 85 -22.27 -19.10 36.22
C LEU D 85 -21.02 -19.88 35.82
N HIS D 86 -19.99 -19.18 35.37
CA HIS D 86 -18.74 -19.85 35.03
C HIS D 86 -18.15 -20.58 36.22
N ARG D 87 -18.11 -19.93 37.39
CA ARG D 87 -17.45 -20.56 38.54
C ARG D 87 -18.15 -21.86 38.99
N PRO D 88 -19.48 -21.84 39.28
CA PRO D 88 -20.09 -23.09 39.78
C PRO D 88 -20.04 -24.24 38.78
N PHE D 89 -20.27 -23.97 37.49
CA PHE D 89 -20.22 -25.07 36.51
C PHE D 89 -18.79 -25.60 36.32
N THR D 90 -17.80 -24.72 36.37
CA THR D 90 -16.41 -25.17 36.30
C THR D 90 -16.06 -26.07 37.50
N GLU D 91 -16.50 -25.67 38.69
CA GLU D 91 -16.18 -26.45 39.88
C GLU D 91 -16.89 -27.80 39.84
N ARG D 92 -18.15 -27.81 39.42
CA ARG D 92 -18.90 -29.06 39.32
C ARG D 92 -18.26 -29.98 38.28
N ALA D 93 -17.81 -29.40 37.18
CA ALA D 93 -17.13 -30.16 36.14
C ALA D 93 -15.84 -30.80 36.68
N ALA D 94 -15.05 -30.02 37.42
CA ALA D 94 -13.81 -30.52 38.00
C ALA D 94 -14.08 -31.65 39.00
N ARG D 95 -15.11 -31.47 39.81
CA ARG D 95 -15.46 -32.50 40.80
C ARG D 95 -16.00 -33.75 40.11
N ALA D 96 -16.51 -33.59 38.89
CA ALA D 96 -16.93 -34.75 38.10
C ALA D 96 -15.74 -35.35 37.33
N GLY D 97 -14.53 -34.91 37.64
CA GLY D 97 -13.33 -35.48 37.07
C GLY D 97 -13.06 -35.06 35.63
N LYS D 98 -13.62 -33.93 35.22
CA LYS D 98 -13.44 -33.45 33.85
C LYS D 98 -12.47 -32.29 33.75
N HIS D 99 -11.72 -32.25 32.65
CA HIS D 99 -10.97 -31.06 32.30
C HIS D 99 -11.98 -30.00 31.88
N VAL D 100 -11.59 -28.73 31.92
CA VAL D 100 -12.53 -27.66 31.67
C VAL D 100 -11.98 -26.63 30.68
N MET D 101 -12.80 -26.33 29.66
CA MET D 101 -12.65 -25.11 28.85
C MET D 101 -13.73 -24.13 29.32
N CYS D 102 -13.33 -22.93 29.72
CA CYS D 102 -14.28 -21.95 30.22
C CYS D 102 -14.22 -20.70 29.36
N GLU D 103 -15.37 -20.17 29.00
CA GLU D 103 -15.38 -18.96 28.20
C GLU D 103 -14.87 -17.76 28.99
N LYS D 104 -14.44 -16.74 28.26
CA LYS D 104 -14.11 -15.45 28.86
C LYS D 104 -15.39 -14.64 29.07
N PRO D 105 -15.37 -13.68 29.99
CA PRO D 105 -14.37 -13.50 31.05
C PRO D 105 -14.45 -14.70 31.99
N MET D 106 -13.34 -15.04 32.62
CA MET D 106 -13.23 -16.26 33.40
C MET D 106 -14.31 -16.32 34.48
N ALA D 107 -14.45 -15.22 35.22
CA ALA D 107 -15.45 -15.12 36.28
C ALA D 107 -15.64 -13.66 36.64
N ASN D 108 -16.53 -13.38 37.60
CA ASN D 108 -16.82 -11.99 37.98
C ASN D 108 -15.67 -11.32 38.71
N THR D 109 -14.89 -12.08 39.45
CA THR D 109 -13.88 -11.51 40.33
C THR D 109 -12.61 -12.31 40.38
N VAL D 110 -11.56 -11.67 40.87
CA VAL D 110 -10.30 -12.33 41.14
C VAL D 110 -10.51 -13.55 42.06
N ALA D 111 -11.25 -13.36 43.15
CA ALA D 111 -11.49 -14.45 44.10
C ALA D 111 -12.16 -15.65 43.43
N ASP D 112 -13.12 -15.38 42.54
CA ASP D 112 -13.81 -16.47 41.85
C ASP D 112 -12.85 -17.23 40.93
N CYS D 113 -11.99 -16.51 40.21
CA CYS D 113 -10.96 -17.15 39.39
C CYS D 113 -10.06 -18.05 40.23
N GLU D 114 -9.59 -17.51 41.36
CA GLU D 114 -8.75 -18.28 42.26
C GLU D 114 -9.44 -19.57 42.73
N ALA D 115 -10.74 -19.50 43.01
CA ALA D 115 -11.49 -20.67 43.44
C ALA D 115 -11.55 -21.73 42.33
N MET D 116 -11.75 -21.27 41.09
CA MET D 116 -11.85 -22.19 39.96
C MET D 116 -10.51 -22.87 39.71
N ILE D 117 -9.44 -22.10 39.78
CA ILE D 117 -8.09 -22.64 39.62
C ILE D 117 -7.83 -23.72 40.69
N ALA D 118 -8.18 -23.40 41.92
CA ALA D 118 -7.97 -24.31 43.04
C ALA D 118 -8.76 -25.61 42.86
N ALA D 119 -10.00 -25.51 42.39
CA ALA D 119 -10.82 -26.69 42.20
C ALA D 119 -10.25 -27.61 41.13
N CYS D 120 -9.76 -27.03 40.04
CA CYS D 120 -9.21 -27.87 38.97
C CYS D 120 -7.87 -28.46 39.41
N LYS D 121 -7.09 -27.70 40.18
CA LYS D 121 -5.84 -28.24 40.71
C LYS D 121 -6.10 -29.44 41.63
N LYS D 122 -7.09 -29.31 42.50
CA LYS D 122 -7.45 -30.38 43.44
C LYS D 122 -7.88 -31.63 42.71
N ALA D 123 -8.57 -31.44 41.60
CA ALA D 123 -9.08 -32.55 40.80
C ALA D 123 -8.01 -33.16 39.88
N GLY D 124 -6.86 -32.50 39.77
CA GLY D 124 -5.83 -32.95 38.85
C GLY D 124 -6.29 -32.88 37.39
N ARG D 125 -7.03 -31.82 37.08
CA ARG D 125 -7.58 -31.64 35.74
C ARG D 125 -7.17 -30.27 35.18
N LYS D 126 -7.07 -30.17 33.86
CA LYS D 126 -6.59 -28.94 33.23
C LYS D 126 -7.71 -27.92 33.06
N LEU D 127 -7.32 -26.65 33.09
CA LEU D 127 -8.26 -25.55 32.94
C LEU D 127 -7.75 -24.59 31.87
N MET D 128 -8.59 -24.32 30.87
CA MET D 128 -8.23 -23.40 29.79
C MET D 128 -9.34 -22.38 29.58
N ILE D 129 -8.96 -21.13 29.30
CA ILE D 129 -9.92 -20.07 29.05
C ILE D 129 -10.00 -19.84 27.55
N GLY D 130 -11.20 -19.59 27.06
CA GLY D 130 -11.45 -19.49 25.62
C GLY D 130 -10.97 -18.23 24.93
N TYR D 131 -9.67 -17.97 25.01
CA TYR D 131 -9.07 -16.84 24.31
C TYR D 131 -8.67 -17.27 22.89
N ARG D 132 -9.67 -17.46 22.05
CA ARG D 132 -9.49 -17.99 20.69
C ARG D 132 -8.54 -17.15 19.82
N SER D 133 -8.40 -15.86 20.13
CA SER D 133 -7.55 -15.02 19.30
C SER D 133 -6.10 -15.48 19.29
N ARG D 134 -5.69 -16.20 20.34
CA ARG D 134 -4.31 -16.68 20.41
C ARG D 134 -4.08 -17.78 19.37
N PHE D 135 -5.13 -18.22 18.70
CA PHE D 135 -5.05 -19.29 17.70
C PHE D 135 -5.40 -18.78 16.30
N GLN D 136 -5.60 -17.47 16.19
CA GLN D 136 -6.08 -16.86 14.96
C GLN D 136 -4.87 -16.34 14.17
N ALA D 137 -4.86 -16.57 12.85
CA ALA D 137 -3.64 -16.39 12.06
C ALA D 137 -3.02 -14.99 12.15
N HIS D 138 -3.86 -13.96 12.03
CA HIS D 138 -3.37 -12.59 12.03
C HIS D 138 -2.81 -12.21 13.39
N ASN D 139 -3.46 -12.67 14.45
CA ASN D 139 -2.98 -12.38 15.80
C ASN D 139 -1.64 -13.07 16.06
N ILE D 140 -1.51 -14.32 15.65
CA ILE D 140 -0.23 -15.03 15.77
C ILE D 140 0.87 -14.30 15.02
N GLU D 141 0.55 -13.76 13.85
CA GLU D 141 1.52 -13.02 13.05
C GLU D 141 1.98 -11.72 13.75
N ALA D 142 1.05 -10.99 14.36
CA ALA D 142 1.40 -9.78 15.10
C ALA D 142 2.34 -10.08 16.26
N ILE D 143 2.04 -11.15 17.00
CA ILE D 143 2.89 -11.59 18.10
C ILE D 143 4.30 -11.95 17.59
N LYS D 144 4.34 -12.65 16.45
CA LYS D 144 5.62 -13.02 15.85
C LYS D 144 6.45 -11.81 15.45
N LEU D 145 5.80 -10.82 14.82
CA LEU D 145 6.50 -9.60 14.44
C LEU D 145 7.11 -8.92 15.67
N VAL D 146 6.34 -8.86 16.76
CA VAL D 146 6.87 -8.28 18.01
C VAL D 146 8.05 -9.09 18.53
N ARG D 147 7.86 -10.40 18.64
CA ARG D 147 8.89 -11.27 19.19
CA ARG D 147 8.88 -11.31 19.16
C ARG D 147 10.18 -11.28 18.35
N ASP D 148 10.06 -11.20 17.04
CA ASP D 148 11.21 -11.19 16.15
C ASP D 148 11.94 -9.84 16.11
N GLY D 149 11.44 -8.87 16.86
CA GLY D 149 12.07 -7.56 16.89
C GLY D 149 11.79 -6.69 15.68
N ALA D 150 10.78 -7.06 14.88
CA ALA D 150 10.44 -6.30 13.69
C ALA D 150 10.05 -4.85 14.00
N LEU D 151 9.49 -4.63 15.19
CA LEU D 151 9.00 -3.31 15.58
C LEU D 151 9.97 -2.57 16.49
N GLY D 152 11.00 -3.29 16.95
CA GLY D 152 11.81 -2.81 18.05
C GLY D 152 11.01 -3.03 19.32
N PRO D 153 11.47 -2.46 20.44
CA PRO D 153 10.73 -2.62 21.69
C PRO D 153 9.32 -2.05 21.57
N VAL D 154 8.33 -2.76 22.06
CA VAL D 154 6.97 -2.24 22.00
C VAL D 154 6.86 -0.95 22.79
N ARG D 155 6.31 0.08 22.16
CA ARG D 155 6.17 1.36 22.84
C ARG D 155 4.71 1.66 23.10
N THR D 156 3.86 1.42 22.11
CA THR D 156 2.42 1.65 22.28
C THR D 156 1.59 0.49 21.74
N VAL D 157 0.49 0.21 22.45
CA VAL D 157 -0.58 -0.60 21.91
C VAL D 157 -1.85 0.23 21.98
N VAL D 158 -2.51 0.42 20.84
CA VAL D 158 -3.75 1.18 20.84
C VAL D 158 -4.82 0.24 20.33
N THR D 159 -5.80 -0.07 21.19
CA THR D 159 -6.75 -1.11 20.87
C THR D 159 -8.15 -0.73 21.35
N ASP D 160 -9.11 -0.92 20.46
CA ASP D 160 -10.49 -0.53 20.70
C ASP D 160 -11.40 -1.71 20.44
N HIS D 161 -12.25 -2.03 21.41
CA HIS D 161 -13.22 -3.10 21.25
C HIS D 161 -14.57 -2.65 21.79
N GLY D 162 -15.58 -2.76 20.94
CA GLY D 162 -16.92 -2.41 21.35
C GLY D 162 -17.94 -2.82 20.32
N PHE D 163 -19.18 -2.95 20.74
CA PHE D 163 -20.26 -3.06 19.76
C PHE D 163 -21.50 -2.39 20.32
N THR D 164 -22.39 -2.01 19.43
CA THR D 164 -23.62 -1.33 19.82
C THR D 164 -24.62 -2.36 20.34
N ILE D 165 -24.63 -2.60 21.65
CA ILE D 165 -25.45 -3.67 22.19
C ILE D 165 -26.93 -3.27 22.11
N GLY D 166 -27.80 -4.27 22.03
CA GLY D 166 -29.21 -4.03 21.75
C GLY D 166 -30.17 -4.18 22.92
N ASP D 167 -30.80 -5.35 23.00
CA ASP D 167 -31.89 -5.60 23.94
C ASP D 167 -31.51 -5.40 25.41
N PRO D 168 -32.14 -4.43 26.08
CA PRO D 168 -31.83 -4.14 27.49
C PRO D 168 -32.08 -5.32 28.44
N LYS D 169 -32.89 -6.29 28.02
CA LYS D 169 -33.27 -7.41 28.88
C LYS D 169 -32.27 -8.57 28.91
N GLN D 170 -31.27 -8.53 28.03
CA GLN D 170 -30.36 -9.66 27.92
C GLN D 170 -29.40 -9.73 29.10
N TRP D 171 -28.83 -10.90 29.33
CA TRP D 171 -28.07 -11.12 30.56
C TRP D 171 -26.82 -10.25 30.62
N ARG D 172 -26.25 -9.89 29.47
CA ARG D 172 -25.06 -9.04 29.47
C ARG D 172 -25.30 -7.67 30.11
N LEU D 173 -26.57 -7.25 30.19
CA LEU D 173 -26.89 -5.94 30.75
C LEU D 173 -27.49 -6.06 32.15
N ASN D 174 -27.37 -7.25 32.70
CA ASN D 174 -27.86 -7.59 34.02
C ASN D 174 -26.68 -7.89 34.94
N ARG D 175 -26.45 -7.06 35.96
CA ARG D 175 -25.22 -7.19 36.76
C ARG D 175 -25.12 -8.55 37.43
N ALA D 176 -26.24 -9.07 37.91
CA ALA D 176 -26.25 -10.37 38.60
C ALA D 176 -25.71 -11.51 37.72
N LEU D 177 -25.96 -11.45 36.42
CA LEU D 177 -25.52 -12.52 35.52
C LEU D 177 -24.23 -12.20 34.75
N ALA D 178 -23.97 -10.92 34.52
CA ALA D 178 -22.83 -10.49 33.69
C ALA D 178 -21.58 -10.15 34.49
N GLY D 179 -21.79 -9.70 35.73
CA GLY D 179 -20.69 -9.29 36.59
C GLY D 179 -20.10 -7.91 36.28
N GLY D 180 -20.60 -7.27 35.24
CA GLY D 180 -20.06 -5.99 34.80
C GLY D 180 -20.50 -5.74 33.37
N GLY D 181 -20.14 -4.58 32.83
CA GLY D 181 -20.61 -4.17 31.51
C GLY D 181 -19.64 -4.45 30.39
N SER D 182 -19.37 -3.46 29.56
CA SER D 182 -18.60 -3.69 28.34
C SER D 182 -17.22 -4.30 28.64
N LEU D 183 -16.60 -3.90 29.76
CA LEU D 183 -15.26 -4.37 30.06
C LEU D 183 -15.24 -5.88 30.24
N MET D 184 -16.30 -6.43 30.82
CA MET D 184 -16.36 -7.87 31.07
C MET D 184 -16.54 -8.64 29.77
N ASP D 185 -17.27 -8.06 28.83
CA ASP D 185 -17.68 -8.78 27.63
C ASP D 185 -16.78 -8.57 26.43
N ILE D 186 -16.45 -7.31 26.17
CA ILE D 186 -15.80 -6.99 24.91
C ILE D 186 -14.50 -6.22 25.15
N GLY D 187 -14.48 -5.38 26.18
CA GLY D 187 -13.26 -4.65 26.52
C GLY D 187 -12.13 -5.58 26.93
N ILE D 188 -12.48 -6.75 27.44
CA ILE D 188 -11.47 -7.72 27.83
C ILE D 188 -10.55 -8.11 26.64
N TYR D 189 -11.05 -7.99 25.41
CA TYR D 189 -10.19 -8.26 24.25
C TYR D 189 -9.07 -7.22 24.11
N SER D 190 -9.39 -5.97 24.41
CA SER D 190 -8.38 -4.92 24.40
C SER D 190 -7.30 -5.22 25.43
N LEU D 191 -7.76 -5.55 26.64
CA LEU D 191 -6.84 -5.89 27.71
C LEU D 191 -6.00 -7.13 27.39
N ASN D 192 -6.67 -8.19 26.98
CA ASN D 192 -5.97 -9.44 26.68
C ASN D 192 -4.93 -9.24 25.58
N ALA D 193 -5.28 -8.48 24.54
CA ALA D 193 -4.32 -8.18 23.48
C ALA D 193 -3.15 -7.33 23.96
N ALA D 194 -3.41 -6.33 24.81
CA ALA D 194 -2.30 -5.52 25.31
C ALA D 194 -1.30 -6.44 26.02
N ARG D 195 -1.82 -7.43 26.74
CA ARG D 195 -0.97 -8.36 27.47
C ARG D 195 -0.22 -9.32 26.54
N TYR D 196 -0.86 -9.87 25.50
CA TYR D 196 -0.12 -10.81 24.66
C TYR D 196 0.74 -10.15 23.59
N LEU D 197 0.44 -8.89 23.24
CA LEU D 197 1.31 -8.20 22.30
C LEU D 197 2.59 -7.71 22.99
N THR D 198 2.49 -7.27 24.25
CA THR D 198 3.68 -6.86 24.97
C THR D 198 4.42 -8.05 25.57
N GLY D 199 3.69 -9.13 25.87
CA GLY D 199 4.21 -10.25 26.63
C GLY D 199 4.42 -9.92 28.10
N GLU D 200 3.77 -8.83 28.55
CA GLU D 200 3.97 -8.31 29.91
C GLU D 200 2.68 -8.16 30.69
N GLU D 201 2.83 -7.92 31.99
CA GLU D 201 1.71 -7.64 32.88
C GLU D 201 1.80 -6.19 33.34
N PRO D 202 0.66 -5.48 33.37
CA PRO D 202 0.78 -4.06 33.68
C PRO D 202 1.11 -3.78 35.14
N VAL D 203 1.73 -2.64 35.39
CA VAL D 203 2.07 -2.22 36.73
C VAL D 203 1.33 -0.95 37.16
N ALA D 204 0.67 -0.29 36.22
CA ALA D 204 -0.15 0.89 36.54
C ALA D 204 -1.33 0.98 35.59
N VAL D 205 -2.45 1.47 36.12
CA VAL D 205 -3.72 1.55 35.39
C VAL D 205 -4.44 2.88 35.62
N ASN D 206 -4.84 3.55 34.53
CA ASN D 206 -5.80 4.66 34.58
C ASN D 206 -7.08 4.24 33.91
N ALA D 207 -8.19 4.87 34.28
CA ALA D 207 -9.45 4.63 33.57
C ALA D 207 -10.41 5.81 33.67
N VAL D 208 -11.27 5.92 32.66
CA VAL D 208 -12.40 6.85 32.71
C VAL D 208 -13.65 6.12 32.23
N GLU D 209 -14.74 6.28 32.97
CA GLU D 209 -16.00 5.67 32.59
C GLU D 209 -16.97 6.72 32.04
N SER D 210 -17.78 6.33 31.06
CA SER D 210 -18.82 7.22 30.55
C SER D 210 -20.06 6.41 30.22
N THR D 211 -21.10 6.57 31.02
CA THR D 211 -22.32 5.80 30.84
C THR D 211 -23.55 6.69 31.05
N ASP D 212 -24.46 6.68 30.08
CA ASP D 212 -25.73 7.41 30.20
C ASP D 212 -26.78 6.55 30.91
N ARG D 213 -27.04 6.86 32.18
CA ARG D 213 -27.93 6.02 32.98
C ARG D 213 -29.41 6.23 32.62
N SER D 214 -29.70 7.16 31.71
CA SER D 214 -31.06 7.34 31.23
C SER D 214 -31.31 6.44 30.01
N ASP D 215 -30.25 5.82 29.51
CA ASP D 215 -30.36 4.84 28.45
C ASP D 215 -30.90 3.54 29.04
N PRO D 216 -32.00 3.01 28.48
CA PRO D 216 -32.62 1.77 28.98
C PRO D 216 -31.65 0.57 29.06
N ARG D 217 -30.56 0.61 28.29
CA ARG D 217 -29.58 -0.48 28.31
C ARG D 217 -28.70 -0.48 29.57
N PHE D 218 -28.49 0.71 30.16
CA PHE D 218 -27.39 0.89 31.09
C PHE D 218 -27.81 1.25 32.51
N GLY D 219 -28.89 0.63 32.98
CA GLY D 219 -29.31 0.84 34.36
C GLY D 219 -28.39 0.16 35.38
N GLU D 220 -27.71 -0.90 34.95
CA GLU D 220 -26.99 -1.74 35.92
C GLU D 220 -25.50 -1.84 35.66
N VAL D 221 -25.08 -1.82 34.39
CA VAL D 221 -23.68 -2.03 34.05
C VAL D 221 -23.13 -0.89 33.19
N GLU D 222 -21.83 -0.85 32.99
CA GLU D 222 -21.21 0.31 32.31
C GLU D 222 -21.23 0.18 30.78
N ASP D 223 -21.28 1.35 30.14
CA ASP D 223 -21.18 1.44 28.69
C ASP D 223 -19.72 1.61 28.26
N ILE D 224 -19.19 2.82 28.38
CA ILE D 224 -17.79 3.04 28.01
C ILE D 224 -16.89 3.07 29.22
N ILE D 225 -15.83 2.28 29.20
CA ILE D 225 -14.78 2.46 30.20
C ILE D 225 -13.44 2.29 29.46
N ASN D 226 -12.74 3.40 29.31
CA ASN D 226 -11.48 3.40 28.58
C ASN D 226 -10.35 3.38 29.56
N PHE D 227 -9.26 2.70 29.23
CA PHE D 227 -8.18 2.57 30.22
C PHE D 227 -6.80 2.68 29.61
N GLN D 228 -5.84 3.06 30.46
CA GLN D 228 -4.43 3.11 30.07
C GLN D 228 -3.66 2.11 30.89
N LEU D 229 -2.69 1.46 30.28
CA LEU D 229 -1.81 0.53 30.96
C LEU D 229 -0.37 0.94 30.79
N LEU D 230 0.40 0.85 31.88
CA LEU D 230 1.85 0.94 31.83
C LEU D 230 2.46 -0.43 32.17
N PHE D 231 3.49 -0.82 31.42
CA PHE D 231 4.17 -2.11 31.62
C PHE D 231 5.61 -1.88 32.09
N PRO D 232 6.25 -2.90 32.72
CA PRO D 232 7.61 -2.72 33.27
C PRO D 232 8.66 -2.26 32.25
N SER D 233 8.55 -2.72 31.01
CA SER D 233 9.51 -2.37 29.96
C SER D 233 9.41 -0.90 29.55
N GLY D 234 8.29 -0.27 29.93
CA GLY D 234 8.01 1.08 29.48
C GLY D 234 6.93 1.10 28.43
N ALA D 235 6.55 -0.07 27.92
CA ALA D 235 5.44 -0.16 26.96
C ALA D 235 4.17 0.43 27.55
N THR D 236 3.35 1.04 26.69
CA THR D 236 2.08 1.61 27.13
C THR D 236 0.94 1.09 26.30
N ALA D 237 -0.27 1.14 26.84
CA ALA D 237 -1.45 0.81 26.05
C ALA D 237 -2.57 1.82 26.35
N ASN D 238 -3.26 2.24 25.29
CA ASN D 238 -4.51 3.00 25.37
C ASN D 238 -5.61 2.10 24.87
N CYS D 239 -6.63 1.86 25.69
CA CYS D 239 -7.66 0.88 25.35
C CYS D 239 -9.06 1.45 25.42
N VAL D 240 -9.90 1.07 24.46
CA VAL D 240 -11.33 1.40 24.51
C VAL D 240 -12.15 0.15 24.75
N SER D 241 -13.17 0.30 25.60
CA SER D 241 -14.18 -0.72 25.84
C SER D 241 -15.54 -0.05 25.76
N ALA D 242 -16.43 -0.53 24.90
CA ALA D 242 -17.67 0.21 24.68
C ALA D 242 -18.86 -0.65 24.33
N TYR D 243 -20.04 -0.22 24.79
CA TYR D 243 -21.29 -0.86 24.40
C TYR D 243 -22.15 0.07 23.53
N SER D 244 -21.62 1.23 23.15
CA SER D 244 -22.43 2.15 22.35
C SER D 244 -21.78 2.57 21.04
N VAL D 245 -20.60 2.02 20.73
CA VAL D 245 -19.97 2.18 19.42
C VAL D 245 -19.43 0.86 18.92
N ASN D 246 -19.17 0.79 17.61
CA ASN D 246 -18.57 -0.41 17.05
C ASN D 246 -17.10 -0.21 16.74
N CYS D 247 -16.26 -1.06 17.33
CA CYS D 247 -14.85 -1.07 17.04
C CYS D 247 -14.25 -2.43 17.37
N ASN D 248 -13.28 -2.84 16.58
CA ASN D 248 -12.57 -4.07 16.84
C ASN D 248 -11.23 -3.99 16.16
N ARG D 249 -10.21 -3.56 16.88
CA ARG D 249 -8.92 -3.35 16.26
C ARG D 249 -7.79 -3.21 17.27
N TYR D 250 -6.58 -3.43 16.80
CA TYR D 250 -5.42 -2.95 17.52
C TYR D 250 -4.28 -2.60 16.59
N ARG D 251 -3.47 -1.66 17.03
CA ARG D 251 -2.17 -1.39 16.42
C ARG D 251 -1.11 -1.46 17.51
N VAL D 252 -0.06 -2.23 17.25
CA VAL D 252 1.09 -2.24 18.14
C VAL D 252 2.27 -1.61 17.41
N SER D 253 2.96 -0.69 18.10
CA SER D 253 4.00 0.11 17.47
C SER D 253 5.28 0.16 18.31
N GLY D 254 6.42 0.23 17.60
CA GLY D 254 7.72 0.45 18.21
C GLY D 254 8.53 1.39 17.32
N PRO D 255 9.78 1.67 17.69
CA PRO D 255 10.55 2.65 16.92
C PRO D 255 10.87 2.20 15.49
N LYS D 256 10.84 0.89 15.23
CA LYS D 256 11.16 0.39 13.89
C LYS D 256 9.95 0.25 12.96
N GLY D 257 8.75 0.34 13.53
CA GLY D 257 7.56 0.19 12.72
C GLY D 257 6.33 -0.23 13.50
N TRP D 258 5.25 -0.56 12.80
CA TRP D 258 4.03 -0.98 13.47
C TRP D 258 3.21 -1.96 12.66
N VAL D 259 2.30 -2.66 13.32
CA VAL D 259 1.40 -3.58 12.64
C VAL D 259 0.02 -3.43 13.28
N GLU D 260 -1.01 -3.48 12.46
CA GLU D 260 -2.37 -3.37 12.99
C GLU D 260 -3.29 -4.39 12.33
N ILE D 261 -4.37 -4.73 13.04
CA ILE D 261 -5.40 -5.60 12.51
C ILE D 261 -6.76 -4.96 12.79
N ASP D 262 -7.61 -4.95 11.79
CA ASP D 262 -8.92 -4.31 11.88
C ASP D 262 -9.84 -4.89 10.81
N PRO D 263 -10.79 -5.75 11.19
CA PRO D 263 -11.10 -6.20 12.56
C PRO D 263 -10.02 -7.12 13.13
N ALA D 264 -9.84 -7.14 14.44
CA ALA D 264 -8.71 -7.84 15.02
C ALA D 264 -9.08 -9.18 15.61
N THR D 265 -10.20 -9.21 16.33
CA THR D 265 -10.58 -10.38 17.12
C THR D 265 -11.98 -10.87 16.79
N SER D 266 -12.43 -10.57 15.57
CA SER D 266 -13.74 -11.02 15.10
C SER D 266 -13.74 -12.53 14.82
N TYR D 267 -14.92 -13.10 14.60
CA TYR D 267 -15.01 -14.51 14.23
C TYR D 267 -14.29 -14.79 12.91
N GLN D 268 -14.36 -13.82 12.02
CA GLN D 268 -13.65 -13.89 10.74
C GLN D 268 -13.47 -12.49 10.18
N GLY D 269 -12.80 -12.38 9.05
CA GLY D 269 -12.72 -11.11 8.35
C GLY D 269 -11.50 -10.27 8.68
N GLN D 270 -10.62 -10.78 9.54
CA GLN D 270 -9.36 -10.09 9.91
C GLN D 270 -8.61 -9.54 8.71
N ALA D 271 -8.14 -8.31 8.84
CA ALA D 271 -7.32 -7.67 7.81
C ALA D 271 -6.16 -6.97 8.49
N MET D 272 -4.95 -7.24 8.01
CA MET D 272 -3.74 -6.72 8.63
C MET D 272 -3.01 -5.74 7.72
N ARG D 273 -2.46 -4.68 8.30
CA ARG D 273 -1.67 -3.69 7.58
C ARG D 273 -0.43 -3.41 8.43
N ALA D 274 0.72 -3.23 7.78
CA ALA D 274 1.94 -3.00 8.55
C ALA D 274 2.82 -1.93 7.91
N GLN D 275 3.56 -1.24 8.76
CA GLN D 275 4.51 -0.22 8.32
C GLN D 275 5.88 -0.64 8.81
N LEU D 276 6.71 -1.14 7.90
CA LEU D 276 8.01 -1.70 8.26
C LEU D 276 9.05 -1.22 7.27
N GLY D 277 9.55 0.00 7.48
CA GLY D 277 10.55 0.57 6.58
C GLY D 277 9.96 1.48 5.52
N GLY D 278 8.97 0.99 4.79
CA GLY D 278 8.29 1.78 3.79
C GLY D 278 6.89 2.15 4.23
N PRO D 279 6.10 2.70 3.30
CA PRO D 279 4.71 3.05 3.55
C PRO D 279 3.91 1.86 4.05
N PRO D 280 2.83 2.10 4.80
CA PRO D 280 1.97 1.01 5.25
C PRO D 280 1.49 0.16 4.07
N ALA D 281 1.44 -1.14 4.28
CA ALA D 281 1.07 -2.06 3.22
C ALA D 281 0.22 -3.17 3.81
N PRO D 282 -0.76 -3.66 3.04
CA PRO D 282 -1.48 -4.86 3.44
C PRO D 282 -0.49 -6.01 3.64
N ARG D 283 -0.79 -6.89 4.58
CA ARG D 283 0.07 -8.04 4.86
C ARG D 283 -0.78 -9.26 5.10
N GLU D 284 -0.50 -10.34 4.36
CA GLU D 284 -1.14 -11.62 4.65
C GLU D 284 -0.31 -12.35 5.68
N PRO D 285 -0.96 -12.89 6.73
CA PRO D 285 -0.22 -13.62 7.75
C PRO D 285 0.15 -15.02 7.29
N ALA D 286 1.12 -15.64 7.96
CA ALA D 286 1.41 -17.05 7.69
C ALA D 286 0.15 -17.85 7.96
N PRO D 287 -0.15 -18.80 7.06
CA PRO D 287 -1.40 -19.56 7.22
C PRO D 287 -1.35 -20.52 8.40
N GLN D 288 -2.52 -20.79 8.99
CA GLN D 288 -2.62 -21.78 10.07
C GLN D 288 -3.39 -22.98 9.55
N PRO D 289 -3.11 -24.17 10.11
CA PRO D 289 -3.75 -25.42 9.67
C PRO D 289 -5.26 -25.42 9.87
N LYS D 290 -5.69 -24.84 10.97
CA LYS D 290 -7.10 -24.85 11.36
C LYS D 290 -7.57 -23.47 11.77
N ASN D 291 -8.87 -23.23 11.63
CA ASN D 291 -9.49 -22.00 12.09
C ASN D 291 -9.33 -21.86 13.59
N GLN D 292 -9.53 -20.64 14.09
CA GLN D 292 -9.22 -20.33 15.48
C GLN D 292 -10.06 -21.14 16.47
N PHE D 293 -11.30 -21.48 16.08
CA PHE D 293 -12.19 -22.20 16.98
C PHE D 293 -11.77 -23.65 17.10
N SER D 294 -11.57 -24.30 15.97
CA SER D 294 -11.09 -25.68 15.97
C SER D 294 -9.71 -25.78 16.60
N ALA D 295 -8.87 -24.78 16.37
CA ALA D 295 -7.53 -24.78 16.93
C ALA D 295 -7.60 -24.66 18.45
N GLN D 296 -8.53 -23.86 18.93
CA GLN D 296 -8.70 -23.68 20.37
C GLN D 296 -9.14 -24.99 21.04
N LEU D 297 -10.19 -25.59 20.50
CA LEU D 297 -10.66 -26.89 20.99
C LEU D 297 -9.55 -27.94 20.99
N ASP D 298 -8.83 -28.06 19.88
CA ASP D 298 -7.76 -29.05 19.79
C ASP D 298 -6.59 -28.76 20.72
N HIS D 299 -6.36 -27.48 21.03
CA HIS D 299 -5.23 -27.14 21.90
C HIS D 299 -5.36 -27.78 23.27
N LEU D 300 -6.56 -27.69 23.86
CA LEU D 300 -6.79 -28.30 25.16
C LEU D 300 -6.62 -29.81 25.07
N SER D 301 -7.24 -30.40 24.05
CA SER D 301 -7.15 -31.85 23.85
C SER D 301 -5.70 -32.30 23.75
N GLU D 302 -4.90 -31.57 22.95
CA GLU D 302 -3.50 -31.93 22.76
C GLU D 302 -2.69 -31.75 24.04
N CYS D 303 -3.04 -30.73 24.83
CA CYS D 303 -2.38 -30.53 26.11
C CYS D 303 -2.63 -31.72 27.05
N ILE D 304 -3.86 -32.21 27.05
CA ILE D 304 -4.22 -33.36 27.88
C ILE D 304 -3.46 -34.60 27.39
N LEU D 305 -3.50 -34.83 26.08
CA LEU D 305 -2.85 -35.99 25.47
C LEU D 305 -1.35 -36.01 25.69
N THR D 306 -0.73 -34.84 25.79
CA THR D 306 0.73 -34.77 25.89
C THR D 306 1.21 -34.37 27.28
N GLY D 307 0.27 -34.09 28.18
CA GLY D 307 0.62 -33.68 29.53
C GLY D 307 1.32 -32.34 29.56
N ARG D 308 0.79 -31.37 28.81
CA ARG D 308 1.34 -30.03 28.79
C ARG D 308 0.33 -29.00 29.28
N GLU D 309 0.80 -27.80 29.56
CA GLU D 309 -0.06 -26.74 30.08
C GLU D 309 -0.58 -25.86 28.95
N PRO D 310 -1.90 -25.59 28.93
CA PRO D 310 -2.51 -24.68 27.95
C PRO D 310 -1.82 -23.32 27.95
N ILE D 311 -1.66 -22.73 26.76
CA ILE D 311 -0.97 -21.44 26.68
C ILE D 311 -1.85 -20.33 27.25
N VAL D 312 -3.16 -20.57 27.31
CA VAL D 312 -4.12 -19.67 27.95
C VAL D 312 -4.85 -20.41 29.08
N GLY D 313 -4.12 -20.71 30.14
CA GLY D 313 -4.70 -21.44 31.25
C GLY D 313 -5.49 -20.55 32.19
N GLY D 314 -5.90 -21.12 33.32
CA GLY D 314 -6.68 -20.37 34.30
C GLY D 314 -5.94 -19.14 34.78
N ASP D 315 -4.61 -19.24 34.86
CA ASP D 315 -3.81 -18.09 35.31
C ASP D 315 -3.94 -16.91 34.36
N ASP D 316 -4.14 -17.17 33.07
CA ASP D 316 -4.30 -16.07 32.11
C ASP D 316 -5.62 -15.34 32.35
N GLY D 317 -6.68 -16.11 32.58
CA GLY D 317 -7.97 -15.54 32.90
C GLY D 317 -7.93 -14.75 34.20
N LEU D 318 -7.18 -15.26 35.16
CA LEU D 318 -6.98 -14.59 36.45
C LEU D 318 -6.24 -13.27 36.28
N LYS D 319 -5.17 -13.30 35.49
CA LYS D 319 -4.41 -12.08 35.24
C LYS D 319 -5.28 -11.00 34.62
N ASP D 320 -6.19 -11.38 33.71
CA ASP D 320 -7.12 -10.38 33.18
C ASP D 320 -8.03 -9.83 34.27
N LEU D 321 -8.59 -10.70 35.11
CA LEU D 321 -9.51 -10.21 36.15
C LEU D 321 -8.81 -9.30 37.15
N ARG D 322 -7.53 -9.56 37.43
CA ARG D 322 -6.75 -8.67 38.30
C ARG D 322 -6.71 -7.25 37.73
N VAL D 323 -6.43 -7.14 36.43
CA VAL D 323 -6.37 -5.82 35.82
C VAL D 323 -7.77 -5.21 35.72
N ILE D 324 -8.78 -6.03 35.43
CA ILE D 324 -10.16 -5.53 35.35
C ILE D 324 -10.59 -4.91 36.68
N GLU D 325 -10.26 -5.57 37.78
CA GLU D 325 -10.59 -5.00 39.09
C GLU D 325 -9.88 -3.65 39.25
N ALA D 326 -8.64 -3.55 38.78
CA ALA D 326 -7.90 -2.30 38.88
C ALA D 326 -8.50 -1.20 37.98
N ILE D 327 -8.94 -1.60 36.80
CA ILE D 327 -9.56 -0.66 35.87
C ILE D 327 -10.83 -0.06 36.47
N TYR D 328 -11.70 -0.90 37.01
CA TYR D 328 -12.92 -0.41 37.64
C TYR D 328 -12.57 0.52 38.81
N ARG D 329 -11.56 0.13 39.59
CA ARG D 329 -11.15 0.94 40.74
C ARG D 329 -10.58 2.30 40.31
N ALA D 330 -9.74 2.28 39.28
CA ALA D 330 -9.16 3.53 38.78
C ALA D 330 -10.24 4.51 38.30
N ALA D 331 -11.26 4.01 37.63
CA ALA D 331 -12.34 4.87 37.16
C ALA D 331 -13.17 5.39 38.32
N ARG D 332 -13.35 4.55 39.34
CA ARG D 332 -14.15 4.93 40.50
C ARG D 332 -13.44 6.01 41.33
N GLU D 333 -12.15 5.81 41.54
CA GLU D 333 -11.38 6.64 42.46
C GLU D 333 -10.66 7.81 41.77
N GLY D 334 -10.67 7.82 40.44
CA GLY D 334 -9.99 8.89 39.71
C GLY D 334 -8.51 8.98 40.01
N ARG D 335 -7.83 7.83 40.04
CA ARG D 335 -6.40 7.83 40.32
C ARG D 335 -5.76 6.66 39.60
N THR D 336 -4.44 6.74 39.45
CA THR D 336 -3.66 5.65 38.88
C THR D 336 -3.54 4.52 39.90
N VAL D 337 -3.99 3.34 39.53
CA VAL D 337 -3.95 2.18 40.42
C VAL D 337 -2.69 1.38 40.11
N LYS D 338 -1.94 1.03 41.16
CA LYS D 338 -0.70 0.28 40.97
C LYS D 338 -0.93 -1.22 41.10
N LEU D 339 -0.19 -1.97 40.30
CA LEU D 339 -0.26 -3.43 40.30
C LEU D 339 1.13 -4.03 40.47
N ARG E 5 24.21 -36.23 24.07
CA ARG E 5 25.49 -36.51 23.43
C ARG E 5 26.18 -35.20 23.03
N LYS E 6 26.94 -34.63 23.97
CA LYS E 6 27.44 -33.26 23.81
C LYS E 6 28.96 -33.16 23.92
N LEU E 7 29.56 -32.45 22.97
CA LEU E 7 31.00 -32.21 23.00
C LEU E 7 31.31 -30.98 23.85
N GLY E 8 32.43 -31.03 24.56
CA GLY E 8 32.82 -29.97 25.48
C GLY E 8 33.61 -28.85 24.83
N TYR E 9 33.14 -27.63 25.03
CA TYR E 9 33.83 -26.43 24.56
C TYR E 9 34.66 -25.77 25.64
N ALA E 10 35.89 -25.44 25.31
CA ALA E 10 36.65 -24.50 26.10
C ALA E 10 36.60 -23.14 25.43
N ILE E 11 36.11 -22.13 26.14
CA ILE E 11 36.08 -20.78 25.59
C ILE E 11 37.35 -20.03 25.97
N LEU E 12 38.06 -19.52 24.97
CA LEU E 12 39.34 -18.87 25.18
C LEU E 12 39.28 -17.38 24.81
N GLY E 13 39.48 -16.51 25.80
CA GLY E 13 39.39 -15.08 25.59
C GLY E 13 38.02 -14.60 26.03
N LEU E 14 37.91 -14.24 27.30
CA LEU E 14 36.59 -13.96 27.84
C LEU E 14 36.29 -12.47 27.73
N GLY E 15 36.14 -12.01 26.49
CA GLY E 15 35.78 -10.63 26.22
C GLY E 15 34.31 -10.49 25.88
N TYR E 16 33.96 -9.44 25.12
CA TYR E 16 32.56 -9.13 24.85
C TYR E 16 31.85 -10.23 24.11
N TYR E 17 32.42 -10.68 22.99
CA TYR E 17 31.73 -11.66 22.17
C TYR E 17 31.58 -12.98 22.91
N ALA E 18 32.64 -13.42 23.57
CA ALA E 18 32.59 -14.67 24.32
C ALA E 18 31.53 -14.63 25.42
N THR E 19 31.53 -13.56 26.20
CA THR E 19 30.76 -13.56 27.44
C THR E 19 29.32 -13.08 27.26
N ARG E 20 29.12 -12.06 26.44
CA ARG E 20 27.78 -11.51 26.24
C ARG E 20 27.02 -12.25 25.15
N ILE E 21 27.71 -12.75 24.14
CA ILE E 21 26.98 -13.32 23.01
C ILE E 21 27.05 -14.85 22.96
N ILE E 22 28.24 -15.42 23.00
CA ILE E 22 28.38 -16.85 22.75
C ILE E 22 27.97 -17.71 23.95
N MET E 23 28.54 -17.43 25.12
CA MET E 23 28.36 -18.33 26.25
C MET E 23 26.88 -18.51 26.65
N PRO E 24 26.06 -17.44 26.58
CA PRO E 24 24.64 -17.70 26.89
C PRO E 24 23.94 -18.65 25.91
N ARG E 25 24.51 -18.86 24.71
CA ARG E 25 23.80 -19.61 23.69
C ARG E 25 24.10 -21.11 23.71
N PHE E 26 24.88 -21.57 24.68
CA PHE E 26 25.02 -23.01 24.88
C PHE E 26 23.68 -23.58 25.35
N ALA E 27 22.86 -22.71 25.94
CA ALA E 27 21.53 -23.11 26.42
C ALA E 27 20.67 -23.81 25.35
N GLU E 28 20.73 -23.35 24.11
CA GLU E 28 19.89 -23.95 23.06
C GLU E 28 20.61 -25.01 22.24
N CYS E 29 21.85 -25.32 22.60
CA CYS E 29 22.61 -26.34 21.89
C CYS E 29 22.11 -27.75 22.19
N GLU E 30 22.20 -28.61 21.19
CA GLU E 30 21.80 -30.02 21.33
C GLU E 30 23.00 -30.95 21.41
N HIS E 31 24.16 -30.49 20.97
CA HIS E 31 25.33 -31.37 20.89
C HIS E 31 26.60 -30.71 21.39
N SER E 32 26.43 -29.61 22.12
CA SER E 32 27.55 -28.84 22.64
C SER E 32 27.28 -28.38 24.06
N ARG E 33 28.32 -28.39 24.89
CA ARG E 33 28.20 -27.87 26.25
C ARG E 33 29.43 -27.07 26.62
N LEU E 34 29.27 -26.12 27.54
CA LEU E 34 30.40 -25.36 28.03
C LEU E 34 31.18 -26.18 29.07
N ALA E 35 32.43 -26.54 28.75
CA ALA E 35 33.21 -27.41 29.62
C ALA E 35 34.38 -26.71 30.32
N ALA E 36 34.93 -25.64 29.73
CA ALA E 36 36.09 -25.00 30.34
C ALA E 36 36.26 -23.53 29.96
N LEU E 37 37.08 -22.82 30.71
CA LEU E 37 37.36 -21.41 30.47
C LEU E 37 38.86 -21.17 30.42
N VAL E 38 39.29 -20.37 29.44
CA VAL E 38 40.69 -19.98 29.33
C VAL E 38 40.77 -18.47 29.23
N SER E 39 41.52 -17.86 30.14
CA SER E 39 41.53 -16.42 30.28
C SER E 39 42.83 -15.88 30.85
N GLY E 40 43.22 -14.69 30.42
CA GLY E 40 44.37 -14.00 30.96
C GLY E 40 44.01 -13.09 32.12
N THR E 41 42.77 -13.20 32.59
CA THR E 41 42.28 -12.38 33.70
C THR E 41 41.73 -13.27 34.80
N PRO E 42 42.45 -13.38 35.93
CA PRO E 42 42.03 -14.26 37.02
C PRO E 42 40.60 -14.00 37.50
N GLU E 43 40.22 -12.73 37.65
CA GLU E 43 38.88 -12.38 38.13
C GLU E 43 37.77 -12.94 37.23
N LYS E 44 38.01 -12.96 35.93
CA LYS E 44 37.01 -13.48 34.99
C LYS E 44 36.84 -15.00 35.13
N LEU E 45 37.94 -15.70 35.39
CA LEU E 45 37.86 -17.15 35.61
C LEU E 45 36.98 -17.44 36.81
N LYS E 46 37.13 -16.62 37.84
CA LYS E 46 36.33 -16.77 39.06
C LYS E 46 34.88 -16.41 38.80
N THR E 47 34.67 -15.24 38.19
CA THR E 47 33.32 -14.74 37.92
C THR E 47 32.49 -15.64 37.00
N TYR E 48 33.07 -16.05 35.88
CA TYR E 48 32.34 -16.84 34.91
C TYR E 48 32.37 -18.33 35.26
N GLY E 49 33.42 -18.75 35.98
CA GLY E 49 33.49 -20.12 36.45
C GLY E 49 32.38 -20.41 37.43
N GLU E 50 32.14 -19.45 38.33
CA GLU E 50 31.08 -19.60 39.33
C GLU E 50 29.72 -19.46 38.65
N GLN E 51 29.59 -18.50 37.74
CA GLN E 51 28.33 -18.29 37.04
C GLN E 51 27.89 -19.51 36.25
N TYR E 52 28.82 -20.13 35.53
CA TYR E 52 28.48 -21.25 34.67
C TYR E 52 28.78 -22.62 35.28
N GLY E 53 29.20 -22.63 36.54
CA GLY E 53 29.45 -23.89 37.24
C GLY E 53 30.62 -24.65 36.65
N ILE E 54 31.67 -23.91 36.32
CA ILE E 54 32.88 -24.53 35.79
C ILE E 54 33.89 -24.66 36.93
N PRO E 55 34.24 -25.91 37.29
CA PRO E 55 35.15 -26.17 38.41
C PRO E 55 36.56 -25.65 38.15
N GLU E 56 37.29 -25.32 39.22
CA GLU E 56 38.64 -24.76 39.10
C GLU E 56 39.58 -25.65 38.31
N THR E 57 39.32 -26.96 38.30
CA THR E 57 40.11 -27.88 37.50
C THR E 57 39.95 -27.60 36.00
N HIS E 58 38.88 -26.91 35.64
CA HIS E 58 38.58 -26.64 34.23
C HIS E 58 38.76 -25.16 33.89
N ARG E 59 39.50 -24.45 34.74
CA ARG E 59 39.83 -23.06 34.48
C ARG E 59 41.32 -22.95 34.18
N TYR E 60 41.64 -22.26 33.08
CA TYR E 60 43.03 -22.14 32.65
C TYR E 60 43.43 -20.70 32.40
N SER E 61 44.69 -20.39 32.67
CA SER E 61 45.27 -19.13 32.26
C SER E 61 45.89 -19.37 30.89
N TYR E 62 46.38 -18.31 30.25
CA TYR E 62 47.12 -18.49 29.00
C TYR E 62 48.42 -19.23 29.28
N GLU E 63 48.93 -19.08 30.50
CA GLU E 63 50.16 -19.74 30.88
C GLU E 63 50.00 -21.24 31.16
N THR E 64 48.82 -21.66 31.62
CA THR E 64 48.57 -23.09 31.88
C THR E 64 47.72 -23.76 30.80
N PHE E 65 47.38 -23.04 29.75
CA PHE E 65 46.46 -23.55 28.71
C PHE E 65 46.91 -24.85 28.08
N ASP E 66 48.21 -25.04 27.89
CA ASP E 66 48.68 -26.25 27.20
C ASP E 66 48.36 -27.51 27.99
N ARG E 67 48.12 -27.36 29.30
CA ARG E 67 47.74 -28.49 30.15
C ARG E 67 46.37 -29.05 29.79
N ILE E 68 45.62 -28.33 28.96
CA ILE E 68 44.27 -28.75 28.61
C ILE E 68 44.30 -30.07 27.84
N ILE E 69 45.46 -30.45 27.31
CA ILE E 69 45.63 -31.75 26.67
C ILE E 69 45.21 -32.92 27.57
N ASP E 70 45.35 -32.74 28.88
CA ASP E 70 45.01 -33.80 29.84
C ASP E 70 43.58 -33.71 30.35
N ASN E 71 42.74 -32.91 29.69
CA ASN E 71 41.35 -32.75 30.12
C ASN E 71 40.42 -33.37 29.08
N PRO E 72 39.89 -34.58 29.37
CA PRO E 72 39.08 -35.29 28.38
C PRO E 72 37.67 -34.70 28.24
N ASP E 73 37.32 -33.76 29.09
CA ASP E 73 36.02 -33.09 29.01
C ASP E 73 36.01 -32.03 27.91
N VAL E 74 37.20 -31.63 27.49
CA VAL E 74 37.34 -30.61 26.45
C VAL E 74 37.60 -31.25 25.09
N ASP E 75 36.71 -31.00 24.15
CA ASP E 75 36.83 -31.53 22.80
C ASP E 75 37.25 -30.43 21.83
N ILE E 76 36.79 -29.23 22.12
CA ILE E 76 36.93 -28.08 21.22
C ILE E 76 37.42 -26.85 21.97
N VAL E 77 38.36 -26.12 21.38
CA VAL E 77 38.71 -24.81 21.90
C VAL E 77 38.19 -23.74 20.94
N TYR E 78 37.42 -22.79 21.48
CA TYR E 78 36.87 -21.68 20.69
C TYR E 78 37.70 -20.45 20.99
N VAL E 79 38.50 -20.03 20.01
CA VAL E 79 39.42 -18.90 20.17
C VAL E 79 38.72 -17.59 19.85
N ILE E 80 38.55 -16.73 20.86
CA ILE E 80 37.80 -15.49 20.72
C ILE E 80 38.64 -14.31 21.24
N THR E 81 39.83 -14.18 20.66
CA THR E 81 40.83 -13.19 21.04
C THR E 81 40.98 -12.13 19.95
N PRO E 82 41.76 -11.07 20.21
CA PRO E 82 42.13 -10.19 19.10
C PRO E 82 42.76 -10.98 17.95
N ASN E 83 42.62 -10.47 16.73
CA ASN E 83 42.96 -11.21 15.53
C ASN E 83 44.39 -11.75 15.47
N SER E 84 45.35 -10.98 15.97
CA SER E 84 46.76 -11.35 15.88
C SER E 84 47.09 -12.55 16.77
N LEU E 85 46.16 -12.91 17.65
CA LEU E 85 46.39 -14.03 18.56
C LEU E 85 45.64 -15.28 18.13
N HIS E 86 44.90 -15.20 17.02
CA HIS E 86 44.18 -16.37 16.54
C HIS E 86 45.15 -17.50 16.19
N ARG E 87 46.23 -17.18 15.48
CA ARG E 87 47.14 -18.22 15.03
C ARG E 87 47.81 -18.96 16.22
N PRO E 88 48.46 -18.23 17.15
CA PRO E 88 49.14 -19.00 18.19
C PRO E 88 48.23 -19.84 19.08
N PHE E 89 47.05 -19.32 19.43
CA PHE E 89 46.17 -20.11 20.28
C PHE E 89 45.55 -21.29 19.53
N THR E 90 45.27 -21.12 18.23
CA THR E 90 44.79 -22.23 17.42
C THR E 90 45.83 -23.36 17.34
N GLU E 91 47.07 -22.99 17.12
CA GLU E 91 48.14 -23.98 17.02
C GLU E 91 48.35 -24.69 18.36
N ARG E 92 48.35 -23.94 19.44
CA ARG E 92 48.48 -24.53 20.78
C ARG E 92 47.31 -25.46 21.08
N ALA E 93 46.10 -25.03 20.73
CA ALA E 93 44.92 -25.89 20.88
C ALA E 93 45.07 -27.19 20.09
N ALA E 94 45.52 -27.09 18.84
CA ALA E 94 45.71 -28.26 17.99
C ALA E 94 46.73 -29.23 18.60
N ARG E 95 47.82 -28.68 19.11
CA ARG E 95 48.88 -29.51 19.68
C ARG E 95 48.43 -30.15 20.98
N ALA E 96 47.40 -29.56 21.61
CA ALA E 96 46.80 -30.14 22.80
C ALA E 96 45.70 -31.15 22.44
N GLY E 97 45.61 -31.52 21.17
CA GLY E 97 44.69 -32.55 20.72
C GLY E 97 43.24 -32.09 20.64
N LYS E 98 43.02 -30.79 20.56
CA LYS E 98 41.65 -30.26 20.52
C LYS E 98 41.25 -29.81 19.11
N HIS E 99 39.98 -30.00 18.78
CA HIS E 99 39.39 -29.38 17.60
C HIS E 99 39.28 -27.88 17.87
N VAL E 100 39.20 -27.07 16.81
CA VAL E 100 39.23 -25.63 17.02
C VAL E 100 38.10 -24.91 16.27
N MET E 101 37.38 -24.06 17.01
CA MET E 101 36.55 -23.02 16.43
C MET E 101 37.31 -21.71 16.56
N CYS E 102 37.57 -21.03 15.45
CA CYS E 102 38.31 -19.77 15.53
C CYS E 102 37.45 -18.65 14.97
N GLU E 103 37.39 -17.53 15.68
CA GLU E 103 36.64 -16.38 15.21
C GLU E 103 37.24 -15.78 13.94
N LYS E 104 36.41 -15.09 13.17
CA LYS E 104 36.86 -14.28 12.04
C LYS E 104 37.44 -12.96 12.54
N PRO E 105 38.30 -12.31 11.73
CA PRO E 105 38.97 -12.91 10.57
C PRO E 105 39.92 -13.99 11.05
N MET E 106 40.16 -15.02 10.25
CA MET E 106 40.92 -16.18 10.69
C MET E 106 42.28 -15.81 11.27
N ALA E 107 43.01 -14.97 10.54
CA ALA E 107 44.34 -14.51 10.97
C ALA E 107 44.71 -13.27 10.19
N ASN E 108 45.89 -12.71 10.45
CA ASN E 108 46.31 -11.47 9.82
C ASN E 108 46.65 -11.60 8.33
N THR E 109 47.14 -12.76 7.93
CA THR E 109 47.67 -12.96 6.59
C THR E 109 47.33 -14.33 6.04
N VAL E 110 47.47 -14.49 4.73
CA VAL E 110 47.33 -15.78 4.08
C VAL E 110 48.28 -16.83 4.69
N ALA E 111 49.54 -16.44 4.88
CA ALA E 111 50.54 -17.34 5.44
C ALA E 111 50.15 -17.85 6.83
N ASP E 112 49.57 -16.97 7.66
CA ASP E 112 49.15 -17.39 8.99
C ASP E 112 47.99 -18.38 8.92
N CYS E 113 47.04 -18.13 8.01
CA CYS E 113 45.95 -19.09 7.81
C CYS E 113 46.49 -20.45 7.36
N GLU E 114 47.46 -20.45 6.44
CA GLU E 114 48.03 -21.71 5.97
C GLU E 114 48.69 -22.48 7.11
N ALA E 115 49.37 -21.75 7.99
CA ALA E 115 50.01 -22.36 9.14
C ALA E 115 48.98 -23.00 10.07
N MET E 116 47.86 -22.33 10.27
CA MET E 116 46.82 -22.84 11.18
C MET E 116 46.20 -24.11 10.61
N ILE E 117 45.90 -24.08 9.31
CA ILE E 117 45.35 -25.23 8.62
C ILE E 117 46.30 -26.44 8.73
N ALA E 118 47.59 -26.18 8.55
CA ALA E 118 48.57 -27.27 8.60
C ALA E 118 48.70 -27.83 10.02
N ALA E 119 48.63 -26.97 11.02
CA ALA E 119 48.71 -27.44 12.41
C ALA E 119 47.51 -28.34 12.77
N CYS E 120 46.31 -27.94 12.36
CA CYS E 120 45.14 -28.76 12.69
C CYS E 120 45.16 -30.07 11.88
N LYS E 121 45.64 -30.01 10.64
CA LYS E 121 45.76 -31.20 9.80
C LYS E 121 46.76 -32.20 10.41
N LYS E 122 47.88 -31.68 10.90
CA LYS E 122 48.90 -32.51 11.52
C LYS E 122 48.36 -33.20 12.77
N ALA E 123 47.49 -32.49 13.49
CA ALA E 123 46.90 -33.01 14.73
C ALA E 123 45.72 -33.93 14.48
N GLY E 124 45.29 -34.04 13.23
CA GLY E 124 44.11 -34.82 12.91
C GLY E 124 42.87 -34.25 13.59
N ARG E 125 42.79 -32.92 13.66
CA ARG E 125 41.67 -32.26 14.31
C ARG E 125 41.00 -31.28 13.34
N LYS E 126 39.72 -31.05 13.56
CA LYS E 126 38.96 -30.17 12.68
C LYS E 126 39.12 -28.70 13.06
N LEU E 127 38.98 -27.85 12.04
CA LEU E 127 39.11 -26.42 12.17
C LEU E 127 37.93 -25.74 11.50
N MET E 128 37.25 -24.90 12.25
CA MET E 128 36.08 -24.17 11.72
C MET E 128 36.20 -22.70 12.05
N ILE E 129 35.81 -21.84 11.11
CA ILE E 129 35.81 -20.41 11.34
C ILE E 129 34.41 -19.92 11.68
N GLY E 130 34.33 -18.94 12.58
CA GLY E 130 33.05 -18.48 13.12
C GLY E 130 32.21 -17.62 12.21
N TYR E 131 31.90 -18.12 11.02
CA TYR E 131 31.02 -17.41 10.09
C TYR E 131 29.57 -17.74 10.38
N ARG E 132 29.05 -17.18 11.47
CA ARG E 132 27.72 -17.52 11.98
C ARG E 132 26.59 -17.23 10.99
N SER E 133 26.81 -16.32 10.06
CA SER E 133 25.75 -15.95 9.11
C SER E 133 25.32 -17.13 8.26
N ARG E 134 26.18 -18.14 8.11
CA ARG E 134 25.84 -19.29 7.30
C ARG E 134 24.79 -20.18 8.00
N PHE E 135 24.50 -19.86 9.25
CA PHE E 135 23.53 -20.59 10.05
C PHE E 135 22.33 -19.73 10.41
N GLN E 136 22.27 -18.55 9.83
CA GLN E 136 21.23 -17.56 10.14
C GLN E 136 20.09 -17.69 9.10
N ALA E 137 18.84 -17.62 9.56
CA ALA E 137 17.71 -18.03 8.73
C ALA E 137 17.58 -17.24 7.42
N HIS E 138 17.69 -15.92 7.50
CA HIS E 138 17.50 -15.08 6.32
C HIS E 138 18.64 -15.29 5.32
N ASN E 139 19.85 -15.48 5.84
CA ASN E 139 21.00 -15.73 4.98
C ASN E 139 20.86 -17.06 4.26
N ILE E 140 20.41 -18.08 4.97
CA ILE E 140 20.19 -19.38 4.35
C ILE E 140 19.14 -19.28 3.24
N GLU E 141 18.13 -18.46 3.48
CA GLU E 141 17.07 -18.28 2.51
C GLU E 141 17.56 -17.57 1.25
N ALA E 142 18.43 -16.57 1.42
CA ALA E 142 18.97 -15.85 0.26
C ALA E 142 19.80 -16.80 -0.61
N ILE E 143 20.62 -17.63 0.04
CA ILE E 143 21.43 -18.60 -0.68
C ILE E 143 20.53 -19.60 -1.42
N LYS E 144 19.45 -20.01 -0.78
CA LYS E 144 18.50 -20.96 -1.36
C LYS E 144 17.81 -20.38 -2.61
N LEU E 145 17.39 -19.12 -2.53
CA LEU E 145 16.78 -18.46 -3.68
C LEU E 145 17.74 -18.43 -4.87
N VAL E 146 19.00 -18.12 -4.61
CA VAL E 146 19.99 -18.12 -5.67
C VAL E 146 20.16 -19.52 -6.26
N ARG E 147 20.39 -20.49 -5.38
CA ARG E 147 20.62 -21.89 -5.79
C ARG E 147 19.45 -22.45 -6.60
N ASP E 148 18.24 -22.11 -6.17
CA ASP E 148 17.02 -22.63 -6.79
C ASP E 148 16.68 -21.93 -8.10
N GLY E 149 17.49 -20.93 -8.47
CA GLY E 149 17.28 -20.24 -9.73
C GLY E 149 16.24 -19.14 -9.72
N ALA E 150 15.83 -18.70 -8.52
CA ALA E 150 14.76 -17.72 -8.42
C ALA E 150 15.14 -16.38 -9.05
N LEU E 151 16.45 -16.11 -9.10
CA LEU E 151 16.93 -14.82 -9.61
C LEU E 151 17.51 -14.93 -11.02
N GLY E 152 17.64 -16.15 -11.51
CA GLY E 152 18.47 -16.38 -12.68
C GLY E 152 19.92 -16.30 -12.24
N PRO E 153 20.86 -16.27 -13.18
CA PRO E 153 22.28 -16.18 -12.83
C PRO E 153 22.57 -14.92 -12.01
N VAL E 154 23.41 -15.02 -10.97
CA VAL E 154 23.75 -13.84 -10.19
C VAL E 154 24.51 -12.85 -11.07
N ARG E 155 24.06 -11.60 -11.10
CA ARG E 155 24.75 -10.57 -11.87
C ARG E 155 25.43 -9.57 -10.95
N THR E 156 24.72 -9.13 -9.90
CA THR E 156 25.31 -8.17 -8.98
C THR E 156 25.07 -8.55 -7.53
N VAL E 157 26.07 -8.28 -6.70
CA VAL E 157 25.91 -8.30 -5.24
C VAL E 157 26.35 -6.94 -4.74
N VAL E 158 25.47 -6.23 -4.06
CA VAL E 158 25.81 -4.94 -3.48
C VAL E 158 25.67 -5.06 -1.98
N THR E 159 26.77 -4.91 -1.26
CA THR E 159 26.76 -5.20 0.17
C THR E 159 27.62 -4.21 0.92
N ASP E 160 27.08 -3.68 2.03
CA ASP E 160 27.75 -2.66 2.82
C ASP E 160 27.80 -3.11 4.27
N HIS E 161 28.99 -3.12 4.86
CA HIS E 161 29.12 -3.41 6.29
C HIS E 161 30.02 -2.39 6.95
N GLY E 162 29.52 -1.78 8.00
CA GLY E 162 30.30 -0.79 8.72
C GLY E 162 29.65 -0.43 10.02
N PHE E 163 30.43 0.10 10.96
CA PHE E 163 29.84 0.73 12.12
C PHE E 163 30.74 1.86 12.56
N THR E 164 30.18 2.81 13.29
CA THR E 164 30.93 3.96 13.78
C THR E 164 31.71 3.56 15.01
N ILE E 165 32.98 3.18 14.82
CA ILE E 165 33.80 2.70 15.93
C ILE E 165 34.15 3.87 16.88
N GLY E 166 34.32 3.54 18.17
CA GLY E 166 34.49 4.56 19.20
C GLY E 166 35.90 4.74 19.76
N ASP E 167 36.16 4.09 20.89
CA ASP E 167 37.41 4.29 21.65
C ASP E 167 38.67 4.03 20.84
N PRO E 168 39.49 5.06 20.62
CA PRO E 168 40.73 4.91 19.84
C PRO E 168 41.73 3.90 20.44
N LYS E 169 41.63 3.64 21.73
CA LYS E 169 42.61 2.79 22.40
C LYS E 169 42.32 1.29 22.31
N GLN E 170 41.20 0.92 21.70
CA GLN E 170 40.78 -0.48 21.68
C GLN E 170 41.63 -1.27 20.70
N TRP E 171 41.69 -2.60 20.88
CA TRP E 171 42.62 -3.39 20.06
C TRP E 171 42.29 -3.35 18.56
N ARG E 172 41.03 -3.14 18.21
CA ARG E 172 40.64 -3.11 16.81
C ARG E 172 41.32 -1.97 16.03
N LEU E 173 41.75 -0.92 16.75
CA LEU E 173 42.38 0.21 16.10
C LEU E 173 43.89 0.21 16.31
N ASN E 174 44.40 -0.94 16.73
CA ASN E 174 45.82 -1.17 16.95
C ASN E 174 46.34 -2.22 15.96
N ARG E 175 47.22 -1.82 15.03
CA ARG E 175 47.61 -2.73 13.95
C ARG E 175 48.23 -4.02 14.47
N ALA E 176 49.04 -3.92 15.52
CA ALA E 176 49.73 -5.11 16.04
C ALA E 176 48.76 -6.18 16.52
N LEU E 177 47.60 -5.77 17.03
CA LEU E 177 46.62 -6.74 17.54
C LEU E 177 45.49 -7.05 16.55
N ALA E 178 45.18 -6.10 15.68
CA ALA E 178 44.03 -6.25 14.77
C ALA E 178 44.40 -6.76 13.38
N GLY E 179 45.62 -6.44 12.92
CA GLY E 179 46.06 -6.86 11.60
C GLY E 179 45.56 -5.99 10.46
N GLY E 180 44.73 -5.01 10.79
CA GLY E 180 44.16 -4.13 9.79
C GLY E 180 42.93 -3.47 10.35
N GLY E 181 42.27 -2.64 9.54
CA GLY E 181 41.15 -1.86 10.01
C GLY E 181 39.79 -2.45 9.71
N SER E 182 38.89 -1.62 9.18
CA SER E 182 37.52 -2.05 9.00
C SER E 182 37.39 -3.33 8.19
N LEU E 183 38.26 -3.52 7.19
CA LEU E 183 38.13 -4.69 6.33
C LEU E 183 38.34 -5.98 7.12
N MET E 184 39.24 -5.95 8.09
CA MET E 184 39.50 -7.16 8.88
C MET E 184 38.32 -7.49 9.77
N ASP E 185 37.65 -6.46 10.27
CA ASP E 185 36.66 -6.67 11.32
C ASP E 185 35.23 -6.79 10.83
N ILE E 186 34.85 -5.92 9.90
CA ILE E 186 33.44 -5.81 9.53
C ILE E 186 33.26 -5.89 8.01
N GLY E 187 34.21 -5.32 7.25
CA GLY E 187 34.17 -5.47 5.81
C GLY E 187 34.23 -6.90 5.35
N ILE E 188 34.80 -7.77 6.18
CA ILE E 188 34.90 -9.18 5.86
C ILE E 188 33.51 -9.81 5.68
N TYR E 189 32.48 -9.28 6.36
CA TYR E 189 31.12 -9.77 6.10
C TYR E 189 30.65 -9.48 4.68
N SER E 190 31.06 -8.33 4.13
CA SER E 190 30.69 -8.02 2.74
C SER E 190 31.35 -9.00 1.79
N LEU E 191 32.65 -9.23 2.02
CA LEU E 191 33.40 -10.18 1.23
C LEU E 191 32.84 -11.59 1.35
N ASN E 192 32.63 -12.03 2.57
CA ASN E 192 32.21 -13.41 2.79
C ASN E 192 30.84 -13.62 2.14
N ALA E 193 29.95 -12.63 2.27
CA ALA E 193 28.62 -12.71 1.66
C ALA E 193 28.71 -12.74 0.12
N ALA E 194 29.57 -11.90 -0.46
CA ALA E 194 29.71 -11.92 -1.91
C ALA E 194 30.10 -13.34 -2.38
N ARG E 195 30.97 -13.97 -1.61
CA ARG E 195 31.42 -15.32 -1.91
C ARG E 195 30.30 -16.37 -1.70
N TYR E 196 29.55 -16.32 -0.60
CA TYR E 196 28.56 -17.40 -0.45
C TYR E 196 27.26 -17.17 -1.24
N LEU E 197 26.98 -15.92 -1.62
CA LEU E 197 25.81 -15.66 -2.46
C LEU E 197 26.07 -16.06 -3.91
N THR E 198 27.27 -15.83 -4.41
CA THR E 198 27.63 -16.28 -5.75
C THR E 198 28.00 -17.75 -5.76
N GLY E 199 28.55 -18.23 -4.65
CA GLY E 199 29.11 -19.57 -4.60
C GLY E 199 30.42 -19.67 -5.39
N GLU E 200 31.03 -18.50 -5.65
CA GLU E 200 32.26 -18.42 -6.45
C GLU E 200 33.41 -17.71 -5.73
N GLU E 201 34.60 -17.80 -6.33
CA GLU E 201 35.78 -17.10 -5.83
C GLU E 201 36.17 -16.01 -6.83
N PRO E 202 36.51 -14.81 -6.35
CA PRO E 202 36.76 -13.72 -7.31
C PRO E 202 38.03 -13.90 -8.12
N VAL E 203 38.03 -13.37 -9.33
CA VAL E 203 39.21 -13.42 -10.20
C VAL E 203 39.84 -12.04 -10.42
N ALA E 204 39.12 -10.99 -10.02
CA ALA E 204 39.69 -9.65 -10.14
C ALA E 204 39.14 -8.78 -9.04
N VAL E 205 39.96 -7.84 -8.59
CA VAL E 205 39.64 -6.99 -7.45
C VAL E 205 40.06 -5.54 -7.71
N ASN E 206 39.15 -4.60 -7.48
CA ASN E 206 39.46 -3.16 -7.39
C ASN E 206 39.23 -2.69 -5.98
N ALA E 207 39.90 -1.63 -5.55
CA ALA E 207 39.61 -1.04 -4.24
C ALA E 207 40.03 0.42 -4.13
N VAL E 208 39.29 1.14 -3.29
CA VAL E 208 39.53 2.54 -2.97
C VAL E 208 39.54 2.66 -1.45
N GLU E 209 40.58 3.30 -0.89
CA GLU E 209 40.60 3.57 0.53
C GLU E 209 40.38 5.05 0.82
N SER E 210 39.69 5.33 1.92
CA SER E 210 39.55 6.71 2.37
C SER E 210 39.64 6.75 3.90
N THR E 211 40.70 7.35 4.42
CA THR E 211 40.89 7.42 5.85
C THR E 211 41.46 8.78 6.25
N ASP E 212 40.83 9.42 7.22
CA ASP E 212 41.33 10.68 7.75
C ASP E 212 42.30 10.38 8.88
N ARG E 213 43.59 10.53 8.58
CA ARG E 213 44.64 10.21 9.54
C ARG E 213 44.74 11.25 10.67
N SER E 214 43.98 12.34 10.57
CA SER E 214 43.92 13.30 11.65
C SER E 214 42.87 12.88 12.70
N ASP E 215 42.06 11.88 12.36
CA ASP E 215 41.09 11.31 13.30
C ASP E 215 41.84 10.45 14.32
N PRO E 216 41.62 10.68 15.63
CA PRO E 216 42.29 9.93 16.71
C PRO E 216 42.14 8.41 16.57
N ARG E 217 41.06 7.97 15.90
CA ARG E 217 40.80 6.56 15.74
C ARG E 217 41.71 5.89 14.71
N PHE E 218 42.21 6.67 13.76
CA PHE E 218 42.75 6.06 12.54
C PHE E 218 44.22 6.36 12.29
N GLY E 219 44.99 6.39 13.37
CA GLY E 219 46.43 6.56 13.23
C GLY E 219 47.12 5.34 12.64
N GLU E 220 46.55 4.16 12.83
CA GLU E 220 47.25 2.92 12.46
C GLU E 220 46.55 2.05 11.42
N VAL E 221 45.21 2.07 11.42
CA VAL E 221 44.48 1.17 10.51
C VAL E 221 43.46 1.96 9.69
N GLU E 222 42.87 1.32 8.69
CA GLU E 222 42.03 2.03 7.74
C GLU E 222 40.59 2.17 8.23
N ASP E 223 39.95 3.25 7.79
CA ASP E 223 38.55 3.52 8.04
C ASP E 223 37.71 2.90 6.92
N ILE E 224 37.65 3.58 5.78
CA ILE E 224 36.88 3.06 4.64
C ILE E 224 37.78 2.41 3.61
N ILE E 225 37.44 1.19 3.22
CA ILE E 225 38.04 0.61 2.03
C ILE E 225 36.94 -0.13 1.27
N ASN E 226 36.55 0.44 0.13
CA ASN E 226 35.48 -0.13 -0.66
C ASN E 226 36.08 -0.92 -1.79
N PHE E 227 35.44 -2.02 -2.19
CA PHE E 227 36.08 -2.86 -3.21
C PHE E 227 35.09 -3.44 -4.18
N GLN E 228 35.61 -3.80 -5.35
CA GLN E 228 34.83 -4.45 -6.40
C GLN E 228 35.39 -5.83 -6.66
N LEU E 229 34.49 -6.78 -6.89
CA LEU E 229 34.87 -8.15 -7.23
C LEU E 229 34.26 -8.59 -8.55
N LEU E 230 35.06 -9.25 -9.37
CA LEU E 230 34.56 -9.92 -10.58
C LEU E 230 34.73 -11.42 -10.36
N PHE E 231 33.71 -12.19 -10.72
CA PHE E 231 33.73 -13.65 -10.56
C PHE E 231 33.77 -14.33 -11.93
N PRO E 232 34.17 -15.62 -11.99
CA PRO E 232 34.31 -16.29 -13.29
C PRO E 232 33.02 -16.37 -14.12
N SER E 233 31.86 -16.45 -13.47
CA SER E 233 30.58 -16.52 -14.16
C SER E 233 30.19 -15.20 -14.83
N GLY E 234 30.88 -14.13 -14.45
CA GLY E 234 30.52 -12.79 -14.88
C GLY E 234 29.81 -12.02 -13.77
N ALA E 235 29.48 -12.69 -12.67
CA ALA E 235 28.89 -12.01 -11.52
C ALA E 235 29.83 -10.95 -11.00
N THR E 236 29.26 -9.85 -10.48
CA THR E 236 30.05 -8.75 -9.93
C THR E 236 29.60 -8.43 -8.52
N ALA E 237 30.48 -7.81 -7.74
CA ALA E 237 30.11 -7.33 -6.41
C ALA E 237 30.68 -5.94 -6.16
N ASN E 238 29.86 -5.06 -5.59
CA ASN E 238 30.33 -3.77 -5.08
C ASN E 238 30.19 -3.83 -3.58
N CYS E 239 31.28 -3.61 -2.86
CA CYS E 239 31.27 -3.79 -1.41
C CYS E 239 31.77 -2.57 -0.66
N VAL E 240 31.10 -2.24 0.45
CA VAL E 240 31.60 -1.22 1.38
C VAL E 240 32.09 -1.87 2.68
N SER E 241 33.24 -1.37 3.17
CA SER E 241 33.79 -1.67 4.49
C SER E 241 34.08 -0.34 5.18
N ALA E 242 33.53 -0.13 6.37
CA ALA E 242 33.70 1.19 6.99
C ALA E 242 33.75 1.16 8.51
N TYR E 243 34.53 2.07 9.08
CA TYR E 243 34.57 2.30 10.53
C TYR E 243 33.96 3.67 10.89
N SER E 244 33.40 4.38 9.92
CA SER E 244 32.87 5.73 10.18
C SER E 244 31.41 5.94 9.75
N VAL E 245 30.76 4.89 9.27
CA VAL E 245 29.32 4.91 9.01
C VAL E 245 28.70 3.60 9.46
N ASN E 246 27.38 3.62 9.66
CA ASN E 246 26.66 2.40 10.01
C ASN E 246 25.92 1.82 8.83
N CYS E 247 26.25 0.58 8.48
CA CYS E 247 25.54 -0.16 7.45
C CYS E 247 25.68 -1.65 7.68
N ASN E 248 24.66 -2.39 7.27
CA ASN E 248 24.71 -3.85 7.39
C ASN E 248 23.67 -4.44 6.47
N ARG E 249 24.05 -4.75 5.24
CA ARG E 249 23.05 -5.14 4.27
C ARG E 249 23.67 -5.79 3.07
N TYR E 250 22.88 -6.58 2.36
CA TYR E 250 23.23 -6.93 1.00
C TYR E 250 22.01 -7.10 0.14
N ARG E 251 22.17 -6.86 -1.15
CA ARG E 251 21.19 -7.25 -2.14
C ARG E 251 21.88 -8.07 -3.21
N VAL E 252 21.31 -9.21 -3.55
CA VAL E 252 21.83 -9.99 -4.68
C VAL E 252 20.77 -10.00 -5.78
N SER E 253 21.20 -9.73 -7.02
CA SER E 253 20.27 -9.52 -8.13
C SER E 253 20.65 -10.31 -9.36
N GLY E 254 19.64 -10.80 -10.07
CA GLY E 254 19.82 -11.49 -11.34
C GLY E 254 18.72 -11.02 -12.30
N PRO E 255 18.69 -11.57 -13.53
CA PRO E 255 17.74 -11.08 -14.53
C PRO E 255 16.28 -11.29 -14.14
N LYS E 256 16.01 -12.23 -13.23
CA LYS E 256 14.63 -12.58 -12.87
C LYS E 256 14.14 -11.84 -11.63
N GLY E 257 15.04 -11.21 -10.90
CA GLY E 257 14.63 -10.51 -9.70
C GLY E 257 15.74 -10.40 -8.69
N TRP E 258 15.41 -9.94 -7.49
CA TRP E 258 16.45 -9.77 -6.49
C TRP E 258 15.96 -10.04 -5.08
N VAL E 259 16.91 -10.21 -4.17
CA VAL E 259 16.55 -10.36 -2.77
C VAL E 259 17.58 -9.62 -1.91
N GLU E 260 17.11 -8.96 -0.85
CA GLU E 260 17.99 -8.21 0.01
C GLU E 260 17.66 -8.45 1.48
N ILE E 261 18.66 -8.23 2.33
CA ILE E 261 18.48 -8.33 3.79
C ILE E 261 19.13 -7.11 4.42
N ASP E 262 18.41 -6.43 5.31
CA ASP E 262 18.89 -5.22 5.96
C ASP E 262 18.12 -5.06 7.28
N PRO E 263 18.78 -5.30 8.43
CA PRO E 263 20.18 -5.73 8.58
C PRO E 263 20.39 -7.17 8.14
N ALA E 264 21.59 -7.46 7.63
CA ALA E 264 21.87 -8.76 7.02
C ALA E 264 22.57 -9.73 7.96
N THR E 265 23.56 -9.24 8.69
CA THR E 265 24.45 -10.14 9.44
C THR E 265 24.57 -9.68 10.89
N SER E 266 23.54 -9.02 11.38
CA SER E 266 23.48 -8.61 12.77
C SER E 266 23.21 -9.81 13.68
N TYR E 267 23.32 -9.60 14.98
CA TYR E 267 23.04 -10.64 15.96
C TYR E 267 21.58 -11.06 15.87
N GLN E 268 20.71 -10.07 15.67
CA GLN E 268 19.30 -10.33 15.45
C GLN E 268 18.69 -9.20 14.63
N GLY E 269 17.41 -9.32 14.32
CA GLY E 269 16.66 -8.23 13.71
C GLY E 269 16.66 -8.21 12.19
N GLN E 270 17.21 -9.25 11.57
CA GLN E 270 17.21 -9.39 10.11
C GLN E 270 15.83 -9.19 9.51
N ALA E 271 15.79 -8.50 8.38
CA ALA E 271 14.55 -8.28 7.63
C ALA E 271 14.86 -8.44 6.16
N MET E 272 14.07 -9.27 5.47
CA MET E 272 14.30 -9.58 4.06
C MET E 272 13.21 -9.00 3.16
N ARG E 273 13.63 -8.45 2.02
CA ARG E 273 12.69 -7.98 1.00
C ARG E 273 13.10 -8.58 -0.33
N ALA E 274 12.13 -9.00 -1.14
CA ALA E 274 12.48 -9.62 -2.41
C ALA E 274 11.62 -9.04 -3.53
N GLN E 275 12.20 -8.97 -4.72
CA GLN E 275 11.48 -8.52 -5.89
C GLN E 275 11.50 -9.68 -6.88
N LEU E 276 10.39 -10.41 -6.93
CA LEU E 276 10.31 -11.62 -7.74
C LEU E 276 9.02 -11.63 -8.55
N GLY E 277 9.07 -11.12 -9.77
CA GLY E 277 7.88 -11.07 -10.61
C GLY E 277 7.06 -9.81 -10.42
N GLY E 278 6.84 -9.41 -9.17
CA GLY E 278 6.08 -8.22 -8.88
C GLY E 278 6.88 -7.21 -8.07
N PRO E 279 6.21 -6.19 -7.53
CA PRO E 279 6.86 -5.17 -6.70
C PRO E 279 7.62 -5.81 -5.54
N PRO E 280 8.65 -5.12 -5.01
CA PRO E 280 9.35 -5.61 -3.82
C PRO E 280 8.35 -5.90 -2.71
N ALA E 281 8.54 -7.02 -2.02
CA ALA E 281 7.63 -7.36 -0.93
C ALA E 281 8.42 -8.05 0.17
N PRO E 282 7.93 -7.97 1.41
CA PRO E 282 8.59 -8.68 2.51
C PRO E 282 8.62 -10.18 2.25
N ARG E 283 9.66 -10.85 2.73
CA ARG E 283 9.72 -12.30 2.67
C ARG E 283 10.18 -12.86 4.00
N GLU E 284 9.42 -13.81 4.54
CA GLU E 284 9.85 -14.52 5.72
CA GLU E 284 9.84 -14.53 5.74
C GLU E 284 10.61 -15.79 5.33
N PRO E 285 11.81 -15.97 5.88
CA PRO E 285 12.60 -17.14 5.50
C PRO E 285 12.05 -18.42 6.12
N ALA E 286 12.40 -19.56 5.54
CA ALA E 286 12.12 -20.84 6.16
C ALA E 286 12.70 -20.83 7.57
N PRO E 287 11.94 -21.35 8.54
CA PRO E 287 12.40 -21.33 9.94
C PRO E 287 13.59 -22.26 10.19
N GLN E 288 14.44 -21.86 11.12
CA GLN E 288 15.56 -22.68 11.56
C GLN E 288 15.31 -23.17 12.99
N PRO E 289 15.73 -24.41 13.30
CA PRO E 289 15.56 -25.03 14.62
C PRO E 289 16.22 -24.24 15.74
N LYS E 290 17.42 -23.72 15.47
CA LYS E 290 18.22 -23.01 16.46
C LYS E 290 18.68 -21.65 15.93
N ASN E 291 18.93 -20.73 16.86
CA ASN E 291 19.51 -19.44 16.53
C ASN E 291 20.91 -19.63 15.93
N GLN E 292 21.42 -18.61 15.25
CA GLN E 292 22.66 -18.76 14.50
C GLN E 292 23.88 -19.13 15.36
N PHE E 293 23.92 -18.67 16.61
CA PHE E 293 25.07 -18.95 17.48
C PHE E 293 25.09 -20.41 17.93
N SER E 294 23.98 -20.88 18.49
CA SER E 294 23.86 -22.27 18.88
C SER E 294 24.03 -23.20 17.69
N ALA E 295 23.48 -22.83 16.54
CA ALA E 295 23.63 -23.62 15.33
C ALA E 295 25.09 -23.71 14.92
N GLN E 296 25.81 -22.60 15.03
CA GLN E 296 27.24 -22.59 14.69
C GLN E 296 28.01 -23.54 15.60
N LEU E 297 27.78 -23.38 16.91
CA LEU E 297 28.40 -24.26 17.90
C LEU E 297 28.12 -25.73 17.62
N ASP E 298 26.85 -26.06 17.40
CA ASP E 298 26.47 -27.45 17.18
C ASP E 298 27.01 -27.97 15.85
N HIS E 299 27.23 -27.09 14.88
CA HIS E 299 27.71 -27.57 13.60
C HIS E 299 29.07 -28.25 13.70
N LEU E 300 29.98 -27.63 14.45
CA LEU E 300 31.32 -28.21 14.61
C LEU E 300 31.21 -29.53 15.38
N SER E 301 30.44 -29.52 16.47
CA SER E 301 30.23 -30.74 17.24
C SER E 301 29.69 -31.87 16.38
N GLU E 302 28.67 -31.56 15.58
CA GLU E 302 28.07 -32.57 14.71
C GLU E 302 29.03 -33.10 13.67
N CYS E 303 29.85 -32.21 13.10
CA CYS E 303 30.90 -32.64 12.17
C CYS E 303 31.89 -33.61 12.83
N ILE E 304 32.27 -33.32 14.06
CA ILE E 304 33.19 -34.21 14.78
C ILE E 304 32.51 -35.55 15.07
N LEU E 305 31.26 -35.51 15.52
CA LEU E 305 30.52 -36.73 15.81
C LEU E 305 30.32 -37.62 14.58
N THR E 306 30.17 -37.02 13.41
CA THR E 306 29.86 -37.76 12.18
C THR E 306 31.02 -37.92 11.19
N GLY E 307 32.16 -37.31 11.48
CA GLY E 307 33.31 -37.39 10.59
C GLY E 307 33.10 -36.64 9.29
N ARG E 308 32.43 -35.49 9.36
CA ARG E 308 32.21 -34.66 8.18
C ARG E 308 32.98 -33.35 8.31
N GLU E 309 33.16 -32.66 7.18
CA GLU E 309 33.92 -31.40 7.19
C GLU E 309 32.98 -30.22 7.40
N PRO E 310 33.38 -29.25 8.23
CA PRO E 310 32.56 -28.05 8.43
C PRO E 310 32.29 -27.34 7.12
N ILE E 311 31.12 -26.72 6.99
CA ILE E 311 30.81 -25.99 5.76
C ILE E 311 31.64 -24.72 5.68
N VAL E 312 32.11 -24.24 6.83
CA VAL E 312 33.00 -23.08 6.90
C VAL E 312 34.31 -23.47 7.59
N GLY E 313 35.11 -24.30 6.93
CA GLY E 313 36.36 -24.74 7.49
C GLY E 313 37.45 -23.70 7.36
N GLY E 314 38.67 -24.06 7.76
CA GLY E 314 39.79 -23.16 7.67
C GLY E 314 40.02 -22.65 6.25
N ASP E 315 39.72 -23.46 5.24
CA ASP E 315 39.92 -23.01 3.87
C ASP E 315 38.99 -21.86 3.50
N ASP E 316 37.83 -21.77 4.15
CA ASP E 316 36.94 -20.64 3.91
C ASP E 316 37.57 -19.36 4.45
N GLY E 317 38.15 -19.45 5.64
CA GLY E 317 38.82 -18.33 6.25
C GLY E 317 40.02 -17.90 5.41
N LEU E 318 40.73 -18.89 4.87
CA LEU E 318 41.89 -18.61 4.03
C LEU E 318 41.49 -17.91 2.73
N LYS E 319 40.39 -18.38 2.13
CA LYS E 319 39.92 -17.80 0.87
C LYS E 319 39.57 -16.33 1.07
N ASP E 320 38.99 -15.98 2.22
CA ASP E 320 38.77 -14.56 2.55
C ASP E 320 40.09 -13.79 2.69
N LEU E 321 41.08 -14.36 3.38
CA LEU E 321 42.33 -13.62 3.59
C LEU E 321 43.04 -13.41 2.24
N ARG E 322 42.91 -14.36 1.32
CA ARG E 322 43.50 -14.21 -0.02
C ARG E 322 42.93 -12.98 -0.72
N VAL E 323 41.62 -12.84 -0.64
CA VAL E 323 40.98 -11.67 -1.27
C VAL E 323 41.29 -10.40 -0.49
N ILE E 324 41.32 -10.49 0.84
CA ILE E 324 41.67 -9.31 1.65
C ILE E 324 43.05 -8.78 1.28
N GLU E 325 44.01 -9.68 1.06
CA GLU E 325 45.34 -9.23 0.66
C GLU E 325 45.26 -8.52 -0.69
N ALA E 326 44.45 -9.04 -1.58
CA ALA E 326 44.28 -8.44 -2.91
C ALA E 326 43.61 -7.07 -2.84
N ILE E 327 42.63 -6.96 -1.95
CA ILE E 327 41.93 -5.71 -1.77
C ILE E 327 42.88 -4.62 -1.25
N TYR E 328 43.64 -4.94 -0.21
CA TYR E 328 44.62 -3.97 0.29
C TYR E 328 45.62 -3.59 -0.80
N ARG E 329 46.04 -4.57 -1.59
CA ARG E 329 47.03 -4.29 -2.64
C ARG E 329 46.42 -3.41 -3.74
N ALA E 330 45.19 -3.71 -4.13
CA ALA E 330 44.53 -2.93 -5.17
C ALA E 330 44.36 -1.45 -4.77
N ALA E 331 44.06 -1.21 -3.50
CA ALA E 331 43.92 0.17 -3.03
C ALA E 331 45.27 0.88 -2.98
N ARG E 332 46.29 0.12 -2.61
CA ARG E 332 47.64 0.68 -2.48
C ARG E 332 48.22 1.02 -3.86
N GLU E 333 48.05 0.12 -4.83
CA GLU E 333 48.67 0.27 -6.14
C GLU E 333 47.79 0.96 -7.18
N GLY E 334 46.52 1.14 -6.86
CA GLY E 334 45.58 1.77 -7.77
C GLY E 334 45.44 1.01 -9.08
N ARG E 335 45.25 -0.30 -8.96
CA ARG E 335 45.09 -1.13 -10.16
C ARG E 335 44.21 -2.32 -9.84
N THR E 336 43.71 -2.96 -10.89
CA THR E 336 42.94 -4.18 -10.74
C THR E 336 43.88 -5.33 -10.44
N VAL E 337 43.67 -5.99 -9.32
CA VAL E 337 44.52 -7.12 -8.94
C VAL E 337 43.86 -8.42 -9.38
N LYS E 338 44.62 -9.25 -10.09
CA LYS E 338 44.10 -10.52 -10.60
C LYS E 338 44.35 -11.65 -9.62
N LEU E 339 43.37 -12.55 -9.51
CA LEU E 339 43.44 -13.71 -8.63
C LEU E 339 43.12 -15.00 -9.37
N ARG F 5 -23.96 41.31 -16.28
CA ARG F 5 -22.73 40.54 -16.41
C ARG F 5 -22.73 39.33 -15.47
N LYS F 6 -23.25 39.50 -14.25
CA LYS F 6 -23.47 38.36 -13.36
C LYS F 6 -24.94 38.23 -13.00
N LEU F 7 -25.49 37.05 -13.26
CA LEU F 7 -26.87 36.76 -12.89
C LEU F 7 -26.93 36.24 -11.46
N GLY F 8 -27.99 36.59 -10.74
CA GLY F 8 -28.10 36.26 -9.34
C GLY F 8 -28.85 34.96 -9.12
N TYR F 9 -28.23 34.07 -8.34
CA TYR F 9 -28.83 32.79 -7.95
C TYR F 9 -29.46 32.83 -6.57
N ALA F 10 -30.65 32.26 -6.45
CA ALA F 10 -31.16 31.87 -5.14
C ALA F 10 -30.96 30.38 -4.99
N ILE F 11 -30.29 29.98 -3.91
CA ILE F 11 -30.09 28.56 -3.64
C ILE F 11 -31.20 28.08 -2.71
N LEU F 12 -31.93 27.06 -3.15
CA LEU F 12 -33.08 26.58 -2.40
C LEU F 12 -32.86 25.16 -1.92
N GLY F 13 -32.89 24.99 -0.60
CA GLY F 13 -32.63 23.71 0.04
C GLY F 13 -31.17 23.63 0.46
N LEU F 14 -30.88 24.01 1.69
CA LEU F 14 -29.50 24.16 2.13
C LEU F 14 -28.99 22.89 2.81
N GLY F 15 -28.87 21.82 2.03
CA GLY F 15 -28.31 20.57 2.52
C GLY F 15 -26.86 20.37 2.11
N TYR F 16 -26.43 19.12 2.02
CA TYR F 16 -25.03 18.80 1.76
C TYR F 16 -24.57 19.35 0.42
N TYR F 17 -25.30 19.02 -0.65
CA TYR F 17 -24.85 19.42 -1.97
C TYR F 17 -24.83 20.94 -2.11
N ALA F 18 -25.90 21.59 -1.65
CA ALA F 18 -26.00 23.03 -1.76
C ALA F 18 -24.86 23.73 -1.02
N THR F 19 -24.65 23.34 0.23
CA THR F 19 -23.74 24.09 1.11
C THR F 19 -22.28 23.66 0.98
N ARG F 20 -22.03 22.38 0.77
CA ARG F 20 -20.65 21.89 0.74
C ARG F 20 -20.04 21.93 -0.65
N ILE F 21 -20.87 21.77 -1.68
CA ILE F 21 -20.36 21.60 -3.03
C ILE F 21 -20.66 22.82 -3.93
N ILE F 22 -21.92 23.27 -3.95
CA ILE F 22 -22.29 24.30 -4.91
C ILE F 22 -21.95 25.73 -4.45
N MET F 23 -22.38 26.11 -3.25
CA MET F 23 -22.24 27.51 -2.83
C MET F 23 -20.78 28.01 -2.81
N PRO F 24 -19.82 27.17 -2.37
CA PRO F 24 -18.43 27.64 -2.45
C PRO F 24 -17.93 27.91 -3.88
N ARG F 25 -18.63 27.40 -4.89
CA ARG F 25 -18.09 27.49 -6.25
C ARG F 25 -18.58 28.71 -7.03
N PHE F 26 -19.35 29.59 -6.39
CA PHE F 26 -19.66 30.85 -7.04
C PHE F 26 -18.40 31.71 -7.17
N ALA F 27 -17.43 31.42 -6.29
CA ALA F 27 -16.15 32.12 -6.30
C ALA F 27 -15.45 32.07 -7.66
N GLU F 28 -15.57 30.95 -8.37
CA GLU F 28 -14.88 30.82 -9.65
C GLU F 28 -15.76 31.12 -10.86
N CYS F 29 -17.00 31.54 -10.62
CA CYS F 29 -17.89 31.92 -11.71
C CYS F 29 -17.57 33.29 -12.28
N GLU F 30 -17.84 33.45 -13.56
CA GLU F 30 -17.65 34.71 -14.25
C GLU F 30 -18.96 35.44 -14.55
N HIS F 31 -20.06 34.69 -14.54
CA HIS F 31 -21.35 35.26 -14.94
C HIS F 31 -22.48 34.93 -13.97
N SER F 32 -22.11 34.46 -12.78
CA SER F 32 -23.10 34.09 -11.77
C SER F 32 -22.66 34.56 -10.41
N ARG F 33 -23.62 34.98 -9.59
CA ARG F 33 -23.31 35.30 -8.21
C ARG F 33 -24.40 34.75 -7.28
N LEU F 34 -24.03 34.51 -6.04
CA LEU F 34 -25.00 34.10 -5.03
C LEU F 34 -25.77 35.32 -4.54
N ALA F 35 -27.10 35.31 -4.73
CA ALA F 35 -27.90 36.50 -4.43
C ALA F 35 -28.91 36.27 -3.30
N ALA F 36 -29.35 35.03 -3.13
CA ALA F 36 -30.38 34.77 -2.13
C ALA F 36 -30.35 33.33 -1.62
N LEU F 37 -30.98 33.11 -0.47
CA LEU F 37 -31.07 31.79 0.15
C LEU F 37 -32.51 31.45 0.47
N VAL F 38 -32.90 30.19 0.22
CA VAL F 38 -34.24 29.74 0.54
C VAL F 38 -34.15 28.44 1.33
N SER F 39 -34.72 28.43 2.54
CA SER F 39 -34.55 27.29 3.44
C SER F 39 -35.73 27.10 4.37
N GLY F 40 -35.99 25.83 4.70
CA GLY F 40 -37.00 25.51 5.70
C GLY F 40 -36.45 25.52 7.12
N THR F 41 -35.17 25.87 7.25
CA THR F 41 -34.51 25.88 8.55
C THR F 41 -33.96 27.27 8.88
N PRO F 42 -34.69 28.03 9.72
CA PRO F 42 -34.31 29.40 10.09
C PRO F 42 -32.84 29.53 10.47
N GLU F 43 -32.33 28.60 11.26
CA GLU F 43 -30.94 28.64 11.70
C GLU F 43 -29.98 28.64 10.52
N LYS F 44 -30.30 27.86 9.48
CA LYS F 44 -29.45 27.82 8.29
C LYS F 44 -29.43 29.16 7.56
N LEU F 45 -30.59 29.81 7.48
CA LEU F 45 -30.66 31.13 6.86
C LEU F 45 -29.72 32.12 7.54
N LYS F 46 -29.67 32.07 8.87
CA LYS F 46 -28.79 32.96 9.64
C LYS F 46 -27.31 32.61 9.43
N THR F 47 -26.98 31.34 9.66
CA THR F 47 -25.60 30.88 9.51
C THR F 47 -25.02 31.17 8.13
N TYR F 48 -25.75 30.80 7.08
CA TYR F 48 -25.24 30.95 5.71
C TYR F 48 -25.46 32.36 5.19
N GLY F 49 -26.49 33.03 5.69
CA GLY F 49 -26.71 34.41 5.33
C GLY F 49 -25.53 35.25 5.79
N GLU F 50 -25.10 35.01 7.02
CA GLU F 50 -23.98 35.76 7.59
C GLU F 50 -22.67 35.35 6.95
N GLN F 51 -22.50 34.06 6.68
CA GLN F 51 -21.29 33.54 6.07
C GLN F 51 -21.06 34.10 4.66
N TYR F 52 -22.13 34.25 3.88
CA TYR F 52 -22.00 34.66 2.50
C TYR F 52 -22.43 36.11 2.25
N GLY F 53 -22.76 36.82 3.32
CA GLY F 53 -23.12 38.22 3.22
C GLY F 53 -24.41 38.43 2.47
N ILE F 54 -25.37 37.53 2.69
CA ILE F 54 -26.70 37.67 2.11
C ILE F 54 -27.60 38.38 3.11
N PRO F 55 -28.10 39.58 2.75
CA PRO F 55 -28.93 40.35 3.67
C PRO F 55 -30.25 39.66 3.98
N GLU F 56 -30.86 39.99 5.12
CA GLU F 56 -32.10 39.36 5.54
C GLU F 56 -33.24 39.58 4.54
N THR F 57 -33.15 40.63 3.73
CA THR F 57 -34.15 40.88 2.69
C THR F 57 -34.07 39.80 1.61
N HIS F 58 -32.94 39.10 1.55
CA HIS F 58 -32.69 38.11 0.51
C HIS F 58 -32.68 36.70 1.09
N ARG F 59 -33.30 36.54 2.24
CA ARG F 59 -33.45 35.24 2.86
C ARG F 59 -34.93 34.87 2.89
N TYR F 60 -35.24 33.66 2.45
CA TYR F 60 -36.63 33.24 2.36
C TYR F 60 -36.81 31.90 3.05
N SER F 61 -37.96 31.72 3.69
CA SER F 61 -38.38 30.40 4.14
C SER F 61 -39.17 29.78 3.00
N TYR F 62 -39.58 28.52 3.13
CA TYR F 62 -40.44 27.95 2.09
C TYR F 62 -41.80 28.62 2.12
N GLU F 63 -42.20 29.12 3.30
CA GLU F 63 -43.43 29.90 3.47
C GLU F 63 -43.43 31.22 2.70
N THR F 64 -42.30 31.91 2.69
CA THR F 64 -42.25 33.22 2.06
C THR F 64 -41.64 33.21 0.66
N PHE F 65 -41.25 32.03 0.18
CA PHE F 65 -40.52 31.90 -1.09
C PHE F 65 -41.17 32.61 -2.28
N ASP F 66 -42.49 32.59 -2.38
CA ASP F 66 -43.14 33.14 -3.56
C ASP F 66 -42.94 34.65 -3.68
N ARG F 67 -42.59 35.29 -2.56
CA ARG F 67 -42.34 36.73 -2.56
C ARG F 67 -41.08 37.10 -3.33
N ILE F 68 -40.32 36.08 -3.70
CA ILE F 68 -39.08 36.30 -4.45
C ILE F 68 -39.35 36.92 -5.82
N ILE F 69 -40.60 36.88 -6.27
CA ILE F 69 -41.01 37.52 -7.51
C ILE F 69 -40.67 39.01 -7.49
N ASP F 70 -40.70 39.60 -6.29
CA ASP F 70 -40.44 41.03 -6.13
C ASP F 70 -38.97 41.37 -5.90
N ASN F 71 -38.10 40.36 -6.01
CA ASN F 71 -36.67 40.57 -5.82
C ASN F 71 -35.94 40.54 -7.16
N PRO F 72 -35.54 41.72 -7.66
CA PRO F 72 -34.89 41.80 -8.99
C PRO F 72 -33.44 41.34 -8.98
N ASP F 73 -32.86 41.13 -7.80
CA ASP F 73 -31.50 40.62 -7.71
C ASP F 73 -31.44 39.11 -7.98
N VAL F 74 -32.59 38.45 -7.93
CA VAL F 74 -32.65 37.01 -8.19
C VAL F 74 -33.12 36.76 -9.62
N ASP F 75 -32.24 36.16 -10.43
CA ASP F 75 -32.59 35.79 -11.79
C ASP F 75 -32.93 34.30 -11.90
N ILE F 76 -32.27 33.52 -11.06
CA ILE F 76 -32.32 32.05 -11.14
C ILE F 76 -32.54 31.42 -9.79
N VAL F 77 -33.44 30.44 -9.72
CA VAL F 77 -33.55 29.62 -8.52
C VAL F 77 -32.95 28.24 -8.79
N TYR F 78 -32.04 27.80 -7.93
CA TYR F 78 -31.42 26.48 -8.02
C TYR F 78 -32.06 25.58 -6.98
N VAL F 79 -32.87 24.62 -7.43
CA VAL F 79 -33.60 23.72 -6.55
C VAL F 79 -32.74 22.51 -6.18
N ILE F 80 -32.37 22.40 -4.91
CA ILE F 80 -31.49 21.34 -4.44
C ILE F 80 -32.11 20.63 -3.25
N THR F 81 -33.33 20.14 -3.45
CA THR F 81 -34.12 19.45 -2.43
C THR F 81 -34.18 17.94 -2.70
N PRO F 82 -34.77 17.16 -1.77
CA PRO F 82 -35.13 15.79 -2.14
C PRO F 82 -35.93 15.75 -3.45
N ASN F 83 -35.86 14.62 -4.16
CA ASN F 83 -36.39 14.51 -5.51
C ASN F 83 -37.87 14.88 -5.66
N SER F 84 -38.71 14.43 -4.74
CA SER F 84 -40.15 14.67 -4.88
C SER F 84 -40.52 16.14 -4.72
N LEU F 85 -39.59 16.96 -4.22
CA LEU F 85 -39.87 18.38 -4.06
C LEU F 85 -39.37 19.20 -5.26
N HIS F 86 -38.71 18.56 -6.21
CA HIS F 86 -38.22 19.28 -7.39
C HIS F 86 -39.37 19.92 -8.16
N ARG F 87 -40.45 19.18 -8.40
CA ARG F 87 -41.54 19.73 -9.20
C ARG F 87 -42.20 20.96 -8.54
N PRO F 88 -42.65 20.86 -7.28
CA PRO F 88 -43.39 22.03 -6.78
C PRO F 88 -42.50 23.28 -6.61
N PHE F 89 -41.24 23.12 -6.21
CA PHE F 89 -40.39 24.29 -6.09
C PHE F 89 -40.01 24.87 -7.46
N THR F 90 -39.85 24.01 -8.46
CA THR F 90 -39.60 24.50 -9.82
C THR F 90 -40.80 25.31 -10.34
N GLU F 91 -42.01 24.80 -10.12
CA GLU F 91 -43.21 25.49 -10.57
C GLU F 91 -43.38 26.82 -9.85
N ARG F 92 -43.15 26.83 -8.55
CA ARG F 92 -43.25 28.07 -7.78
C ARG F 92 -42.19 29.07 -8.26
N ALA F 93 -40.99 28.59 -8.57
CA ALA F 93 -39.93 29.48 -9.05
C ALA F 93 -40.32 30.10 -10.40
N ALA F 94 -40.85 29.27 -11.30
CA ALA F 94 -41.30 29.73 -12.61
C ALA F 94 -42.42 30.77 -12.48
N ARG F 95 -43.38 30.49 -11.61
CA ARG F 95 -44.49 31.43 -11.40
C ARG F 95 -44.00 32.73 -10.77
N ALA F 96 -42.86 32.68 -10.09
CA ALA F 96 -42.23 33.89 -9.55
C ALA F 96 -41.33 34.57 -10.59
N GLY F 97 -41.44 34.15 -11.84
CA GLY F 97 -40.72 34.76 -12.94
C GLY F 97 -39.22 34.49 -12.95
N LYS F 98 -38.80 33.40 -12.33
CA LYS F 98 -37.38 33.06 -12.29
C LYS F 98 -37.02 31.92 -13.24
N HIS F 99 -35.81 31.99 -13.80
CA HIS F 99 -35.22 30.86 -14.48
C HIS F 99 -34.89 29.80 -13.44
N VAL F 100 -34.77 28.54 -13.86
CA VAL F 100 -34.58 27.48 -12.89
C VAL F 100 -33.43 26.53 -13.25
N MET F 101 -32.56 26.27 -12.27
CA MET F 101 -31.63 25.16 -12.32
C MET F 101 -32.18 24.10 -11.37
N CYS F 102 -32.35 22.87 -11.84
CA CYS F 102 -32.91 21.85 -10.96
C CYS F 102 -31.96 20.67 -10.91
N GLU F 103 -31.71 20.17 -9.71
CA GLU F 103 -30.84 19.01 -9.58
C GLU F 103 -31.47 17.78 -10.20
N LYS F 104 -30.61 16.82 -10.54
CA LYS F 104 -31.05 15.51 -10.97
C LYS F 104 -31.45 14.68 -9.75
N PRO F 105 -32.29 13.65 -9.94
CA PRO F 105 -33.09 13.40 -11.14
C PRO F 105 -34.13 14.52 -11.24
N MET F 106 -34.58 14.85 -12.43
CA MET F 106 -35.43 16.03 -12.62
C MET F 106 -36.69 15.97 -11.77
N ALA F 107 -37.38 14.85 -11.83
CA ALA F 107 -38.55 14.64 -10.98
C ALA F 107 -38.83 13.14 -10.84
N ASN F 108 -39.90 12.77 -10.14
CA ASN F 108 -40.19 11.36 -9.89
C ASN F 108 -40.67 10.60 -11.13
N THR F 109 -41.34 11.32 -12.03
CA THR F 109 -42.00 10.69 -13.18
C THR F 109 -41.90 11.53 -14.44
N VAL F 110 -42.18 10.90 -15.57
CA VAL F 110 -42.31 11.59 -16.84
C VAL F 110 -43.33 12.73 -16.76
N ALA F 111 -44.49 12.44 -16.18
CA ALA F 111 -45.56 13.45 -16.08
C ALA F 111 -45.09 14.66 -15.28
N ASP F 112 -44.38 14.42 -14.18
CA ASP F 112 -43.89 15.53 -13.37
C ASP F 112 -42.86 16.38 -14.12
N CYS F 113 -41.99 15.73 -14.90
CA CYS F 113 -41.05 16.45 -15.77
C CYS F 113 -41.80 17.32 -16.77
N GLU F 114 -42.84 16.76 -17.38
CA GLU F 114 -43.62 17.50 -18.36
C GLU F 114 -44.28 18.73 -17.73
N ALA F 115 -44.77 18.58 -16.49
CA ALA F 115 -45.39 19.71 -15.81
C ALA F 115 -44.38 20.83 -15.54
N MET F 116 -43.16 20.43 -15.19
CA MET F 116 -42.10 21.41 -14.94
C MET F 116 -41.73 22.16 -16.21
N ILE F 117 -41.60 21.43 -17.29
CA ILE F 117 -41.26 22.01 -18.59
C ILE F 117 -42.36 23.00 -19.00
N ALA F 118 -43.62 22.60 -18.82
CA ALA F 118 -44.75 23.44 -19.19
C ALA F 118 -44.78 24.75 -18.37
N ALA F 119 -44.51 24.66 -17.07
CA ALA F 119 -44.50 25.85 -16.22
C ALA F 119 -43.43 26.84 -16.64
N CYS F 120 -42.23 26.33 -16.93
CA CYS F 120 -41.15 27.24 -17.31
C CYS F 120 -41.43 27.84 -18.69
N LYS F 121 -42.02 27.05 -19.58
CA LYS F 121 -42.41 27.56 -20.89
C LYS F 121 -43.46 28.67 -20.77
N LYS F 122 -44.45 28.45 -19.92
CA LYS F 122 -45.51 29.44 -19.70
C LYS F 122 -44.93 30.74 -19.15
N ALA F 123 -43.93 30.61 -18.30
CA ALA F 123 -43.28 31.75 -17.68
C ALA F 123 -42.30 32.44 -18.62
N GLY F 124 -41.96 31.78 -19.73
CA GLY F 124 -40.95 32.29 -20.64
C GLY F 124 -39.59 32.34 -19.95
N ARG F 125 -39.31 31.33 -19.13
CA ARG F 125 -38.06 31.23 -18.42
C ARG F 125 -37.35 29.94 -18.79
N LYS F 126 -36.03 29.93 -18.64
CA LYS F 126 -35.25 28.77 -19.03
C LYS F 126 -35.18 27.75 -17.89
N LEU F 127 -34.97 26.49 -18.25
CA LEU F 127 -34.90 25.40 -17.28
C LEU F 127 -33.68 24.56 -17.60
N MET F 128 -32.85 24.29 -16.60
CA MET F 128 -31.66 23.48 -16.83
C MET F 128 -31.53 22.44 -15.73
N ILE F 129 -31.11 21.23 -16.10
CA ILE F 129 -30.92 20.17 -15.10
C ILE F 129 -29.43 20.06 -14.76
N GLY F 130 -29.11 19.82 -13.49
CA GLY F 130 -27.72 19.82 -13.03
C GLY F 130 -26.88 18.61 -13.40
N TYR F 131 -26.74 18.35 -14.70
CA TYR F 131 -25.83 17.31 -15.17
C TYR F 131 -24.42 17.87 -15.33
N ARG F 132 -23.76 18.09 -14.20
CA ARG F 132 -22.45 18.74 -14.16
C ARG F 132 -21.38 18.00 -14.96
N SER F 133 -21.54 16.69 -15.12
CA SER F 133 -20.51 15.91 -15.83
C SER F 133 -20.31 16.39 -17.27
N ARG F 134 -21.33 17.04 -17.85
CA ARG F 134 -21.21 17.58 -19.20
C ARG F 134 -20.26 18.78 -19.26
N PHE F 135 -19.82 19.26 -18.09
CA PHE F 135 -18.90 20.39 -18.02
C PHE F 135 -17.54 19.96 -17.46
N GLN F 136 -17.38 18.66 -17.24
CA GLN F 136 -16.19 18.13 -16.60
C GLN F 136 -15.18 17.70 -17.68
N ALA F 137 -13.90 18.02 -17.48
CA ALA F 137 -12.92 17.91 -18.57
C ALA F 137 -12.77 16.51 -19.17
N HIS F 138 -12.70 15.49 -18.33
CA HIS F 138 -12.48 14.15 -18.85
C HIS F 138 -13.72 13.66 -19.60
N ASN F 139 -14.89 13.97 -19.07
CA ASN F 139 -16.13 13.62 -19.77
C ASN F 139 -16.22 14.29 -21.14
N ILE F 140 -15.91 15.58 -21.20
CA ILE F 140 -15.88 16.30 -22.47
C ILE F 140 -14.91 15.64 -23.46
N GLU F 141 -13.76 15.24 -22.96
CA GLU F 141 -12.75 14.58 -23.81
C GLU F 141 -13.24 13.23 -24.34
N ALA F 142 -13.95 12.46 -23.51
CA ALA F 142 -14.49 11.17 -23.99
C ALA F 142 -15.52 11.40 -25.09
N ILE F 143 -16.40 12.37 -24.90
CA ILE F 143 -17.38 12.70 -25.92
C ILE F 143 -16.68 13.13 -27.20
N LYS F 144 -15.62 13.93 -27.07
CA LYS F 144 -14.89 14.40 -28.25
C LYS F 144 -14.23 13.24 -28.99
N LEU F 145 -13.64 12.29 -28.25
CA LEU F 145 -13.03 11.13 -28.89
C LEU F 145 -14.06 10.33 -29.68
N VAL F 146 -15.25 10.15 -29.13
CA VAL F 146 -16.31 9.46 -29.85
C VAL F 146 -16.69 10.25 -31.11
N ARG F 147 -16.98 11.53 -30.93
CA ARG F 147 -17.39 12.43 -32.01
C ARG F 147 -16.38 12.49 -33.16
N ASP F 148 -15.09 12.49 -32.82
CA ASP F 148 -14.04 12.61 -33.82
C ASP F 148 -13.75 11.29 -34.51
N GLY F 149 -14.43 10.22 -34.09
CA GLY F 149 -14.27 8.94 -34.75
C GLY F 149 -13.07 8.11 -34.30
N ALA F 150 -12.49 8.48 -33.16
CA ALA F 150 -11.31 7.80 -32.68
C ALA F 150 -11.56 6.35 -32.34
N LEU F 151 -12.82 6.03 -32.02
CA LEU F 151 -13.17 4.67 -31.61
C LEU F 151 -13.77 3.86 -32.74
N GLY F 152 -14.12 4.52 -33.83
CA GLY F 152 -15.04 3.95 -34.80
C GLY F 152 -16.45 4.11 -34.25
N PRO F 153 -17.43 3.44 -34.88
CA PRO F 153 -18.80 3.50 -34.35
C PRO F 153 -18.85 2.96 -32.92
N VAL F 154 -19.60 3.60 -32.03
CA VAL F 154 -19.70 3.09 -30.68
C VAL F 154 -20.40 1.74 -30.69
N ARG F 155 -19.77 0.75 -30.08
CA ARG F 155 -20.37 -0.59 -29.98
C ARG F 155 -20.88 -0.91 -28.57
N THR F 156 -20.07 -0.60 -27.56
CA THR F 156 -20.46 -0.85 -26.17
C THR F 156 -20.15 0.33 -25.27
N VAL F 157 -21.05 0.56 -24.32
CA VAL F 157 -20.78 1.42 -23.17
C VAL F 157 -21.01 0.56 -21.96
N VAL F 158 -19.98 0.42 -21.13
CA VAL F 158 -20.13 -0.33 -19.89
C VAL F 158 -19.91 0.66 -18.76
N THR F 159 -20.94 0.89 -17.97
CA THR F 159 -20.84 1.94 -16.97
C THR F 159 -21.50 1.50 -15.66
N ASP F 160 -20.79 1.71 -14.56
CA ASP F 160 -21.23 1.29 -13.22
C ASP F 160 -21.25 2.48 -12.27
N HIS F 161 -22.38 2.74 -11.63
CA HIS F 161 -22.45 3.80 -10.63
C HIS F 161 -23.14 3.29 -9.39
N GLY F 162 -22.48 3.44 -8.25
CA GLY F 162 -23.06 2.96 -7.01
C GLY F 162 -22.32 3.52 -5.81
N PHE F 163 -22.98 3.60 -4.67
CA PHE F 163 -22.24 3.80 -3.44
C PHE F 163 -22.94 3.06 -2.31
N THR F 164 -22.19 2.75 -1.26
CA THR F 164 -22.72 2.00 -0.14
C THR F 164 -23.47 2.96 0.78
N ILE F 165 -24.77 3.07 0.58
CA ILE F 165 -25.55 4.06 1.32
C ILE F 165 -25.69 3.66 2.79
N GLY F 166 -25.91 4.65 3.64
CA GLY F 166 -25.82 4.46 5.07
C GLY F 166 -27.14 4.49 5.81
N ASP F 167 -27.39 5.60 6.51
CA ASP F 167 -28.53 5.72 7.43
C ASP F 167 -29.87 5.39 6.78
N PRO F 168 -30.57 4.38 7.30
CA PRO F 168 -31.87 3.99 6.74
C PRO F 168 -32.92 5.09 6.81
N LYS F 169 -32.74 6.08 7.69
CA LYS F 169 -33.77 7.10 7.88
C LYS F 169 -33.68 8.28 6.90
N GLN F 170 -32.64 8.30 6.07
CA GLN F 170 -32.43 9.45 5.19
C GLN F 170 -33.42 9.47 4.04
N TRP F 171 -33.63 10.65 3.44
CA TRP F 171 -34.72 10.79 2.47
C TRP F 171 -34.51 9.94 1.22
N ARG F 172 -33.26 9.66 0.86
CA ARG F 172 -32.99 8.83 -0.31
C ARG F 172 -33.57 7.41 -0.20
N LEU F 173 -33.85 6.96 1.02
CA LEU F 173 -34.36 5.60 1.23
C LEU F 173 -35.84 5.63 1.62
N ASN F 174 -36.46 6.78 1.42
CA ASN F 174 -37.89 7.01 1.69
C ASN F 174 -38.60 7.22 0.35
N ARG F 175 -39.50 6.33 -0.05
CA ARG F 175 -40.07 6.44 -1.40
C ARG F 175 -40.80 7.76 -1.61
N ALA F 176 -41.51 8.22 -0.57
CA ALA F 176 -42.30 9.45 -0.72
C ALA F 176 -41.43 10.65 -1.10
N LEU F 177 -40.17 10.67 -0.62
CA LEU F 177 -39.30 11.81 -0.88
C LEU F 177 -38.32 11.58 -2.03
N ALA F 178 -37.99 10.32 -2.28
CA ALA F 178 -36.92 9.99 -3.24
C ALA F 178 -37.46 9.58 -4.60
N GLY F 179 -38.67 9.03 -4.63
CA GLY F 179 -39.30 8.59 -5.86
C GLY F 179 -38.81 7.25 -6.39
N GLY F 180 -37.81 6.70 -5.72
CA GLY F 180 -37.21 5.43 -6.13
C GLY F 180 -35.85 5.29 -5.46
N GLY F 181 -35.17 4.18 -5.74
CA GLY F 181 -33.90 3.87 -5.08
C GLY F 181 -32.65 4.28 -5.84
N SER F 182 -31.70 3.36 -5.95
CA SER F 182 -30.41 3.71 -6.52
C SER F 182 -30.52 4.31 -7.93
N LEU F 183 -31.47 3.84 -8.73
CA LEU F 183 -31.59 4.33 -10.09
C LEU F 183 -31.90 5.83 -10.12
N MET F 184 -32.72 6.30 -9.19
CA MET F 184 -33.06 7.71 -9.16
C MET F 184 -31.86 8.57 -8.78
N ASP F 185 -31.01 8.05 -7.90
CA ASP F 185 -29.96 8.85 -7.30
C ASP F 185 -28.61 8.77 -7.98
N ILE F 186 -28.19 7.55 -8.27
CA ILE F 186 -26.82 7.32 -8.70
C ILE F 186 -26.79 6.55 -10.03
N GLY F 187 -27.72 5.62 -10.21
CA GLY F 187 -27.82 4.93 -11.48
C GLY F 187 -28.08 5.85 -12.65
N ILE F 188 -28.72 6.98 -12.40
CA ILE F 188 -29.01 7.94 -13.44
C ILE F 188 -27.72 8.42 -14.12
N TYR F 189 -26.59 8.42 -13.38
CA TYR F 189 -25.31 8.79 -14.02
C TYR F 189 -24.91 7.77 -15.08
N SER F 190 -25.19 6.49 -14.84
CA SER F 190 -24.91 5.47 -15.85
C SER F 190 -25.76 5.70 -17.11
N LEU F 191 -27.04 5.93 -16.88
CA LEU F 191 -27.97 6.20 -17.97
C LEU F 191 -27.60 7.46 -18.74
N ASN F 192 -27.35 8.55 -18.03
CA ASN F 192 -27.07 9.83 -18.66
C ASN F 192 -25.79 9.72 -19.51
N ALA F 193 -24.79 9.02 -18.97
CA ALA F 193 -23.53 8.82 -19.70
C ALA F 193 -23.73 7.96 -20.96
N ALA F 194 -24.50 6.88 -20.85
CA ALA F 194 -24.74 6.06 -22.03
C ALA F 194 -25.35 6.92 -23.14
N ARG F 195 -26.24 7.84 -22.75
CA ARG F 195 -26.89 8.74 -23.71
C ARG F 195 -25.89 9.77 -24.28
N TYR F 196 -25.05 10.39 -23.45
CA TYR F 196 -24.20 11.43 -24.04
C TYR F 196 -22.96 10.86 -24.72
N LEU F 197 -22.57 9.65 -24.39
CA LEU F 197 -21.45 9.03 -25.07
C LEU F 197 -21.86 8.51 -26.44
N THR F 198 -23.06 7.94 -26.56
CA THR F 198 -23.56 7.51 -27.86
C THR F 198 -24.09 8.69 -28.65
N GLY F 199 -24.61 9.69 -27.94
CA GLY F 199 -25.35 10.77 -28.55
C GLY F 199 -26.70 10.29 -29.09
N GLU F 200 -27.19 9.18 -28.55
CA GLU F 200 -28.45 8.58 -29.00
C GLU F 200 -29.45 8.37 -27.87
N GLU F 201 -30.68 8.05 -28.26
CA GLU F 201 -31.72 7.67 -27.29
C GLU F 201 -32.04 6.19 -27.47
N PRO F 202 -32.21 5.47 -26.35
CA PRO F 202 -32.40 4.02 -26.48
C PRO F 202 -33.74 3.62 -27.09
N VAL F 203 -33.76 2.48 -27.77
CA VAL F 203 -35.01 1.95 -28.34
C VAL F 203 -35.44 0.65 -27.66
N ALA F 204 -34.58 0.06 -26.84
CA ALA F 204 -34.95 -1.15 -26.10
C ALA F 204 -34.21 -1.20 -24.78
N VAL F 205 -34.87 -1.72 -23.76
CA VAL F 205 -34.37 -1.73 -22.39
C VAL F 205 -34.62 -3.09 -21.74
N ASN F 206 -33.58 -3.68 -21.15
CA ASN F 206 -33.72 -4.80 -20.21
C ASN F 206 -33.30 -4.36 -18.82
N ALA F 207 -33.80 -5.04 -17.79
CA ALA F 207 -33.31 -4.75 -16.45
C ALA F 207 -33.52 -5.92 -15.51
N VAL F 208 -32.66 -6.01 -14.49
CA VAL F 208 -32.84 -6.95 -13.41
C VAL F 208 -32.61 -6.21 -12.08
N GLU F 209 -33.51 -6.42 -11.14
CA GLU F 209 -33.38 -5.82 -9.83
C GLU F 209 -32.96 -6.87 -8.80
N SER F 210 -32.15 -6.46 -7.82
CA SER F 210 -31.78 -7.32 -6.73
C SER F 210 -31.71 -6.52 -5.43
N THR F 211 -32.67 -6.75 -4.53
CA THR F 211 -32.73 -6.02 -3.28
C THR F 211 -33.04 -6.96 -2.11
N ASP F 212 -32.23 -6.92 -1.05
CA ASP F 212 -32.49 -7.71 0.15
C ASP F 212 -33.45 -6.93 1.06
N ARG F 213 -34.71 -7.35 1.11
CA ARG F 213 -35.73 -6.60 1.83
C ARG F 213 -35.62 -6.79 3.34
N SER F 214 -34.71 -7.67 3.78
CA SER F 214 -34.43 -7.81 5.20
C SER F 214 -33.39 -6.78 5.65
N ASP F 215 -32.76 -6.12 4.69
CA ASP F 215 -31.81 -5.06 4.99
C ASP F 215 -32.59 -3.84 5.46
N PRO F 216 -32.24 -3.29 6.63
CA PRO F 216 -32.99 -2.14 7.15
C PRO F 216 -32.98 -0.91 6.24
N ARG F 217 -32.05 -0.83 5.29
CA ARG F 217 -32.03 0.28 4.34
C ARG F 217 -33.10 0.20 3.26
N PHE F 218 -33.54 -1.00 2.94
CA PHE F 218 -34.24 -1.22 1.68
C PHE F 218 -35.66 -1.74 1.86
N GLY F 219 -36.37 -1.18 2.83
CA GLY F 219 -37.76 -1.56 2.99
C GLY F 219 -38.64 -0.93 1.91
N GLU F 220 -38.20 0.21 1.36
CA GLU F 220 -39.06 0.98 0.47
C GLU F 220 -38.56 1.14 -0.97
N VAL F 221 -37.25 1.21 -1.16
CA VAL F 221 -36.71 1.49 -2.49
C VAL F 221 -35.65 0.44 -2.86
N GLU F 222 -35.25 0.42 -4.13
CA GLU F 222 -34.40 -0.66 -4.62
C GLU F 222 -32.92 -0.40 -4.37
N ASP F 223 -32.18 -1.49 -4.19
CA ASP F 223 -30.74 -1.45 -4.02
C ASP F 223 -30.08 -1.54 -5.40
N ILE F 224 -30.03 -2.73 -5.97
CA ILE F 224 -29.43 -2.92 -7.30
C ILE F 224 -30.47 -2.98 -8.38
N ILE F 225 -30.31 -2.17 -9.42
CA ILE F 225 -31.11 -2.40 -10.62
C ILE F 225 -30.19 -2.15 -11.80
N ASN F 226 -29.79 -3.25 -12.42
CA ASN F 226 -28.86 -3.17 -13.55
C ASN F 226 -29.64 -3.19 -14.83
N PHE F 227 -29.17 -2.51 -15.86
CA PHE F 227 -29.98 -2.44 -17.07
C PHE F 227 -29.15 -2.47 -18.35
N GLN F 228 -29.81 -2.88 -19.44
CA GLN F 228 -29.17 -2.91 -20.75
C GLN F 228 -29.92 -1.96 -21.66
N LEU F 229 -29.18 -1.24 -22.51
CA LEU F 229 -29.80 -0.38 -23.50
C LEU F 229 -29.35 -0.76 -24.89
N LEU F 230 -30.27 -0.69 -25.83
CA LEU F 230 -29.94 -0.81 -27.26
C LEU F 230 -30.31 0.50 -27.94
N PHE F 231 -29.45 0.99 -28.84
CA PHE F 231 -29.64 2.27 -29.53
C PHE F 231 -29.83 2.02 -31.04
N PRO F 232 -30.42 3.01 -31.75
CA PRO F 232 -30.71 2.81 -33.19
C PRO F 232 -29.50 2.44 -34.05
N SER F 233 -28.32 2.97 -33.72
CA SER F 233 -27.11 2.67 -34.47
C SER F 233 -26.61 1.24 -34.30
N GLY F 234 -27.11 0.56 -33.27
CA GLY F 234 -26.62 -0.75 -32.91
C GLY F 234 -25.75 -0.69 -31.66
N ALA F 235 -25.40 0.51 -31.21
CA ALA F 235 -24.65 0.65 -29.97
C ALA F 235 -25.43 0.03 -28.80
N THR F 236 -24.69 -0.52 -27.84
CA THR F 236 -25.30 -1.17 -26.69
C THR F 236 -24.70 -0.57 -25.41
N ALA F 237 -25.45 -0.65 -24.31
CA ALA F 237 -24.90 -0.27 -23.02
C ALA F 237 -25.27 -1.31 -21.97
N ASN F 238 -24.31 -1.63 -21.12
CA ASN F 238 -24.52 -2.45 -19.94
C ASN F 238 -24.29 -1.56 -18.73
N CYS F 239 -25.29 -1.41 -17.86
CA CYS F 239 -25.23 -0.41 -16.79
C CYS F 239 -25.51 -0.99 -15.41
N VAL F 240 -24.71 -0.59 -14.43
CA VAL F 240 -24.96 -0.95 -13.03
C VAL F 240 -25.48 0.27 -12.26
N SER F 241 -26.50 0.02 -11.42
CA SER F 241 -26.99 1.02 -10.47
C SER F 241 -27.08 0.33 -9.12
N ALA F 242 -26.42 0.87 -8.10
CA ALA F 242 -26.35 0.12 -6.83
C ALA F 242 -26.27 1.00 -5.59
N TYR F 243 -26.87 0.50 -4.51
CA TYR F 243 -26.75 1.16 -3.21
C TYR F 243 -25.94 0.29 -2.23
N SER F 244 -25.36 -0.80 -2.71
CA SER F 244 -24.66 -1.72 -1.80
C SER F 244 -23.21 -2.02 -2.20
N VAL F 245 -22.75 -1.38 -3.27
CA VAL F 245 -21.32 -1.41 -3.66
C VAL F 245 -20.87 -0.03 -4.08
N ASN F 246 -19.56 0.18 -4.09
CA ASN F 246 -18.99 1.44 -4.57
C ASN F 246 -18.39 1.27 -5.96
N CYS F 247 -18.88 2.07 -6.90
CA CYS F 247 -18.35 2.11 -8.25
C CYS F 247 -18.68 3.44 -8.91
N ASN F 248 -17.79 3.89 -9.78
CA ASN F 248 -18.06 5.12 -10.51
C ASN F 248 -17.17 5.13 -11.74
N ARG F 249 -17.69 4.65 -12.87
CA ARG F 249 -16.83 4.51 -14.04
C ARG F 249 -17.62 4.29 -15.31
N TYR F 250 -16.99 4.57 -16.44
CA TYR F 250 -17.49 4.03 -17.69
C TYR F 250 -16.35 3.76 -18.66
N ARG F 251 -16.57 2.80 -19.55
CA ARG F 251 -15.72 2.60 -20.71
C ARG F 251 -16.58 2.60 -21.96
N VAL F 252 -16.19 3.38 -22.96
CA VAL F 252 -16.90 3.32 -24.24
C VAL F 252 -15.93 2.76 -25.29
N SER F 253 -16.41 1.78 -26.05
CA SER F 253 -15.56 1.02 -26.97
C SER F 253 -16.14 0.94 -28.37
N GLY F 254 -15.25 0.96 -29.36
CA GLY F 254 -15.61 0.71 -30.74
C GLY F 254 -14.52 -0.15 -31.36
N PRO F 255 -14.65 -0.47 -32.65
CA PRO F 255 -13.70 -1.36 -33.34
C PRO F 255 -12.26 -0.81 -33.38
N LYS F 256 -12.09 0.51 -33.24
CA LYS F 256 -10.75 1.10 -33.30
C LYS F 256 -10.09 1.28 -31.94
N GLY F 257 -10.85 1.13 -30.87
CA GLY F 257 -10.27 1.26 -29.54
C GLY F 257 -11.29 1.68 -28.51
N TRP F 258 -10.82 2.07 -27.34
CA TRP F 258 -11.73 2.42 -26.26
C TRP F 258 -11.13 3.47 -25.35
N VAL F 259 -12.00 4.12 -24.58
CA VAL F 259 -11.57 5.10 -23.59
C VAL F 259 -12.42 4.90 -22.35
N GLU F 260 -11.80 5.00 -21.18
CA GLU F 260 -12.55 4.84 -19.95
C GLU F 260 -12.17 5.91 -18.94
N ILE F 261 -13.07 6.18 -18.01
CA ILE F 261 -12.78 7.10 -16.92
C ILE F 261 -13.19 6.44 -15.62
N ASP F 262 -12.31 6.44 -14.62
CA ASP F 262 -12.56 5.80 -13.33
C ASP F 262 -11.68 6.49 -12.29
N PRO F 263 -12.28 7.29 -11.40
CA PRO F 263 -13.72 7.60 -11.31
C PRO F 263 -14.18 8.50 -12.45
N ALA F 264 -15.45 8.41 -12.84
CA ALA F 264 -15.93 9.11 -14.03
C ALA F 264 -16.70 10.40 -13.73
N THR F 265 -17.56 10.36 -12.73
CA THR F 265 -18.50 11.45 -12.52
C THR F 265 -18.44 11.95 -11.08
N SER F 266 -17.30 11.72 -10.44
CA SER F 266 -17.01 12.21 -9.09
C SER F 266 -16.86 13.73 -9.05
N TYR F 267 -16.82 14.31 -7.86
CA TYR F 267 -16.62 15.75 -7.72
C TYR F 267 -15.23 16.15 -8.21
N GLN F 268 -14.28 15.25 -8.00
CA GLN F 268 -12.90 15.44 -8.45
C GLN F 268 -12.20 14.10 -8.61
N GLY F 269 -10.97 14.13 -9.12
CA GLY F 269 -10.14 12.93 -9.16
C GLY F 269 -10.30 12.04 -10.37
N GLN F 270 -11.03 12.51 -11.39
CA GLN F 270 -11.17 11.76 -12.62
C GLN F 270 -9.83 11.31 -13.18
N ALA F 271 -9.79 10.07 -13.66
CA ALA F 271 -8.59 9.54 -14.29
C ALA F 271 -9.01 8.80 -15.55
N MET F 272 -8.38 9.12 -16.68
CA MET F 272 -8.80 8.54 -17.95
C MET F 272 -7.71 7.64 -18.49
N ARG F 273 -8.11 6.49 -19.05
CA ARG F 273 -7.19 5.56 -19.71
C ARG F 273 -7.77 5.21 -21.07
N ALA F 274 -6.92 5.05 -22.08
CA ALA F 274 -7.44 4.79 -23.42
C ALA F 274 -6.58 3.77 -24.13
N GLN F 275 -7.23 3.02 -25.02
CA GLN F 275 -6.52 2.03 -25.82
C GLN F 275 -6.79 2.42 -27.26
N LEU F 276 -5.81 3.12 -27.85
CA LEU F 276 -6.01 3.70 -29.17
C LEU F 276 -4.77 3.48 -30.04
N GLY F 277 -4.74 2.36 -30.75
CA GLY F 277 -3.63 2.04 -31.63
C GLY F 277 -2.45 1.37 -30.94
N GLY F 278 -2.52 1.27 -29.62
CA GLY F 278 -1.48 0.60 -28.85
C GLY F 278 -2.05 0.14 -27.52
N PRO F 279 -1.18 -0.33 -26.62
CA PRO F 279 -1.60 -0.77 -25.29
C PRO F 279 -2.33 0.32 -24.51
N PRO F 280 -3.20 -0.06 -23.58
CA PRO F 280 -3.86 0.92 -22.72
C PRO F 280 -2.85 1.85 -22.06
N ALA F 281 -3.16 3.14 -22.04
CA ALA F 281 -2.27 4.14 -21.48
C ALA F 281 -3.08 5.30 -20.90
N PRO F 282 -2.53 6.01 -19.92
CA PRO F 282 -3.22 7.22 -19.45
C PRO F 282 -3.45 8.22 -20.56
N ARG F 283 -4.52 8.98 -20.47
CA ARG F 283 -4.74 10.08 -21.37
C ARG F 283 -5.19 11.29 -20.59
N GLU F 284 -4.55 12.43 -20.85
CA GLU F 284 -4.97 13.71 -20.29
C GLU F 284 -6.00 14.37 -21.20
N PRO F 285 -7.04 14.95 -20.61
CA PRO F 285 -8.04 15.67 -21.40
C PRO F 285 -7.58 17.09 -21.69
N ALA F 286 -8.16 17.70 -22.71
CA ALA F 286 -7.98 19.13 -22.92
C ALA F 286 -8.39 19.88 -21.67
N PRO F 287 -7.66 20.94 -21.33
CA PRO F 287 -8.02 21.68 -20.12
C PRO F 287 -9.32 22.47 -20.29
N GLN F 288 -10.04 22.63 -19.19
CA GLN F 288 -11.21 23.50 -19.15
C GLN F 288 -10.90 24.72 -18.32
N PRO F 289 -11.46 25.88 -18.69
CA PRO F 289 -11.17 27.11 -17.94
C PRO F 289 -11.74 27.14 -16.52
N LYS F 290 -12.83 26.41 -16.27
CA LYS F 290 -13.45 26.42 -14.94
C LYS F 290 -13.81 25.00 -14.51
N ASN F 291 -13.84 24.78 -13.20
CA ASN F 291 -14.29 23.51 -12.63
C ASN F 291 -15.74 23.22 -13.06
N GLN F 292 -16.16 21.96 -12.95
CA GLN F 292 -17.44 21.54 -13.50
C GLN F 292 -18.63 22.25 -12.84
N PHE F 293 -18.48 22.61 -11.58
CA PHE F 293 -19.59 23.21 -10.86
C PHE F 293 -19.81 24.66 -11.30
N SER F 294 -18.74 25.45 -11.27
CA SER F 294 -18.82 26.83 -11.74
C SER F 294 -19.20 26.89 -13.21
N ALA F 295 -18.73 25.94 -13.99
CA ALA F 295 -19.04 25.90 -15.41
C ALA F 295 -20.54 25.66 -15.62
N GLN F 296 -21.09 24.74 -14.84
CA GLN F 296 -22.53 24.46 -14.90
C GLN F 296 -23.35 25.71 -14.56
N LEU F 297 -23.01 26.33 -13.44
CA LEU F 297 -23.68 27.57 -13.01
C LEU F 297 -23.58 28.64 -14.09
N ASP F 298 -22.39 28.87 -14.62
CA ASP F 298 -22.23 29.89 -15.65
C ASP F 298 -22.91 29.55 -16.96
N HIS F 299 -23.06 28.25 -17.26
CA HIS F 299 -23.71 27.87 -18.50
C HIS F 299 -25.14 28.40 -18.57
N LEU F 300 -25.90 28.23 -17.49
CA LEU F 300 -27.29 28.72 -17.48
C LEU F 300 -27.29 30.24 -17.60
N SER F 301 -26.48 30.91 -16.79
CA SER F 301 -26.40 32.36 -16.86
C SER F 301 -26.07 32.85 -18.27
N GLU F 302 -25.11 32.19 -18.92
CA GLU F 302 -24.70 32.61 -20.24
C GLU F 302 -25.79 32.33 -21.27
N CYS F 303 -26.53 31.24 -21.09
CA CYS F 303 -27.67 30.99 -21.96
C CYS F 303 -28.72 32.09 -21.84
N ILE F 304 -28.95 32.56 -20.63
CA ILE F 304 -29.93 33.62 -20.43
C ILE F 304 -29.44 34.92 -21.05
N LEU F 305 -28.17 35.25 -20.80
CA LEU F 305 -27.58 36.47 -21.34
C LEU F 305 -27.57 36.49 -22.87
N THR F 306 -27.40 35.32 -23.49
CA THR F 306 -27.24 35.26 -24.95
C THR F 306 -28.49 34.79 -25.68
N GLY F 307 -29.50 34.37 -24.94
CA GLY F 307 -30.72 33.88 -25.56
C GLY F 307 -30.50 32.57 -26.29
N ARG F 308 -29.83 31.64 -25.62
CA ARG F 308 -29.61 30.31 -26.17
C ARG F 308 -30.19 29.25 -25.23
N GLU F 309 -30.33 28.03 -25.73
CA GLU F 309 -30.88 26.94 -24.92
C GLU F 309 -29.77 26.15 -24.23
N PRO F 310 -29.97 25.79 -22.96
CA PRO F 310 -28.99 24.99 -22.22
C PRO F 310 -28.72 23.66 -22.90
N ILE F 311 -27.49 23.18 -22.84
CA ILE F 311 -27.18 21.91 -23.48
C ILE F 311 -27.82 20.77 -22.71
N VAL F 312 -28.09 20.98 -21.43
CA VAL F 312 -28.81 20.00 -20.62
C VAL F 312 -30.10 20.62 -20.08
N GLY F 313 -31.06 20.85 -20.97
CA GLY F 313 -32.32 21.47 -20.59
C GLY F 313 -33.29 20.49 -19.99
N GLY F 314 -34.50 20.96 -19.69
CA GLY F 314 -35.52 20.09 -19.12
C GLY F 314 -35.80 18.89 -20.00
N ASP F 315 -35.66 19.05 -21.32
CA ASP F 315 -35.85 17.92 -22.22
C ASP F 315 -34.85 16.78 -21.97
N ASP F 316 -33.63 17.11 -21.56
CA ASP F 316 -32.64 16.08 -21.23
C ASP F 316 -33.08 15.30 -19.99
N GLY F 317 -33.55 16.03 -18.98
CA GLY F 317 -34.02 15.39 -17.76
C GLY F 317 -35.22 14.49 -18.03
N LEU F 318 -36.11 14.97 -18.90
CA LEU F 318 -37.30 14.21 -19.29
C LEU F 318 -36.91 12.92 -20.03
N LYS F 319 -35.94 13.02 -20.94
CA LYS F 319 -35.49 11.85 -21.65
C LYS F 319 -34.93 10.79 -20.69
N ASP F 320 -34.25 11.21 -19.63
CA ASP F 320 -33.77 10.25 -18.64
C ASP F 320 -34.96 9.61 -17.91
N LEU F 321 -35.95 10.41 -17.54
CA LEU F 321 -37.07 9.84 -16.79
C LEU F 321 -37.85 8.86 -17.65
N ARG F 322 -37.94 9.12 -18.96
CA ARG F 322 -38.58 8.18 -19.87
C ARG F 322 -37.91 6.83 -19.82
N VAL F 323 -36.58 6.82 -19.85
CA VAL F 323 -35.88 5.56 -19.81
C VAL F 323 -35.97 4.95 -18.42
N ILE F 324 -35.92 5.78 -17.38
CA ILE F 324 -36.02 5.27 -16.02
C ILE F 324 -37.36 4.53 -15.82
N GLU F 325 -38.45 5.10 -16.34
CA GLU F 325 -39.73 4.39 -16.24
C GLU F 325 -39.67 3.05 -16.95
N ALA F 326 -39.00 3.01 -18.10
CA ALA F 326 -38.85 1.76 -18.84
C ALA F 326 -38.00 0.73 -18.12
N ILE F 327 -36.94 1.19 -17.46
CA ILE F 327 -36.05 0.31 -16.71
C ILE F 327 -36.81 -0.34 -15.57
N TYR F 328 -37.55 0.46 -14.81
CA TYR F 328 -38.33 -0.09 -13.71
C TYR F 328 -39.35 -1.09 -14.26
N ARG F 329 -39.97 -0.76 -15.38
CA ARG F 329 -40.98 -1.65 -15.97
C ARG F 329 -40.36 -2.96 -16.47
N ALA F 330 -39.19 -2.85 -17.10
CA ALA F 330 -38.52 -4.04 -17.62
C ALA F 330 -38.15 -5.01 -16.50
N ALA F 331 -37.72 -4.47 -15.36
CA ALA F 331 -37.38 -5.32 -14.21
C ALA F 331 -38.64 -5.92 -13.59
N ARG F 332 -39.71 -5.13 -13.55
CA ARG F 332 -40.96 -5.57 -12.94
C ARG F 332 -41.64 -6.66 -13.78
N GLU F 333 -41.62 -6.49 -15.09
CA GLU F 333 -42.29 -7.40 -16.00
C GLU F 333 -41.40 -8.52 -16.56
N GLY F 334 -40.09 -8.43 -16.34
CA GLY F 334 -39.20 -9.45 -16.87
C GLY F 334 -39.24 -9.56 -18.38
N ARG F 335 -39.20 -8.41 -19.05
CA ARG F 335 -39.19 -8.41 -20.50
C ARG F 335 -38.48 -7.18 -21.05
N THR F 336 -38.15 -7.24 -22.32
CA THR F 336 -37.52 -6.11 -23.00
C THR F 336 -38.59 -5.06 -23.27
N VAL F 337 -38.37 -3.84 -22.81
CA VAL F 337 -39.33 -2.77 -23.04
C VAL F 337 -38.88 -1.92 -24.22
N LYS F 338 -39.80 -1.63 -25.14
CA LYS F 338 -39.44 -0.90 -26.35
C LYS F 338 -39.79 0.57 -26.20
N LEU F 339 -38.89 1.44 -26.68
CA LEU F 339 -39.07 2.87 -26.63
C LEU F 339 -38.97 3.48 -28.03
#